data_6BHR
# 
_entry.id   6BHR 
# 
_audit_conform.dict_name       mmcif_pdbx.dic 
_audit_conform.dict_version    5.379 
_audit_conform.dict_location   http://mmcif.pdb.org/dictionaries/ascii/mmcif_pdbx.dic 
# 
loop_
_database_2.database_id 
_database_2.database_code 
_database_2.pdbx_database_accession 
_database_2.pdbx_DOI 
PDB   6BHR         pdb_00006bhr 10.2210/pdb6bhr/pdb 
WWPDB D_1000230520 ?            ?                   
# 
_pdbx_database_status.status_code                     REL 
_pdbx_database_status.status_code_sf                  REL 
_pdbx_database_status.status_code_mr                  ? 
_pdbx_database_status.entry_id                        6BHR 
_pdbx_database_status.recvd_initial_deposition_date   2017-10-31 
_pdbx_database_status.SG_entry                        N 
_pdbx_database_status.deposit_site                    RCSB 
_pdbx_database_status.process_site                    RCSB 
_pdbx_database_status.status_code_cs                  ? 
_pdbx_database_status.methods_development_category    ? 
_pdbx_database_status.pdb_format_compatible           Y 
_pdbx_database_status.status_code_nmr_data            ? 
# 
loop_
_audit_author.name 
_audit_author.pdbx_ordinal 
_audit_author.identifier_ORCID 
'Zadrozny, K.'           1 ? 
'Wagner, J.M.'           2 ? 
'Ganser-Pornillos, B.K.' 3 ? 
'Pornillos, O.'          4 ? 
# 
_citation.abstract                  ? 
_citation.abstract_id_CAS           ? 
_citation.book_id_ISBN              ? 
_citation.book_publisher            ? 
_citation.book_publisher_city       ? 
_citation.book_title                ? 
_citation.coordinate_linkage        ? 
_citation.country                   UK 
_citation.database_id_Medline       ? 
_citation.details                   ? 
_citation.id                        primary 
_citation.journal_abbrev            Nature 
_citation.journal_id_ASTM           NATUAS 
_citation.journal_id_CSD            0006 
_citation.journal_id_ISSN           1476-4687 
_citation.journal_full              ? 
_citation.journal_issue             ? 
_citation.journal_volume            560 
_citation.language                  ? 
_citation.page_first                509 
_citation.page_last                 512 
_citation.title                     'Inositol phosphates are assembly co-factors for HIV-1.' 
_citation.year                      2018 
_citation.database_id_CSD           ? 
_citation.pdbx_database_id_DOI      10.1038/s41586-018-0396-4 
_citation.pdbx_database_id_PubMed   30069050 
_citation.unpublished_flag          ? 
# 
loop_
_citation_author.citation_id 
_citation_author.name 
_citation_author.ordinal 
_citation_author.identifier_ORCID 
primary 'Dick, R.A.'             1  ? 
primary 'Zadrozny, K.K.'         2  ? 
primary 'Xu, C.'                 3  ? 
primary 'Schur, F.K.M.'          4  ? 
primary 'Lyddon, T.D.'           5  ? 
primary 'Ricana, C.L.'           6  ? 
primary 'Wagner, J.M.'           7  ? 
primary 'Perilla, J.R.'          8  ? 
primary 'Ganser-Pornillos, B.K.' 9  ? 
primary 'Johnson, M.C.'          10 ? 
primary 'Pornillos, O.'          11 ? 
primary 'Vogt, V.M.'             12 ? 
# 
_cell.angle_alpha                  90.00 
_cell.angle_alpha_esd              ? 
_cell.angle_beta                   90.00 
_cell.angle_beta_esd               ? 
_cell.angle_gamma                  120.00 
_cell.angle_gamma_esd              ? 
_cell.entry_id                     6BHR 
_cell.details                      ? 
_cell.formula_units_Z              ? 
_cell.length_a                     70.939 
_cell.length_a_esd                 ? 
_cell.length_b                     70.939 
_cell.length_b_esd                 ? 
_cell.length_c                     42.041 
_cell.length_c_esd                 ? 
_cell.volume                       ? 
_cell.volume_esd                   ? 
_cell.Z_PDB                        6 
_cell.reciprocal_angle_alpha       ? 
_cell.reciprocal_angle_beta        ? 
_cell.reciprocal_angle_gamma       ? 
_cell.reciprocal_angle_alpha_esd   ? 
_cell.reciprocal_angle_beta_esd    ? 
_cell.reciprocal_angle_gamma_esd   ? 
_cell.reciprocal_length_a          ? 
_cell.reciprocal_length_b          ? 
_cell.reciprocal_length_c          ? 
_cell.reciprocal_length_a_esd      ? 
_cell.reciprocal_length_b_esd      ? 
_cell.reciprocal_length_c_esd      ? 
_cell.pdbx_unique_axis             ? 
# 
_symmetry.entry_id                         6BHR 
_symmetry.cell_setting                     ? 
_symmetry.Int_Tables_number                168 
_symmetry.space_group_name_Hall            ? 
_symmetry.space_group_name_H-M             'P 6' 
_symmetry.pdbx_full_space_group_name_H-M   ? 
# 
loop_
_entity.id 
_entity.type 
_entity.src_method 
_entity.pdbx_description 
_entity.formula_weight 
_entity.pdbx_number_of_molecules 
_entity.pdbx_ec 
_entity.pdbx_mutation 
_entity.pdbx_fragment 
_entity.details 
1 polymer     man 'Capsid protein p24,Spacer peptide 1' 10476.955 1 ? ? ? ? 
2 non-polymer syn 'INOSITOL HEXAKISPHOSPHATE'           660.035   1 ? ? ? ? 
3 water       nat water                                 18.015    1 ? ? ? ? 
# 
_entity_poly.entity_id                      1 
_entity_poly.type                           'polypeptide(L)' 
_entity_poly.nstd_linkage                   no 
_entity_poly.nstd_monomer                   no 
_entity_poly.pdbx_seq_one_letter_code       
;SPTSILDIRQGPKEPFRDYVDRFYKTLRAEQASQEVKNWMTETLLVQNANPDCKTILKALGPAATLEEMMTACQGVGGPG
HKARVLAEAMSQVTN
;
_entity_poly.pdbx_seq_one_letter_code_can   
;SPTSILDIRQGPKEPFRDYVDRFYKTLRAEQASQEVKNWMTETLLVQNANPDCKTILKALGPAATLEEMMTACQGVGGPG
HKARVLAEAMSQVTN
;
_entity_poly.pdbx_strand_id                 G 
_entity_poly.pdbx_target_identifier         ? 
# 
loop_
_entity_poly_seq.entity_id 
_entity_poly_seq.num 
_entity_poly_seq.mon_id 
_entity_poly_seq.hetero 
1 1  SER n 
1 2  PRO n 
1 3  THR n 
1 4  SER n 
1 5  ILE n 
1 6  LEU n 
1 7  ASP n 
1 8  ILE n 
1 9  ARG n 
1 10 GLN n 
1 11 GLY n 
1 12 PRO n 
1 13 LYS n 
1 14 GLU n 
1 15 PRO n 
1 16 PHE n 
1 17 ARG n 
1 18 ASP n 
1 19 TYR n 
1 20 VAL n 
1 21 ASP n 
1 22 ARG n 
1 23 PHE n 
1 24 TYR n 
1 25 LYS n 
1 26 THR n 
1 27 LEU n 
1 28 ARG n 
1 29 ALA n 
1 30 GLU n 
1 31 GLN n 
1 32 ALA n 
1 33 SER n 
1 34 GLN n 
1 35 GLU n 
1 36 VAL n 
1 37 LYS n 
1 38 ASN n 
1 39 TRP n 
1 40 MET n 
1 41 THR n 
1 42 GLU n 
1 43 THR n 
1 44 LEU n 
1 45 LEU n 
1 46 VAL n 
1 47 GLN n 
1 48 ASN n 
1 49 ALA n 
1 50 ASN n 
1 51 PRO n 
1 52 ASP n 
1 53 CYS n 
1 54 LYS n 
1 55 THR n 
1 56 ILE n 
1 57 LEU n 
1 58 LYS n 
1 59 ALA n 
1 60 LEU n 
1 61 GLY n 
1 62 PRO n 
1 63 ALA n 
1 64 ALA n 
1 65 THR n 
1 66 LEU n 
1 67 GLU n 
1 68 GLU n 
1 69 MET n 
1 70 MET n 
1 71 THR n 
1 72 ALA n 
1 73 CYS n 
1 74 GLN n 
1 75 GLY n 
1 76 VAL n 
1 77 GLY n 
1 78 GLY n 
1 79 PRO n 
1 80 GLY n 
1 81 HIS n 
1 82 LYS n 
1 83 ALA n 
1 84 ARG n 
1 85 VAL n 
1 86 LEU n 
1 87 ALA n 
1 88 GLU n 
1 89 ALA n 
1 90 MET n 
1 91 SER n 
1 92 GLN n 
1 93 VAL n 
1 94 THR n 
1 95 ASN n 
# 
_entity_src_gen.entity_id                          1 
_entity_src_gen.pdbx_src_id                        1 
_entity_src_gen.pdbx_alt_source_flag               sample 
_entity_src_gen.pdbx_seq_type                      'Biological sequence' 
_entity_src_gen.pdbx_beg_seq_num                   1 
_entity_src_gen.pdbx_end_seq_num                   95 
_entity_src_gen.gene_src_common_name               ? 
_entity_src_gen.gene_src_genus                     ? 
_entity_src_gen.pdbx_gene_src_gene                 ? 
_entity_src_gen.gene_src_species                   ? 
_entity_src_gen.gene_src_strain                    ? 
_entity_src_gen.gene_src_tissue                    ? 
_entity_src_gen.gene_src_tissue_fraction           ? 
_entity_src_gen.gene_src_details                   ? 
_entity_src_gen.pdbx_gene_src_fragment             ? 
_entity_src_gen.pdbx_gene_src_scientific_name      'Human immunodeficiency virus type 1 group M subtype B (isolate BH10)' 
_entity_src_gen.pdbx_gene_src_ncbi_taxonomy_id     11678 
_entity_src_gen.pdbx_gene_src_variant              ? 
_entity_src_gen.pdbx_gene_src_cell_line            ? 
_entity_src_gen.pdbx_gene_src_atcc                 ? 
_entity_src_gen.pdbx_gene_src_organ                ? 
_entity_src_gen.pdbx_gene_src_organelle            ? 
_entity_src_gen.pdbx_gene_src_cell                 ? 
_entity_src_gen.pdbx_gene_src_cellular_location    ? 
_entity_src_gen.host_org_common_name               ? 
_entity_src_gen.pdbx_host_org_scientific_name      'Escherichia coli' 
_entity_src_gen.pdbx_host_org_ncbi_taxonomy_id     562 
_entity_src_gen.host_org_genus                     ? 
_entity_src_gen.pdbx_host_org_gene                 ? 
_entity_src_gen.pdbx_host_org_organ                ? 
_entity_src_gen.host_org_species                   ? 
_entity_src_gen.pdbx_host_org_tissue               ? 
_entity_src_gen.pdbx_host_org_tissue_fraction      ? 
_entity_src_gen.pdbx_host_org_strain               ? 
_entity_src_gen.pdbx_host_org_variant              ? 
_entity_src_gen.pdbx_host_org_cell_line            ? 
_entity_src_gen.pdbx_host_org_atcc                 ? 
_entity_src_gen.pdbx_host_org_culture_collection   ? 
_entity_src_gen.pdbx_host_org_cell                 ? 
_entity_src_gen.pdbx_host_org_organelle            ? 
_entity_src_gen.pdbx_host_org_cellular_location    ? 
_entity_src_gen.pdbx_host_org_vector_type          ? 
_entity_src_gen.pdbx_host_org_vector               ? 
_entity_src_gen.host_org_details                   ? 
_entity_src_gen.expression_system_id               ? 
_entity_src_gen.plasmid_name                       ? 
_entity_src_gen.plasmid_details                    ? 
_entity_src_gen.pdbx_description                   ? 
# 
_struct_ref.id                         1 
_struct_ref.db_name                    UNP 
_struct_ref.db_code                    GAG_HV1B1 
_struct_ref.pdbx_db_accession          P03347 
_struct_ref.pdbx_db_isoform            ? 
_struct_ref.entity_id                  1 
_struct_ref.pdbx_seq_one_letter_code   
;SPTSILDIRQGPKEPFRDYVDRFYKTLRAEQASQEVKNWMTETLLVQNANPDCKTILKALGPAATLEEMMTACQGVGGPG
HKARVLAEAMSQVTN
;
_struct_ref.pdbx_align_begin           278 
# 
_struct_ref_seq.align_id                      1 
_struct_ref_seq.ref_id                        1 
_struct_ref_seq.pdbx_PDB_id_code              6BHR 
_struct_ref_seq.pdbx_strand_id                G 
_struct_ref_seq.seq_align_beg                 1 
_struct_ref_seq.pdbx_seq_align_beg_ins_code   ? 
_struct_ref_seq.seq_align_end                 95 
_struct_ref_seq.pdbx_seq_align_end_ins_code   ? 
_struct_ref_seq.pdbx_db_accession             P03347 
_struct_ref_seq.db_align_beg                  278 
_struct_ref_seq.pdbx_db_align_beg_ins_code    ? 
_struct_ref_seq.db_align_end                  372 
_struct_ref_seq.pdbx_db_align_end_ins_code    ? 
_struct_ref_seq.pdbx_auth_seq_align_beg       278 
_struct_ref_seq.pdbx_auth_seq_align_end       372 
# 
loop_
_chem_comp.id 
_chem_comp.type 
_chem_comp.mon_nstd_flag 
_chem_comp.name 
_chem_comp.pdbx_synonyms 
_chem_comp.formula 
_chem_comp.formula_weight 
ALA 'L-peptide linking' y ALANINE                     ?                                                                      
'C3 H7 N O2'     89.093  
ARG 'L-peptide linking' y ARGININE                    ?                                                                      
'C6 H15 N4 O2 1' 175.209 
ASN 'L-peptide linking' y ASPARAGINE                  ?                                                                      
'C4 H8 N2 O3'    132.118 
ASP 'L-peptide linking' y 'ASPARTIC ACID'             ?                                                                      
'C4 H7 N O4'     133.103 
CYS 'L-peptide linking' y CYSTEINE                    ?                                                                      
'C3 H7 N O2 S'   121.158 
GLN 'L-peptide linking' y GLUTAMINE                   ?                                                                      
'C5 H10 N2 O3'   146.144 
GLU 'L-peptide linking' y 'GLUTAMIC ACID'             ?                                                                      
'C5 H9 N O4'     147.129 
GLY 'peptide linking'   y GLYCINE                     ?                                                                      
'C2 H5 N O2'     75.067  
HIS 'L-peptide linking' y HISTIDINE                   ?                                                                      
'C6 H10 N3 O2 1' 156.162 
HOH non-polymer         . WATER                       ?                                                                      
'H2 O'           18.015  
IHP non-polymer         . 'INOSITOL HEXAKISPHOSPHATE' 'MYO-INOSITOL HEXAKISPHOSPHATE; INOSITOL 1,2,3,4,5,6-HEXAKISPHOSPHATE' 
'C6 H18 O24 P6'  660.035 
ILE 'L-peptide linking' y ISOLEUCINE                  ?                                                                      
'C6 H13 N O2'    131.173 
LEU 'L-peptide linking' y LEUCINE                     ?                                                                      
'C6 H13 N O2'    131.173 
LYS 'L-peptide linking' y LYSINE                      ?                                                                      
'C6 H15 N2 O2 1' 147.195 
MET 'L-peptide linking' y METHIONINE                  ?                                                                      
'C5 H11 N O2 S'  149.211 
PHE 'L-peptide linking' y PHENYLALANINE               ?                                                                      
'C9 H11 N O2'    165.189 
PRO 'L-peptide linking' y PROLINE                     ?                                                                      
'C5 H9 N O2'     115.130 
SER 'L-peptide linking' y SERINE                      ?                                                                      
'C3 H7 N O3'     105.093 
THR 'L-peptide linking' y THREONINE                   ?                                                                      
'C4 H9 N O3'     119.119 
TRP 'L-peptide linking' y TRYPTOPHAN                  ?                                                                      
'C11 H12 N2 O2'  204.225 
TYR 'L-peptide linking' y TYROSINE                    ?                                                                      
'C9 H11 N O3'    181.189 
VAL 'L-peptide linking' y VALINE                      ?                                                                      
'C5 H11 N O2'    117.146 
# 
_exptl.absorpt_coefficient_mu     ? 
_exptl.absorpt_correction_T_max   ? 
_exptl.absorpt_correction_T_min   ? 
_exptl.absorpt_correction_type    ? 
_exptl.absorpt_process_details    ? 
_exptl.entry_id                   6BHR 
_exptl.crystals_number            1 
_exptl.details                    ? 
_exptl.method                     'X-RAY DIFFRACTION' 
_exptl.method_details             ? 
# 
_exptl_crystal.colour                      ? 
_exptl_crystal.density_diffrn              ? 
_exptl_crystal.density_Matthews            2.91 
_exptl_crystal.density_method              ? 
_exptl_crystal.density_percent_sol         57.80 
_exptl_crystal.description                 ? 
_exptl_crystal.F_000                       ? 
_exptl_crystal.id                          1 
_exptl_crystal.preparation                 ? 
_exptl_crystal.size_max                    ? 
_exptl_crystal.size_mid                    ? 
_exptl_crystal.size_min                    ? 
_exptl_crystal.size_rad                    ? 
_exptl_crystal.colour_lustre               ? 
_exptl_crystal.colour_modifier             ? 
_exptl_crystal.colour_primary              ? 
_exptl_crystal.density_meas                ? 
_exptl_crystal.density_meas_esd            ? 
_exptl_crystal.density_meas_gt             ? 
_exptl_crystal.density_meas_lt             ? 
_exptl_crystal.density_meas_temp           ? 
_exptl_crystal.density_meas_temp_esd       ? 
_exptl_crystal.density_meas_temp_gt        ? 
_exptl_crystal.density_meas_temp_lt        ? 
_exptl_crystal.pdbx_crystal_image_url      ? 
_exptl_crystal.pdbx_crystal_image_format   ? 
_exptl_crystal.pdbx_mosaicity              ? 
_exptl_crystal.pdbx_mosaicity_esd          ? 
# 
_exptl_crystal_grow.apparatus       ? 
_exptl_crystal_grow.atmosphere      ? 
_exptl_crystal_grow.crystal_id      1 
_exptl_crystal_grow.details         ? 
_exptl_crystal_grow.method          'VAPOR DIFFUSION' 
_exptl_crystal_grow.method_ref      ? 
_exptl_crystal_grow.pH              ? 
_exptl_crystal_grow.pressure        ? 
_exptl_crystal_grow.pressure_esd    ? 
_exptl_crystal_grow.seeding         ? 
_exptl_crystal_grow.seeding_ref     ? 
_exptl_crystal_grow.temp            290 
_exptl_crystal_grow.temp_details    ? 
_exptl_crystal_grow.temp_esd        ? 
_exptl_crystal_grow.time            ? 
_exptl_crystal_grow.pdbx_details    
;0.2 M NaCl
20% PEG 3350
0.1 M Bis-Tris
pH 5.35
;
_exptl_crystal_grow.pdbx_pH_range   ? 
# 
_diffrn.ambient_environment    ? 
_diffrn.ambient_temp           100 
_diffrn.ambient_temp_details   ? 
_diffrn.ambient_temp_esd       ? 
_diffrn.crystal_id             1 
_diffrn.crystal_support        ? 
_diffrn.crystal_treatment      ? 
_diffrn.details                ? 
_diffrn.id                     1 
_diffrn.ambient_pressure       ? 
_diffrn.ambient_pressure_esd   ? 
_diffrn.ambient_pressure_gt    ? 
_diffrn.ambient_pressure_lt    ? 
_diffrn.ambient_temp_gt        ? 
_diffrn.ambient_temp_lt        ? 
# 
_diffrn_detector.details                      ? 
_diffrn_detector.detector                     CCD 
_diffrn_detector.diffrn_id                    1 
_diffrn_detector.type                         'MARMOSAIC 300 mm CCD' 
_diffrn_detector.area_resol_mean              ? 
_diffrn_detector.dtime                        ? 
_diffrn_detector.pdbx_frames_total            ? 
_diffrn_detector.pdbx_collection_time_total   ? 
_diffrn_detector.pdbx_collection_date         2017-07-03 
# 
_diffrn_radiation.collimation                      ? 
_diffrn_radiation.diffrn_id                        1 
_diffrn_radiation.filter_edge                      ? 
_diffrn_radiation.inhomogeneity                    ? 
_diffrn_radiation.monochromator                    ? 
_diffrn_radiation.polarisn_norm                    ? 
_diffrn_radiation.polarisn_ratio                   ? 
_diffrn_radiation.probe                            ? 
_diffrn_radiation.type                             ? 
_diffrn_radiation.xray_symbol                      ? 
_diffrn_radiation.wavelength_id                    1 
_diffrn_radiation.pdbx_monochromatic_or_laue_m_l   M 
_diffrn_radiation.pdbx_wavelength_list             ? 
_diffrn_radiation.pdbx_wavelength                  ? 
_diffrn_radiation.pdbx_diffrn_protocol             'SINGLE WAVELENGTH' 
_diffrn_radiation.pdbx_analyzer                    ? 
_diffrn_radiation.pdbx_scattering_type             x-ray 
# 
_diffrn_radiation_wavelength.id           1 
_diffrn_radiation_wavelength.wavelength   1 
_diffrn_radiation_wavelength.wt           1.0 
# 
_diffrn_source.current                     ? 
_diffrn_source.details                     ? 
_diffrn_source.diffrn_id                   1 
_diffrn_source.power                       ? 
_diffrn_source.size                        ? 
_diffrn_source.source                      SYNCHROTRON 
_diffrn_source.target                      ? 
_diffrn_source.type                        'APS BEAMLINE 22-ID' 
_diffrn_source.voltage                     ? 
_diffrn_source.take-off_angle              ? 
_diffrn_source.pdbx_wavelength_list        1 
_diffrn_source.pdbx_wavelength             ? 
_diffrn_source.pdbx_synchrotron_beamline   22-ID 
_diffrn_source.pdbx_synchrotron_site       APS 
# 
_reflns.B_iso_Wilson_estimate            ? 
_reflns.entry_id                         6BHR 
_reflns.data_reduction_details           ? 
_reflns.data_reduction_method            ? 
_reflns.d_resolution_high                2.90 
_reflns.d_resolution_low                 50 
_reflns.details                          ? 
_reflns.limit_h_max                      ? 
_reflns.limit_h_min                      ? 
_reflns.limit_k_max                      ? 
_reflns.limit_k_min                      ? 
_reflns.limit_l_max                      ? 
_reflns.limit_l_min                      ? 
_reflns.number_all                       ? 
_reflns.number_obs                       2665 
_reflns.observed_criterion               ? 
_reflns.observed_criterion_F_max         ? 
_reflns.observed_criterion_F_min         ? 
_reflns.observed_criterion_I_max         ? 
_reflns.observed_criterion_I_min         ? 
_reflns.observed_criterion_sigma_F       ? 
_reflns.observed_criterion_sigma_I       ? 
_reflns.percent_possible_obs             96.3 
_reflns.R_free_details                   ? 
_reflns.Rmerge_F_all                     ? 
_reflns.Rmerge_F_obs                     ? 
_reflns.Friedel_coverage                 ? 
_reflns.number_gt                        ? 
_reflns.threshold_expression             ? 
_reflns.pdbx_redundancy                  8.1 
_reflns.pdbx_Rmerge_I_obs                ? 
_reflns.pdbx_Rmerge_I_all                ? 
_reflns.pdbx_Rsym_value                  ? 
_reflns.pdbx_netI_over_av_sigmaI         ? 
_reflns.pdbx_netI_over_sigmaI            10.3 
_reflns.pdbx_res_netI_over_av_sigmaI_2   ? 
_reflns.pdbx_res_netI_over_sigmaI_2      ? 
_reflns.pdbx_chi_squared                 ? 
_reflns.pdbx_scaling_rejects             ? 
_reflns.pdbx_d_res_high_opt              ? 
_reflns.pdbx_d_res_low_opt               ? 
_reflns.pdbx_d_res_opt_method            ? 
_reflns.phase_calculation_details        ? 
_reflns.pdbx_Rrim_I_all                  ? 
_reflns.pdbx_Rpim_I_all                  ? 
_reflns.pdbx_d_opt                       ? 
_reflns.pdbx_number_measured_all         ? 
_reflns.pdbx_diffrn_id                   1 
_reflns.pdbx_ordinal                     1 
_reflns.pdbx_CC_half                     ? 
_reflns.pdbx_R_split                     ? 
# 
_reflns_shell.d_res_high                  . 
_reflns_shell.d_res_low                   ? 
_reflns_shell.meanI_over_sigI_all         ? 
_reflns_shell.meanI_over_sigI_obs         ? 
_reflns_shell.number_measured_all         ? 
_reflns_shell.number_measured_obs         ? 
_reflns_shell.number_possible             ? 
_reflns_shell.number_unique_all           ? 
_reflns_shell.number_unique_obs           ? 
_reflns_shell.percent_possible_all        ? 
_reflns_shell.percent_possible_obs        ? 
_reflns_shell.Rmerge_F_all                ? 
_reflns_shell.Rmerge_F_obs                ? 
_reflns_shell.Rmerge_I_all                ? 
_reflns_shell.Rmerge_I_obs                ? 
_reflns_shell.meanI_over_sigI_gt          ? 
_reflns_shell.meanI_over_uI_all           ? 
_reflns_shell.meanI_over_uI_gt            ? 
_reflns_shell.number_measured_gt          ? 
_reflns_shell.number_unique_gt            ? 
_reflns_shell.percent_possible_gt         ? 
_reflns_shell.Rmerge_F_gt                 ? 
_reflns_shell.Rmerge_I_gt                 ? 
_reflns_shell.pdbx_redundancy             ? 
_reflns_shell.pdbx_Rsym_value             ? 
_reflns_shell.pdbx_chi_squared            ? 
_reflns_shell.pdbx_netI_over_sigmaI_all   ? 
_reflns_shell.pdbx_netI_over_sigmaI_obs   ? 
_reflns_shell.pdbx_Rrim_I_all             ? 
_reflns_shell.pdbx_Rpim_I_all             ? 
_reflns_shell.pdbx_rejects                ? 
_reflns_shell.pdbx_ordinal                1 
_reflns_shell.pdbx_diffrn_id              1 
_reflns_shell.pdbx_CC_half                ? 
_reflns_shell.pdbx_R_split                ? 
# 
_refine.aniso_B[1][1]                            ? 
_refine.aniso_B[1][2]                            ? 
_refine.aniso_B[1][3]                            ? 
_refine.aniso_B[2][2]                            ? 
_refine.aniso_B[2][3]                            ? 
_refine.aniso_B[3][3]                            ? 
_refine.B_iso_max                                ? 
_refine.B_iso_mean                               ? 
_refine.B_iso_min                                ? 
_refine.correlation_coeff_Fo_to_Fc               ? 
_refine.correlation_coeff_Fo_to_Fc_free          ? 
_refine.details                                  ? 
_refine.diff_density_max                         ? 
_refine.diff_density_max_esd                     ? 
_refine.diff_density_min                         ? 
_refine.diff_density_min_esd                     ? 
_refine.diff_density_rms                         ? 
_refine.diff_density_rms_esd                     ? 
_refine.entry_id                                 6BHR 
_refine.pdbx_refine_id                           'X-RAY DIFFRACTION' 
_refine.ls_abs_structure_details                 ? 
_refine.ls_abs_structure_Flack                   ? 
_refine.ls_abs_structure_Flack_esd               ? 
_refine.ls_abs_structure_Rogers                  ? 
_refine.ls_abs_structure_Rogers_esd              ? 
_refine.ls_d_res_high                            2.908 
_refine.ls_d_res_low                             35.469 
_refine.ls_extinction_coef                       ? 
_refine.ls_extinction_coef_esd                   ? 
_refine.ls_extinction_expression                 ? 
_refine.ls_extinction_method                     ? 
_refine.ls_goodness_of_fit_all                   ? 
_refine.ls_goodness_of_fit_all_esd               ? 
_refine.ls_goodness_of_fit_obs                   ? 
_refine.ls_goodness_of_fit_obs_esd               ? 
_refine.ls_hydrogen_treatment                    ? 
_refine.ls_matrix_type                           ? 
_refine.ls_number_constraints                    ? 
_refine.ls_number_parameters                     ? 
_refine.ls_number_reflns_all                     ? 
_refine.ls_number_reflns_obs                     2115 
_refine.ls_number_reflns_R_free                  129 
_refine.ls_number_reflns_R_work                  ? 
_refine.ls_number_restraints                     ? 
_refine.ls_percent_reflns_obs                    76.80 
_refine.ls_percent_reflns_R_free                 6.10 
_refine.ls_R_factor_all                          ? 
_refine.ls_R_factor_obs                          0.2188 
_refine.ls_R_factor_R_free                       0.2651 
_refine.ls_R_factor_R_free_error                 ? 
_refine.ls_R_factor_R_free_error_details         ? 
_refine.ls_R_factor_R_work                       0.2154 
_refine.ls_R_Fsqd_factor_obs                     ? 
_refine.ls_R_I_factor_obs                        ? 
_refine.ls_redundancy_reflns_all                 ? 
_refine.ls_redundancy_reflns_obs                 ? 
_refine.ls_restrained_S_all                      ? 
_refine.ls_restrained_S_obs                      ? 
_refine.ls_shift_over_esd_max                    ? 
_refine.ls_shift_over_esd_mean                   ? 
_refine.ls_structure_factor_coef                 ? 
_refine.ls_weighting_details                     ? 
_refine.ls_weighting_scheme                      ? 
_refine.ls_wR_factor_all                         ? 
_refine.ls_wR_factor_obs                         ? 
_refine.ls_wR_factor_R_free                      ? 
_refine.ls_wR_factor_R_work                      ? 
_refine.occupancy_max                            ? 
_refine.occupancy_min                            ? 
_refine.solvent_model_details                    'FLAT BULK SOLVENT MODEL' 
_refine.solvent_model_param_bsol                 ? 
_refine.solvent_model_param_ksol                 ? 
_refine.ls_R_factor_gt                           ? 
_refine.ls_goodness_of_fit_gt                    ? 
_refine.ls_goodness_of_fit_ref                   ? 
_refine.ls_shift_over_su_max                     ? 
_refine.ls_shift_over_su_max_lt                  ? 
_refine.ls_shift_over_su_mean                    ? 
_refine.ls_shift_over_su_mean_lt                 ? 
_refine.pdbx_ls_sigma_I                          ? 
_refine.pdbx_ls_sigma_F                          0.00 
_refine.pdbx_ls_sigma_Fsqd                       ? 
_refine.pdbx_data_cutoff_high_absF               ? 
_refine.pdbx_data_cutoff_high_rms_absF           ? 
_refine.pdbx_data_cutoff_low_absF                ? 
_refine.pdbx_isotropic_thermal_model             ? 
_refine.pdbx_ls_cross_valid_method               'FREE R-VALUE' 
_refine.pdbx_method_to_determine_struct          'MOLECULAR REPLACEMENT' 
_refine.pdbx_starting_model                      5I4T 
_refine.pdbx_stereochemistry_target_values       ML 
_refine.pdbx_R_Free_selection_details            ? 
_refine.pdbx_stereochem_target_val_spec_case     ? 
_refine.pdbx_overall_ESU_R                       ? 
_refine.pdbx_overall_ESU_R_Free                  ? 
_refine.pdbx_solvent_vdw_probe_radii             1.11 
_refine.pdbx_solvent_ion_probe_radii             ? 
_refine.pdbx_solvent_shrinkage_radii             0.90 
_refine.pdbx_real_space_R                        ? 
_refine.pdbx_density_correlation                 ? 
_refine.pdbx_pd_number_of_powder_patterns        ? 
_refine.pdbx_pd_number_of_points                 ? 
_refine.pdbx_pd_meas_number_of_points            ? 
_refine.pdbx_pd_proc_ls_prof_R_factor            ? 
_refine.pdbx_pd_proc_ls_prof_wR_factor           ? 
_refine.pdbx_pd_Marquardt_correlation_coeff      ? 
_refine.pdbx_pd_Fsqrd_R_factor                   ? 
_refine.pdbx_pd_ls_matrix_band_width             ? 
_refine.pdbx_overall_phase_error                 20.84 
_refine.pdbx_overall_SU_R_free_Cruickshank_DPI   ? 
_refine.pdbx_overall_SU_R_free_Blow_DPI          ? 
_refine.pdbx_overall_SU_R_Blow_DPI               ? 
_refine.pdbx_TLS_residual_ADP_flag               ? 
_refine.pdbx_diffrn_id                           1 
_refine.overall_SU_B                             ? 
_refine.overall_SU_ML                            0.16 
_refine.overall_SU_R_Cruickshank_DPI             ? 
_refine.overall_SU_R_free                        ? 
_refine.overall_FOM_free_R_set                   ? 
_refine.overall_FOM_work_R_set                   ? 
_refine.pdbx_average_fsc_overall                 ? 
_refine.pdbx_average_fsc_work                    ? 
_refine.pdbx_average_fsc_free                    ? 
# 
_refine_hist.pdbx_refine_id                   'X-RAY DIFFRACTION' 
_refine_hist.cycle_id                         LAST 
_refine_hist.pdbx_number_atoms_protein        668 
_refine_hist.pdbx_number_atoms_nucleic_acid   0 
_refine_hist.pdbx_number_atoms_ligand         36 
_refine_hist.number_atoms_solvent             1 
_refine_hist.number_atoms_total               705 
_refine_hist.d_res_high                       2.908 
_refine_hist.d_res_low                        35.469 
# 
loop_
_refine_ls_restr.pdbx_refine_id 
_refine_ls_restr.criterion 
_refine_ls_restr.dev_ideal 
_refine_ls_restr.dev_ideal_target 
_refine_ls_restr.number 
_refine_ls_restr.rejects 
_refine_ls_restr.type 
_refine_ls_restr.weight 
_refine_ls_restr.pdbx_restraint_function 
'X-RAY DIFFRACTION' ? 0.005  ? 715 ? f_bond_d           ? ? 
'X-RAY DIFFRACTION' ? 1.090  ? 982 ? f_angle_d          ? ? 
'X-RAY DIFFRACTION' ? 11.106 ? 434 ? f_dihedral_angle_d ? ? 
'X-RAY DIFFRACTION' ? 0.831  ? 113 ? f_chiral_restr     ? ? 
'X-RAY DIFFRACTION' ? 0.004  ? 121 ? f_plane_restr      ? ? 
# 
_struct.entry_id                     6BHR 
_struct.title                        'HIV-1 immature CTD-SP1 hexamer in complex with IP6' 
_struct.pdbx_model_details           ? 
_struct.pdbx_formula_weight          ? 
_struct.pdbx_formula_weight_method   ? 
_struct.pdbx_model_type_details      ? 
_struct.pdbx_CASP_flag               N 
# 
_struct_keywords.entry_id        6BHR 
_struct_keywords.text            'assembly, co-factor, VIRAL PROTEIN' 
_struct_keywords.pdbx_keywords   'VIRAL PROTEIN' 
# 
loop_
_struct_asym.id 
_struct_asym.pdbx_blank_PDB_chainid_flag 
_struct_asym.pdbx_modified 
_struct_asym.entity_id 
_struct_asym.details 
A N N 1 ? 
B N N 2 ? 
C N N 3 ? 
# 
loop_
_struct_conf.conf_type_id 
_struct_conf.id 
_struct_conf.pdbx_PDB_helix_id 
_struct_conf.beg_label_comp_id 
_struct_conf.beg_label_asym_id 
_struct_conf.beg_label_seq_id 
_struct_conf.pdbx_beg_PDB_ins_code 
_struct_conf.end_label_comp_id 
_struct_conf.end_label_asym_id 
_struct_conf.end_label_seq_id 
_struct_conf.pdbx_end_PDB_ins_code 
_struct_conf.beg_auth_comp_id 
_struct_conf.beg_auth_asym_id 
_struct_conf.beg_auth_seq_id 
_struct_conf.end_auth_comp_id 
_struct_conf.end_auth_asym_id 
_struct_conf.end_auth_seq_id 
_struct_conf.pdbx_PDB_helix_class 
_struct_conf.details 
_struct_conf.pdbx_PDB_helix_length 
HELX_P HELX_P1 AA1 PRO A 15 ? ARG A 28 ? PRO G 292 ARG G 305 1 ? 14 
HELX_P HELX_P2 AA2 SER A 33 ? ASN A 48 ? SER G 310 ASN G 325 1 ? 16 
HELX_P HELX_P3 AA3 ASN A 50 ? GLY A 61 ? ASN G 327 GLY G 338 1 ? 12 
HELX_P HELX_P4 AA4 THR A 65 ? GLN A 74 ? THR G 342 GLN G 351 1 ? 10 
HELX_P HELX_P5 AA5 GLY A 78 ? VAL A 93 ? GLY G 355 VAL G 370 1 ? 16 
# 
_struct_conf_type.id          HELX_P 
_struct_conf_type.criteria    ? 
_struct_conf_type.reference   ? 
# 
_struct_site.id                   AC1 
_struct_site.pdbx_evidence_code   Software 
_struct_site.pdbx_auth_asym_id    G 
_struct_site.pdbx_auth_comp_id    IHP 
_struct_site.pdbx_auth_seq_id     401 
_struct_site.pdbx_auth_ins_code   ? 
_struct_site.pdbx_num_residues    11 
_struct_site.details              'binding site for residue IHP G 401' 
# 
loop_
_struct_site_gen.id 
_struct_site_gen.site_id 
_struct_site_gen.pdbx_num_res 
_struct_site_gen.label_comp_id 
_struct_site_gen.label_asym_id 
_struct_site_gen.label_seq_id 
_struct_site_gen.pdbx_auth_ins_code 
_struct_site_gen.auth_comp_id 
_struct_site_gen.auth_asym_id 
_struct_site_gen.auth_seq_id 
_struct_site_gen.label_atom_id 
_struct_site_gen.label_alt_id 
_struct_site_gen.symmetry 
_struct_site_gen.details 
1  AC1 11 LYS A 13 ? LYS G 290 . ? 3_555 ? 
2  AC1 11 LYS A 13 ? LYS G 290 . ? 1_555 ? 
3  AC1 11 LYS A 13 ? LYS G 290 . ? 4_555 ? 
4  AC1 11 LYS A 13 ? LYS G 290 . ? 2_555 ? 
5  AC1 11 LYS A 13 ? LYS G 290 . ? 6_555 ? 
6  AC1 11 LYS A 82 ? LYS G 359 . ? 2_555 ? 
7  AC1 11 LYS A 82 ? LYS G 359 . ? 6_555 ? 
8  AC1 11 LYS A 82 ? LYS G 359 . ? 1_555 ? 
9  AC1 11 LYS A 82 ? LYS G 359 . ? 4_555 ? 
10 AC1 11 LYS A 82 ? LYS G 359 . ? 3_555 ? 
11 AC1 11 LYS A 82 ? LYS G 359 . ? 5_555 ? 
# 
_atom_sites.entry_id                    6BHR 
_atom_sites.fract_transf_matrix[1][1]   0.01004849 
_atom_sites.fract_transf_matrix[1][2]   0.01252778 
_atom_sites.fract_transf_matrix[1][3]   -0.00265544 
_atom_sites.fract_transf_matrix[2][1]   -0.00323683 
_atom_sites.fract_transf_matrix[2][2]   0.01455483 
_atom_sites.fract_transf_matrix[2][3]   0.00652845 
_atom_sites.fract_transf_matrix[3][1]   0.01248470 
_atom_sites.fract_transf_matrix[3][2]   -0.00590935 
_atom_sites.fract_transf_matrix[3][3]   0.01936454 
_atom_sites.fract_transf_vector[1]      -0.342516 
_atom_sites.fract_transf_vector[2]      -0.252507 
_atom_sites.fract_transf_vector[3]      0.112044 
# 
loop_
_atom_type.symbol 
C 
N 
O 
P 
S 
# 
loop_
_atom_site.group_PDB 
_atom_site.id 
_atom_site.type_symbol 
_atom_site.label_atom_id 
_atom_site.label_alt_id 
_atom_site.label_comp_id 
_atom_site.label_asym_id 
_atom_site.label_entity_id 
_atom_site.label_seq_id 
_atom_site.pdbx_PDB_ins_code 
_atom_site.Cartn_x 
_atom_site.Cartn_y 
_atom_site.Cartn_z 
_atom_site.occupancy 
_atom_site.B_iso_or_equiv 
_atom_site.pdbx_formal_charge 
_atom_site.auth_seq_id 
_atom_site.auth_comp_id 
_atom_site.auth_asym_id 
_atom_site.auth_atom_id 
_atom_site.pdbx_PDB_model_num 
ATOM   1   N N   . THR A 1 3  ? -0.301  0.833   -20.543 1.00 43.95 ?  280 THR G N   1 
ATOM   2   C CA  . THR A 1 3  ? -0.624  0.953   -19.126 1.00 45.11 ?  280 THR G CA  1 
ATOM   3   C C   . THR A 1 3  ? -1.306  -0.310  -18.610 1.00 47.11 ?  280 THR G C   1 
ATOM   4   O O   . THR A 1 3  ? -2.499  -0.521  -18.836 1.00 46.85 ?  280 THR G O   1 
ATOM   5   C CB  . THR A 1 3  ? -1.534  2.166   -18.855 1.00 43.79 ?  280 THR G CB  1 
ATOM   6   N N   . SER A 1 4  ? -0.541  -1.147  -17.917 1.00 48.78 ?  281 SER G N   1 
ATOM   7   C CA  . SER A 1 4  ? -1.029  -2.403  -17.368 1.00 49.18 ?  281 SER G CA  1 
ATOM   8   C C   . SER A 1 4  ? -1.154  -2.303  -15.853 1.00 49.35 ?  281 SER G C   1 
ATOM   9   O O   . SER A 1 4  ? -0.709  -1.338  -15.226 1.00 49.12 ?  281 SER G O   1 
ATOM   10  C CB  . SER A 1 4  ? -0.100  -3.562  -17.750 1.00 49.14 ?  281 SER G CB  1 
ATOM   11  O OG  . SER A 1 4  ? -0.566  -4.788  -17.211 1.00 48.38 ?  281 SER G OG  1 
ATOM   12  N N   . ILE A 1 5  ? -1.770  -3.330  -15.266 1.00 46.85 ?  282 ILE G N   1 
ATOM   13  C CA  . ILE A 1 5  ? -1.986  -3.339  -13.825 1.00 44.62 ?  282 ILE G CA  1 
ATOM   14  C C   . ILE A 1 5  ? -0.728  -3.789  -13.084 1.00 43.12 ?  282 ILE G C   1 
ATOM   15  O O   . ILE A 1 5  ? -0.490  -3.366  -11.945 1.00 42.57 ?  282 ILE G O   1 
ATOM   16  C CB  . ILE A 1 5  ? -3.201  -4.222  -13.483 1.00 44.85 ?  282 ILE G CB  1 
ATOM   17  C CG1 . ILE A 1 5  ? -3.470  -4.227  -11.976 1.00 44.39 ?  282 ILE G CG1 1 
ATOM   18  C CG2 . ILE A 1 5  ? -3.002  -5.636  -14.010 1.00 46.14 ?  282 ILE G CG2 1 
ATOM   19  C CD1 . ILE A 1 5  ? -3.767  -2.859  -11.407 1.00 44.03 ?  282 ILE G CD1 1 
ATOM   20  N N   . LEU A 1 6  ? 0.101   -4.627  -13.709 1.00 42.09 ?  283 LEU G N   1 
ATOM   21  C CA  . LEU A 1 6  ? 1.334   -5.086  -13.081 1.00 40.14 ?  283 LEU G CA  1 
ATOM   22  C C   . LEU A 1 6  ? 2.358   -3.974  -12.893 1.00 36.45 ?  283 LEU G C   1 
ATOM   23  O O   . LEU A 1 6  ? 3.317   -4.164  -12.137 1.00 36.58 ?  283 LEU G O   1 
ATOM   24  C CB  . LEU A 1 6  ? 1.959   -6.211  -13.910 1.00 42.78 ?  283 LEU G CB  1 
ATOM   25  C CG  . LEU A 1 6  ? 1.232   -7.557  -13.973 1.00 44.23 ?  283 LEU G CG  1 
ATOM   26  C CD1 . LEU A 1 6  ? 1.891   -8.464  -15.000 1.00 44.61 ?  283 LEU G CD1 1 
ATOM   27  C CD2 . LEU A 1 6  ? 1.218   -8.222  -12.607 1.00 44.01 ?  283 LEU G CD2 1 
ATOM   28  N N   . ASP A 1 7  ? 2.182   -2.830  -13.552 1.00 32.93 ?  284 ASP G N   1 
ATOM   29  C CA  . ASP A 1 7  ? 3.163   -1.754  -13.506 1.00 30.11 ?  284 ASP G CA  1 
ATOM   30  C C   . ASP A 1 7  ? 2.862   -0.703  -12.444 1.00 26.35 ?  284 ASP G C   1 
ATOM   31  O O   . ASP A 1 7  ? 3.735   0.120   -12.148 1.00 24.86 ?  284 ASP G O   1 
ATOM   32  C CB  . ASP A 1 7  ? 3.262   -1.077  -14.878 1.00 31.00 ?  284 ASP G CB  1 
ATOM   33  N N   . ILE A 1 8  ? 1.662   -0.706  -11.866 1.00 24.52 ?  285 ILE G N   1 
ATOM   34  C CA  . ILE A 1 8  ? 1.292   0.280   -10.856 1.00 22.45 ?  285 ILE G CA  1 
ATOM   35  C C   . ILE A 1 8  ? 2.051   -0.003  -9.567  1.00 20.75 ?  285 ILE G C   1 
ATOM   36  O O   . ILE A 1 8  ? 1.684   -0.900  -8.799  1.00 18.54 ?  285 ILE G O   1 
ATOM   37  C CB  . ILE A 1 8  ? -0.228  0.288   -10.611 1.00 22.75 ?  285 ILE G CB  1 
ATOM   38  C CG1 . ILE A 1 8  ? -0.979  0.605   -11.907 1.00 23.32 ?  285 ILE G CG1 1 
ATOM   39  C CG2 . ILE A 1 8  ? -0.588  1.298   -9.530  1.00 22.59 ?  285 ILE G CG2 1 
ATOM   40  C CD1 . ILE A 1 8  ? -0.675  1.977   -12.468 1.00 23.76 ?  285 ILE G CD1 1 
ATOM   41  N N   . ARG A 1 9  ? 3.113   0.759   -9.323  1.00 22.68 ?  286 ARG G N   1 
ATOM   42  C CA  . ARG A 1 9  ? 3.931   0.624   -8.126  1.00 23.91 ?  286 ARG G CA  1 
ATOM   43  C C   . ARG A 1 9  ? 3.859   1.905   -7.308  1.00 23.28 ?  286 ARG G C   1 
ATOM   44  O O   . ARG A 1 9  ? 3.811   3.007   -7.864  1.00 22.58 ?  286 ARG G O   1 
ATOM   45  C CB  . ARG A 1 9  ? 5.389   0.313   -8.481  1.00 26.38 ?  286 ARG G CB  1 
ATOM   46  C CG  . ARG A 1 9  ? 5.644   -1.139  -8.854  1.00 28.51 ?  286 ARG G CG  1 
ATOM   47  C CD  . ARG A 1 9  ? 7.103   -1.369  -9.228  1.00 29.93 ?  286 ARG G CD  1 
ATOM   48  N NE  . ARG A 1 9  ? 7.561   -2.698  -8.831  1.00 31.61 ?  286 ARG G NE  1 
ATOM   49  C CZ  . ARG A 1 9  ? 7.362   -3.803  -9.541  1.00 32.99 ?  286 ARG G CZ  1 
ATOM   50  N NH1 . ARG A 1 9  ? 6.708   -3.748  -10.694 1.00 33.41 ?  286 ARG G NH1 1 
ATOM   51  N NH2 . ARG A 1 9  ? 7.817   -4.967  -9.096  1.00 33.38 ?  286 ARG G NH2 1 
ATOM   52  N N   . GLN A 1 10 ? 3.855   1.752   -5.986  1.00 23.26 ?  287 GLN G N   1 
ATOM   53  C CA  . GLN A 1 10 ? 3.789   2.895   -5.088  1.00 22.45 ?  287 GLN G CA  1 
ATOM   54  C C   . GLN A 1 10 ? 5.143   3.586   -5.016  1.00 22.00 ?  287 GLN G C   1 
ATOM   55  O O   . GLN A 1 10 ? 6.179   2.929   -4.878  1.00 22.83 ?  287 GLN G O   1 
ATOM   56  C CB  . GLN A 1 10 ? 3.348   2.455   -3.692  1.00 22.68 ?  287 GLN G CB  1 
ATOM   57  C CG  . GLN A 1 10 ? 3.331   3.579   -2.667  1.00 23.60 ?  287 GLN G CG  1 
ATOM   58  C CD  . GLN A 1 10 ? 2.875   3.117   -1.295  1.00 25.04 ?  287 GLN G CD  1 
ATOM   59  O OE1 . GLN A 1 10 ? 2.638   1.928   -1.072  1.00 24.36 ?  287 GLN G OE1 1 
ATOM   60  N NE2 . GLN A 1 10 ? 2.750   4.058   -0.366  1.00 26.00 ?  287 GLN G NE2 1 
ATOM   61  N N   . GLY A 1 11 ? 5.133   4.912   -5.113  1.00 21.35 ?  288 GLY G N   1 
ATOM   62  C CA  . GLY A 1 11 ? 6.339   5.691   -4.979  1.00 22.56 ?  288 GLY G CA  1 
ATOM   63  C C   . GLY A 1 11 ? 6.841   5.702   -3.549  1.00 23.54 ?  288 GLY G C   1 
ATOM   64  O O   . GLY A 1 11 ? 6.088   5.451   -2.602  1.00 24.65 ?  288 GLY G O   1 
ATOM   65  N N   . PRO A 1 12 ? 8.131   5.988   -3.367  1.00 23.71 ?  289 PRO G N   1 
ATOM   66  C CA  . PRO A 1 12 ? 8.679   6.025   -2.001  1.00 25.92 ?  289 PRO G CA  1 
ATOM   67  C C   . PRO A 1 12 ? 8.072   7.114   -1.135  1.00 30.07 ?  289 PRO G C   1 
ATOM   68  O O   . PRO A 1 12 ? 8.051   6.975   0.094   1.00 30.64 ?  289 PRO G O   1 
ATOM   69  C CB  . PRO A 1 12 ? 10.179  6.256   -2.233  1.00 23.60 ?  289 PRO G CB  1 
ATOM   70  C CG  . PRO A 1 12 ? 10.261  6.885   -3.585  1.00 23.05 ?  289 PRO G CG  1 
ATOM   71  C CD  . PRO A 1 12 ? 9.156   6.268   -4.385  1.00 22.61 ?  289 PRO G CD  1 
ATOM   72  N N   . LYS A 1 13 ? 7.570   8.193   -1.734  1.00 34.28 ?  290 LYS G N   1 
ATOM   73  C CA  . LYS A 1 13 ? 6.954   9.282   -0.989  1.00 38.26 ?  290 LYS G CA  1 
ATOM   74  C C   . LYS A 1 13 ? 5.471   9.446   -1.288  1.00 35.92 ?  290 LYS G C   1 
ATOM   75  O O   . LYS A 1 13 ? 4.823   10.304  -0.680  1.00 35.84 ?  290 LYS G O   1 
ATOM   76  C CB  . LYS A 1 13 ? 7.687   10.599  -1.273  1.00 44.86 ?  290 LYS G CB  1 
ATOM   77  C CG  . LYS A 1 13 ? 8.953   10.774  -0.454  1.00 50.41 ?  290 LYS G CG  1 
ATOM   78  C CD  . LYS A 1 13 ? 8.617   10.916  1.022   1.00 54.19 ?  290 LYS G CD  1 
ATOM   79  C CE  . LYS A 1 13 ? 9.819   10.608  1.895   1.00 55.35 ?  290 LYS G CE  1 
ATOM   80  N NZ  . LYS A 1 13 ? 9.576   10.939  3.327   1.00 55.78 ?  290 LYS G NZ  1 
ATOM   81  N N   . GLU A 1 14 ? 4.921   8.651   -2.193  1.00 30.52 ?  291 GLU G N   1 
ATOM   82  C CA  . GLU A 1 14 ? 3.504   8.755   -2.513  1.00 26.58 ?  291 GLU G CA  1 
ATOM   83  C C   . GLU A 1 14 ? 2.672   8.197   -1.364  1.00 26.37 ?  291 GLU G C   1 
ATOM   84  O O   . GLU A 1 14 ? 2.971   7.107   -0.861  1.00 26.91 ?  291 GLU G O   1 
ATOM   85  C CB  . GLU A 1 14 ? 3.198   8.001   -3.803  1.00 24.28 ?  291 GLU G CB  1 
ATOM   86  C CG  . GLU A 1 14 ? 1.755   8.097   -4.261  1.00 22.92 ?  291 GLU G CG  1 
ATOM   87  C CD  . GLU A 1 14 ? 1.470   7.211   -5.456  1.00 22.12 ?  291 GLU G CD  1 
ATOM   88  O OE1 . GLU A 1 14 ? 2.205   6.220   -5.648  1.00 21.92 ?  291 GLU G OE1 1 
ATOM   89  O OE2 . GLU A 1 14 ? 0.518   7.507   -6.207  1.00 22.15 ?  291 GLU G OE2 1 
ATOM   90  N N   . PRO A 1 15 ? 1.638   8.905   -0.915  1.00 25.85 ?  292 PRO G N   1 
ATOM   91  C CA  . PRO A 1 15 ? 0.763   8.353   0.124   1.00 25.61 ?  292 PRO G CA  1 
ATOM   92  C C   . PRO A 1 15 ? -0.016  7.153   -0.390  1.00 27.18 ?  292 PRO G C   1 
ATOM   93  O O   . PRO A 1 15 ? -0.235  6.981   -1.591  1.00 29.09 ?  292 PRO G O   1 
ATOM   94  C CB  . PRO A 1 15 ? -0.169  9.519   0.464   1.00 25.03 ?  292 PRO G CB  1 
ATOM   95  C CG  . PRO A 1 15 ? -0.144  10.390  -0.748  1.00 24.80 ?  292 PRO G CG  1 
ATOM   96  C CD  . PRO A 1 15 ? 1.241   10.266  -1.311  1.00 24.99 ?  292 PRO G CD  1 
ATOM   97  N N   . PHE A 1 16 ? -0.440  6.313   0.558   1.00 26.32 ?  293 PHE G N   1 
ATOM   98  C CA  . PHE A 1 16 ? -1.090  5.056   0.200   1.00 25.03 ?  293 PHE G CA  1 
ATOM   99  C C   . PHE A 1 16 ? -2.411  5.283   -0.527  1.00 29.24 ?  293 PHE G C   1 
ATOM   100 O O   . PHE A 1 16 ? -2.775  4.495   -1.408  1.00 30.49 ?  293 PHE G O   1 
ATOM   101 C CB  . PHE A 1 16 ? -1.308  4.210   1.455   1.00 21.23 ?  293 PHE G CB  1 
ATOM   102 C CG  . PHE A 1 16 ? -1.781  2.813   1.172   1.00 19.61 ?  293 PHE G CG  1 
ATOM   103 C CD1 . PHE A 1 16 ? -0.874  1.805   0.894   1.00 18.45 ?  293 PHE G CD1 1 
ATOM   104 C CD2 . PHE A 1 16 ? -3.131  2.506   1.190   1.00 19.48 ?  293 PHE G CD2 1 
ATOM   105 C CE1 . PHE A 1 16 ? -1.305  0.519   0.634   1.00 18.01 ?  293 PHE G CE1 1 
ATOM   106 C CE2 . PHE A 1 16 ? -3.567  1.222   0.930   1.00 18.85 ?  293 PHE G CE2 1 
ATOM   107 C CZ  . PHE A 1 16 ? -2.652  0.227   0.652   1.00 18.07 ?  293 PHE G CZ  1 
ATOM   108 N N   . ARG A 1 17 ? -3.137  6.350   -0.182  1.00 32.08 ?  294 ARG G N   1 
ATOM   109 C CA  . ARG A 1 17 ? -4.444  6.580   -0.791  1.00 33.76 ?  294 ARG G CA  1 
ATOM   110 C C   . ARG A 1 17 ? -4.319  6.891   -2.278  1.00 32.77 ?  294 ARG G C   1 
ATOM   111 O O   . ARG A 1 17 ? -5.130  6.422   -3.086  1.00 31.47 ?  294 ARG G O   1 
ATOM   112 C CB  . ARG A 1 17 ? -5.174  7.711   -0.065  1.00 35.80 ?  294 ARG G CB  1 
ATOM   113 C CG  . ARG A 1 17 ? -6.660  7.793   -0.391  1.00 38.26 ?  294 ARG G CG  1 
ATOM   114 C CD  . ARG A 1 17 ? -7.331  8.982   0.285   1.00 40.64 ?  294 ARG G CD  1 
ATOM   115 N NE  . ARG A 1 17 ? -6.997  10.248  -0.365  1.00 42.97 ?  294 ARG G NE  1 
ATOM   116 C CZ  . ARG A 1 17 ? -6.066  11.092  0.067   1.00 44.26 ?  294 ARG G CZ  1 
ATOM   117 N NH1 . ARG A 1 17 ? -5.367  10.812  1.160   1.00 44.59 ?  294 ARG G NH1 1 
ATOM   118 N NH2 . ARG A 1 17 ? -5.833  12.219  -0.591  1.00 44.67 ?  294 ARG G NH2 1 
ATOM   119 N N   . ASP A 1 18 ? -3.316  7.684   -2.661  1.00 32.76 ?  295 ASP G N   1 
ATOM   120 C CA  . ASP A 1 18 ? -3.102  7.958   -4.077  1.00 31.65 ?  295 ASP G CA  1 
ATOM   121 C C   . ASP A 1 18 ? -2.705  6.690   -4.821  1.00 29.07 ?  295 ASP G C   1 
ATOM   122 O O   . ASP A 1 18 ? -3.123  6.471   -5.965  1.00 30.95 ?  295 ASP G O   1 
ATOM   123 C CB  . ASP A 1 18 ? -2.034  9.036   -4.251  1.00 34.18 ?  295 ASP G CB  1 
ATOM   124 C CG  . ASP A 1 18 ? -2.325  10.277  -3.435  1.00 36.47 ?  295 ASP G CG  1 
ATOM   125 O OD1 . ASP A 1 18 ? -3.327  10.280  -2.689  1.00 37.28 ?  295 ASP G OD1 1 
ATOM   126 O OD2 . ASP A 1 18 ? -1.550  11.251  -3.537  1.00 37.76 ?  295 ASP G OD2 1 
ATOM   127 N N   . TYR A 1 19 ? -1.906  5.838   -4.177  1.00 24.31 ?  296 TYR G N   1 
ATOM   128 C CA  . TYR A 1 19 ? -1.484  4.590   -4.802  1.00 19.98 ?  296 TYR G CA  1 
ATOM   129 C C   . TYR A 1 19 ? -2.666  3.659   -5.034  1.00 19.69 ?  296 TYR G C   1 
ATOM   130 O O   . TYR A 1 19 ? -2.795  3.076   -6.115  1.00 20.78 ?  296 TYR G O   1 
ATOM   131 C CB  . TYR A 1 19 ? -0.417  3.918   -3.940  1.00 17.06 ?  296 TYR G CB  1 
ATOM   132 C CG  . TYR A 1 19 ? -0.235  2.441   -4.203  1.00 15.62 ?  296 TYR G CG  1 
ATOM   133 C CD1 . TYR A 1 19 ? 0.236   1.983   -5.425  1.00 15.45 ?  296 TYR G CD1 1 
ATOM   134 C CD2 . TYR A 1 19 ? -0.518  1.506   -3.218  1.00 15.52 ?  296 TYR G CD2 1 
ATOM   135 C CE1 . TYR A 1 19 ? 0.407   0.631   -5.663  1.00 15.63 ?  296 TYR G CE1 1 
ATOM   136 C CE2 . TYR A 1 19 ? -0.349  0.156   -3.446  1.00 15.27 ?  296 TYR G CE2 1 
ATOM   137 C CZ  . TYR A 1 19 ? 0.113   -0.275  -4.668  1.00 15.54 ?  296 TYR G CZ  1 
ATOM   138 O OH  . TYR A 1 19 ? 0.280   -1.622  -4.891  1.00 15.72 ?  296 TYR G OH  1 
ATOM   139 N N   . VAL A 1 20 ? -3.545  3.511   -4.041  1.00 20.75 ?  297 VAL G N   1 
ATOM   140 C CA  . VAL A 1 20 ? -4.695  2.635   -4.236  1.00 24.45 ?  297 VAL G CA  1 
ATOM   141 C C   . VAL A 1 20 ? -5.681  3.258   -5.220  1.00 29.03 ?  297 VAL G C   1 
ATOM   142 O O   . VAL A 1 20 ? -6.357  2.541   -5.972  1.00 30.61 ?  297 VAL G O   1 
ATOM   143 C CB  . VAL A 1 20 ? -5.352  2.295   -2.882  1.00 23.17 ?  297 VAL G CB  1 
ATOM   144 C CG1 . VAL A 1 20 ? -5.940  3.531   -2.224  1.00 23.39 ?  297 VAL G CG1 1 
ATOM   145 C CG2 . VAL A 1 20 ? -6.411  1.222   -3.057  1.00 23.70 ?  297 VAL G CG2 1 
ATOM   146 N N   . ASP A 1 21 ? -5.764  4.591   -5.259  1.00 32.52 ?  298 ASP G N   1 
ATOM   147 C CA  . ASP A 1 21 ? -6.612  5.251   -6.248  1.00 36.44 ?  298 ASP G CA  1 
ATOM   148 C C   . ASP A 1 21 ? -6.134  4.946   -7.663  1.00 33.28 ?  298 ASP G C   1 
ATOM   149 O O   . ASP A 1 21 ? -6.933  4.583   -8.536  1.00 33.22 ?  298 ASP G O   1 
ATOM   150 C CB  . ASP A 1 21 ? -6.641  6.760   -5.999  1.00 42.47 ?  298 ASP G CB  1 
ATOM   151 C CG  . ASP A 1 21 ? -7.614  7.153   -4.901  1.00 49.10 ?  298 ASP G CG  1 
ATOM   152 O OD1 . ASP A 1 21 ? -8.298  6.258   -4.359  1.00 51.24 ?  298 ASP G OD1 1 
ATOM   153 O OD2 . ASP A 1 21 ? -7.700  8.359   -4.584  1.00 51.62 ?  298 ASP G OD2 1 
ATOM   154 N N   . ARG A 1 22 ? -4.828  5.088   -7.911  1.00 29.28 ?  299 ARG G N   1 
ATOM   155 C CA  . ARG A 1 22 ? -4.292  4.720   -9.218  1.00 25.95 ?  299 ARG G CA  1 
ATOM   156 C C   . ARG A 1 22 ? -4.448  3.229   -9.481  1.00 26.70 ?  299 ARG G C   1 
ATOM   157 O O   . ARG A 1 22 ? -4.622  2.816   -10.635 1.00 28.46 ?  299 ARG G O   1 
ATOM   158 C CB  . ARG A 1 22 ? -2.819  5.121   -9.324  1.00 23.82 ?  299 ARG G CB  1 
ATOM   159 C CG  . ARG A 1 22 ? -2.564  6.610   -9.156  1.00 22.47 ?  299 ARG G CG  1 
ATOM   160 C CD  . ARG A 1 22 ? -1.120  6.982   -9.474  1.00 20.09 ?  299 ARG G CD  1 
ATOM   161 N NE  . ARG A 1 22 ? -0.156  6.265   -8.643  1.00 18.42 ?  299 ARG G NE  1 
ATOM   162 C CZ  . ARG A 1 22 ? 0.619   5.278   -9.079  1.00 18.42 ?  299 ARG G CZ  1 
ATOM   163 N NH1 . ARG A 1 22 ? 0.550   4.887   -10.344 1.00 18.99 ?  299 ARG G NH1 1 
ATOM   164 N NH2 . ARG A 1 22 ? 1.469   4.684   -8.253  1.00 18.20 ?  299 ARG G NH2 1 
ATOM   165 N N   . PHE A 1 23 ? -4.400  2.411   -8.427  1.00 25.96 ?  300 PHE G N   1 
ATOM   166 C CA  . PHE A 1 23 ? -4.516  0.968   -8.597  1.00 25.85 ?  300 PHE G CA  1 
ATOM   167 C C   . PHE A 1 23 ? -5.900  0.585   -9.103  1.00 28.81 ?  300 PHE G C   1 
ATOM   168 O O   . PHE A 1 23 ? -6.029  -0.164  -10.078 1.00 29.95 ?  300 PHE G O   1 
ATOM   169 C CB  . PHE A 1 23 ? -4.203  0.261   -7.277  1.00 24.11 ?  300 PHE G CB  1 
ATOM   170 C CG  . PHE A 1 23 ? -4.133  -1.236  -7.390  1.00 23.65 ?  300 PHE G CG  1 
ATOM   171 C CD1 . PHE A 1 23 ? -2.944  -1.860  -7.722  1.00 16.47 ?  300 PHE G CD1 1 
ATOM   172 C CD2 . PHE A 1 23 ? -5.252  -2.016  -7.154  1.00 16.49 ?  300 PHE G CD2 1 
ATOM   173 C CE1 . PHE A 1 23 ? -2.873  -3.236  -7.824  1.00 16.93 ?  300 PHE G CE1 1 
ATOM   174 C CE2 . PHE A 1 23 ? -5.188  -3.392  -7.256  1.00 17.04 ?  300 PHE G CE2 1 
ATOM   175 C CZ  . PHE A 1 23 ? -3.997  -4.004  -7.591  1.00 16.86 ?  300 PHE G CZ  1 
ATOM   176 N N   . TYR A 1 24 ? -6.952  1.092   -8.454  1.00 30.05 ?  301 TYR G N   1 
ATOM   177 C CA  . TYR A 1 24 ? -8.303  0.788   -8.917  1.00 30.49 ?  301 TYR G CA  1 
ATOM   178 C C   . TYR A 1 24 ? -8.623  1.493   -10.229 1.00 35.10 ?  301 TYR G C   1 
ATOM   179 O O   . TYR A 1 24 ? -9.351  0.943   -11.065 1.00 35.50 ?  301 TYR G O   1 
ATOM   180 C CB  . TYR A 1 24 ? -9.328  1.160   -7.847  1.00 25.34 ?  301 TYR G CB  1 
ATOM   181 C CG  . TYR A 1 24 ? -9.482  0.114   -6.768  1.00 22.11 ?  301 TYR G CG  1 
ATOM   182 C CD1 . TYR A 1 24 ? -10.442 -0.883  -6.876  1.00 22.46 ?  301 TYR G CD1 1 
ATOM   183 C CD2 . TYR A 1 24 ? -8.667  0.119   -5.645  1.00 20.14 ?  301 TYR G CD2 1 
ATOM   184 C CE1 . TYR A 1 24 ? -10.589 -1.844  -5.894  1.00 22.06 ?  301 TYR G CE1 1 
ATOM   185 C CE2 . TYR A 1 24 ? -8.807  -0.837  -4.658  1.00 19.85 ?  301 TYR G CE2 1 
ATOM   186 C CZ  . TYR A 1 24 ? -9.769  -1.815  -4.787  1.00 20.94 ?  301 TYR G CZ  1 
ATOM   187 O OH  . TYR A 1 24 ? -9.911  -2.770  -3.806  1.00 20.91 ?  301 TYR G OH  1 
ATOM   188 N N   . LYS A 1 25 ? -8.092  2.702   -10.430 1.00 38.77 ?  302 LYS G N   1 
ATOM   189 C CA  . LYS A 1 25 ? -8.304  3.400   -11.694 1.00 39.53 ?  302 LYS G CA  1 
ATOM   190 C C   . LYS A 1 25 ? -7.734  2.604   -12.862 1.00 41.43 ?  302 LYS G C   1 
ATOM   191 O O   . LYS A 1 25 ? -8.378  2.475   -13.908 1.00 42.34 ?  302 LYS G O   1 
ATOM   192 C CB  . LYS A 1 25 ? -7.681  4.794   -11.637 1.00 38.14 ?  302 LYS G CB  1 
ATOM   193 N N   . THR A 1 26 ? -6.527  2.059   -12.698 1.00 38.54 ?  303 THR G N   1 
ATOM   194 C CA  . THR A 1 26 ? -5.955  1.213   -13.739 1.00 37.41 ?  303 THR G CA  1 
ATOM   195 C C   . THR A 1 26 ? -6.670  -0.130  -13.822 1.00 38.13 ?  303 THR G C   1 
ATOM   196 O O   . THR A 1 26 ? -6.774  -0.710  -14.909 1.00 39.57 ?  303 THR G O   1 
ATOM   197 C CB  . THR A 1 26 ? -4.462  1.005   -13.485 1.00 37.28 ?  303 THR G CB  1 
ATOM   198 O OG1 . THR A 1 26 ? -3.828  2.275   -13.295 1.00 37.38 ?  303 THR G OG1 1 
ATOM   199 C CG2 . THR A 1 26 ? -3.807  0.295   -14.662 1.00 38.01 ?  303 THR G CG2 1 
ATOM   200 N N   . LEU A 1 27 ? -7.176  -0.632  -12.692 1.00 37.87 ?  304 LEU G N   1 
ATOM   201 C CA  . LEU A 1 27 ? -7.858  -1.922  -12.694 1.00 39.19 ?  304 LEU G CA  1 
ATOM   202 C C   . LEU A 1 27 ? -9.167  -1.857  -13.473 1.00 43.74 ?  304 LEU G C   1 
ATOM   203 O O   . LEU A 1 27 ? -9.546  -2.829  -14.139 1.00 45.51 ?  304 LEU G O   1 
ATOM   204 C CB  . LEU A 1 27 ? -8.110  -2.388  -11.260 1.00 35.00 ?  304 LEU G CB  1 
ATOM   205 C CG  . LEU A 1 27 ? -8.766  -3.763  -11.108 1.00 31.57 ?  304 LEU G CG  1 
ATOM   206 C CD1 . LEU A 1 27 ? -7.893  -4.840  -11.728 1.00 31.08 ?  304 LEU G CD1 1 
ATOM   207 C CD2 . LEU A 1 27 ? -9.048  -4.074  -9.648  1.00 30.09 ?  304 LEU G CD2 1 
ATOM   208 N N   . ARG A 1 28 ? -9.870  -0.723  -13.406 1.00 45.67 ?  305 ARG G N   1 
ATOM   209 C CA  . ARG A 1 28 ? -11.104 -0.577  -14.169 1.00 48.64 ?  305 ARG G CA  1 
ATOM   210 C C   . ARG A 1 28 ? -10.857 -0.552  -15.673 1.00 49.18 ?  305 ARG G C   1 
ATOM   211 O O   . ARG A 1 28 ? -11.792 -0.797  -16.444 1.00 49.54 ?  305 ARG G O   1 
ATOM   212 C CB  . ARG A 1 28 ? -11.847 0.693   -13.749 1.00 51.94 ?  305 ARG G CB  1 
ATOM   213 C CG  . ARG A 1 28 ? -12.467 0.629   -12.359 1.00 54.52 ?  305 ARG G CG  1 
ATOM   214 C CD  . ARG A 1 28 ? -13.450 1.773   -12.140 1.00 58.30 ?  305 ARG G CD  1 
ATOM   215 N NE  . ARG A 1 28 ? -12.816 3.082   -12.276 1.00 61.53 ?  305 ARG G NE  1 
ATOM   216 C CZ  . ARG A 1 28 ? -12.384 3.815   -11.255 1.00 62.28 ?  305 ARG G CZ  1 
ATOM   217 N NH1 . ARG A 1 28 ? -12.522 3.372   -10.011 1.00 62.30 ?  305 ARG G NH1 1 
ATOM   218 N NH2 . ARG A 1 28 ? -11.818 4.995   -11.474 1.00 61.73 ?  305 ARG G NH2 1 
ATOM   219 N N   . ALA A 1 29 ? -9.628  -0.269  -16.106 1.00 48.14 ?  306 ALA G N   1 
ATOM   220 C CA  . ALA A 1 29 ? -9.283  -0.208  -17.521 1.00 49.00 ?  306 ALA G CA  1 
ATOM   221 C C   . ALA A 1 29 ? -8.367  -1.355  -17.938 1.00 49.27 ?  306 ALA G C   1 
ATOM   222 O O   . ALA A 1 29 ? -7.518  -1.191  -18.818 1.00 49.56 ?  306 ALA G O   1 
ATOM   223 C CB  . ALA A 1 29 ? -8.637  1.137   -17.853 1.00 50.07 ?  306 ALA G CB  1 
ATOM   224 N N   . GLU A 1 30 ? -8.526  -2.520  -17.316 1.00 46.18 ?  307 GLU G N   1 
ATOM   225 C CA  . GLU A 1 30 ? -7.726  -3.697  -17.624 1.00 45.38 ?  307 GLU G CA  1 
ATOM   226 C C   . GLU A 1 30 ? -8.621  -4.790  -18.189 1.00 45.09 ?  307 GLU G C   1 
ATOM   227 O O   . GLU A 1 30 ? -9.743  -4.996  -17.712 1.00 44.14 ?  307 GLU G O   1 
ATOM   228 C CB  . GLU A 1 30 ? -6.987  -4.209  -16.380 1.00 43.72 ?  307 GLU G CB  1 
ATOM   229 C CG  . GLU A 1 30 ? -6.003  -5.344  -16.648 1.00 42.50 ?  307 GLU G CG  1 
ATOM   230 C CD  . GLU A 1 30 ? -4.734  -4.878  -17.344 1.00 42.06 ?  307 GLU G CD  1 
ATOM   231 O OE1 . GLU A 1 30 ? -4.533  -3.651  -17.469 1.00 42.33 ?  307 GLU G OE1 1 
ATOM   232 O OE2 . GLU A 1 30 ? -3.935  -5.741  -17.762 1.00 41.73 ?  307 GLU G OE2 1 
ATOM   233 N N   . GLN A 1 31 ? -8.121  -5.488  -19.206 1.00 45.16 ?  308 GLN G N   1 
ATOM   234 C CA  . GLN A 1 31 ? -8.879  -6.543  -19.876 1.00 45.09 ?  308 GLN G CA  1 
ATOM   235 C C   . GLN A 1 31 ? -8.753  -7.824  -19.061 1.00 44.96 ?  308 GLN G C   1 
ATOM   236 O O   . GLN A 1 31 ? -7.851  -8.638  -19.271 1.00 45.17 ?  308 GLN G O   1 
ATOM   237 C CB  . GLN A 1 31 ? -8.387  -6.735  -21.306 1.00 45.61 ?  308 GLN G CB  1 
ATOM   238 C CG  . GLN A 1 31 ? -8.515  -5.497  -22.184 1.00 44.96 ?  308 GLN G CG  1 
ATOM   239 C CD  . GLN A 1 31 ? -9.958  -5.146  -22.507 1.00 44.81 ?  308 GLN G CD  1 
ATOM   240 O OE1 . GLN A 1 31 ? -10.874 -5.930  -22.255 1.00 45.38 ?  308 GLN G OE1 1 
ATOM   241 N NE2 . GLN A 1 31 ? -10.164 -3.962  -23.073 1.00 44.02 ?  308 GLN G NE2 1 
ATOM   242 N N   . ALA A 1 32 ? -9.677  -8.007  -18.121 1.00 44.96 ?  309 ALA G N   1 
ATOM   243 C CA  . ALA A 1 32 ? -9.696  -9.191  -17.275 1.00 45.53 ?  309 ALA G CA  1 
ATOM   244 C C   . ALA A 1 32 ? -11.096 -9.361  -16.705 1.00 44.03 ?  309 ALA G C   1 
ATOM   245 O O   . ALA A 1 32 ? -11.859 -8.398  -16.584 1.00 44.53 ?  309 ALA G O   1 
ATOM   246 C CB  . ALA A 1 32 ? -8.661  -9.096  -16.150 1.00 46.32 ?  309 ALA G CB  1 
ATOM   247 N N   . SER A 1 33 ? -11.424 -10.601 -16.353 1.00 42.78 ?  310 SER G N   1 
ATOM   248 C CA  . SER A 1 33 ? -12.732 -10.902 -15.792 1.00 44.16 ?  310 SER G CA  1 
ATOM   249 C C   . SER A 1 33 ? -12.829 -10.360 -14.366 1.00 44.20 ?  310 SER G C   1 
ATOM   250 O O   . SER A 1 33 ? -11.865 -9.844  -13.795 1.00 42.98 ?  310 SER G O   1 
ATOM   251 C CB  . SER A 1 33 ? -12.991 -12.407 -15.831 1.00 44.15 ?  310 SER G CB  1 
ATOM   252 O OG  . SER A 1 33 ? -12.048 -13.107 -15.041 1.00 42.27 ?  310 SER G OG  1 
ATOM   253 N N   . GLN A 1 34 ? -14.022 -10.488 -13.781 1.00 45.45 ?  311 GLN G N   1 
ATOM   254 C CA  . GLN A 1 34 ? -14.254 -9.957  -12.441 1.00 49.88 ?  311 GLN G CA  1 
ATOM   255 C C   . GLN A 1 34 ? -13.429 -10.704 -11.399 1.00 53.14 ?  311 GLN G C   1 
ATOM   256 O O   . GLN A 1 34 ? -12.788 -10.085 -10.540 1.00 55.92 ?  311 GLN G O   1 
ATOM   257 C CB  . GLN A 1 34 ? -15.743 -10.025 -12.102 1.00 51.97 ?  311 GLN G CB  1 
ATOM   258 N N   . GLU A 1 35 ? -13.432 -12.038 -11.459 1.00 54.06 ?  312 GLU G N   1 
ATOM   259 C CA  . GLU A 1 35 ? -12.668 -12.824 -10.494 1.00 54.51 ?  312 GLU G CA  1 
ATOM   260 C C   . GLU A 1 35 ? -11.177 -12.533 -10.600 1.00 50.69 ?  312 GLU G C   1 
ATOM   261 O O   . GLU A 1 35 ? -10.474 -12.468 -9.583  1.00 50.17 ?  312 GLU G O   1 
ATOM   262 C CB  . GLU A 1 35 ? -12.940 -14.315 -10.696 1.00 60.97 ?  312 GLU G CB  1 
ATOM   263 C CG  . GLU A 1 35 ? -14.399 -14.710 -10.535 1.00 66.45 ?  312 GLU G CG  1 
ATOM   264 C CD  . GLU A 1 35 ? -14.605 -16.213 -10.596 1.00 72.82 ?  312 GLU G CD  1 
ATOM   265 O OE1 . GLU A 1 35 ? -13.598 -16.954 -10.606 1.00 75.08 ?  312 GLU G OE1 1 
ATOM   266 O OE2 . GLU A 1 35 ? -15.773 -16.653 -10.634 1.00 74.87 ?  312 GLU G OE2 1 
ATOM   267 N N   . VAL A 1 36 ? -10.677 -12.349 -11.824 1.00 46.81 ?  313 VAL G N   1 
ATOM   268 C CA  . VAL A 1 36 ? -9.267  -12.028 -12.012 1.00 44.26 ?  313 VAL G CA  1 
ATOM   269 C C   . VAL A 1 36 ? -8.945  -10.663 -11.417 1.00 41.81 ?  313 VAL G C   1 
ATOM   270 O O   . VAL A 1 36 ? -7.884  -10.469 -10.811 1.00 42.75 ?  313 VAL G O   1 
ATOM   271 C CB  . VAL A 1 36 ? -8.899  -12.102 -13.505 1.00 45.41 ?  313 VAL G CB  1 
ATOM   272 C CG1 . VAL A 1 36 ? -7.489  -11.583 -13.734 1.00 46.15 ?  313 VAL G CG1 1 
ATOM   273 C CG2 . VAL A 1 36 ? -9.027  -13.532 -14.006 1.00 46.23 ?  313 VAL G CG2 1 
ATOM   274 N N   . LYS A 1 37 ? -9.854  -9.697  -11.569 1.00 39.11 ?  314 LYS G N   1 
ATOM   275 C CA  . LYS A 1 37 ? -9.634  -8.386  -10.967 1.00 37.15 ?  314 LYS G CA  1 
ATOM   276 C C   . LYS A 1 37 ? -9.656  -8.467  -9.445  1.00 35.53 ?  314 LYS G C   1 
ATOM   277 O O   . LYS A 1 37 ? -8.908  -7.750  -8.769  1.00 36.10 ?  314 LYS G O   1 
ATOM   278 C CB  . LYS A 1 37 ? -10.677 -7.392  -11.476 1.00 37.09 ?  314 LYS G CB  1 
ATOM   279 C CG  . LYS A 1 37 ? -10.539 -7.050  -12.952 1.00 36.95 ?  314 LYS G CG  1 
ATOM   280 C CD  . LYS A 1 37 ? -11.524 -5.968  -13.366 1.00 36.50 ?  314 LYS G CD  1 
ATOM   281 C CE  . LYS A 1 37 ? -11.335 -5.570  -14.822 1.00 36.25 ?  314 LYS G CE  1 
ATOM   282 N NZ  . LYS A 1 37 ? -12.254 -4.466  -15.213 1.00 36.20 ?  314 LYS G NZ  1 
ATOM   283 N N   . ASN A 1 38 ? -10.503 -9.337  -8.887  1.00 33.48 ?  315 ASN G N   1 
ATOM   284 C CA  . ASN A 1 38 ? -10.518 -9.526  -7.439  1.00 31.82 ?  315 ASN G CA  1 
ATOM   285 C C   . ASN A 1 38 ? -9.214  -10.144 -6.947  1.00 30.61 ?  315 ASN G C   1 
ATOM   286 O O   . ASN A 1 38 ? -8.660  -9.714  -5.927  1.00 31.15 ?  315 ASN G O   1 
ATOM   287 C CB  . ASN A 1 38 ? -11.711 -10.392 -7.036  1.00 32.18 ?  315 ASN G CB  1 
ATOM   288 C CG  . ASN A 1 38 ? -13.037 -9.670  -7.188  1.00 32.91 ?  315 ASN G CG  1 
ATOM   289 O OD1 . ASN A 1 38 ? -13.663 -9.286  -6.200  1.00 33.89 ?  315 ASN G OD1 1 
ATOM   290 N ND2 . ASN A 1 38 ? -13.471 -9.477  -8.428  1.00 32.85 ?  315 ASN G ND2 1 
ATOM   291 N N   . TRP A 1 39 ? -8.710  -11.157 -7.659  1.00 28.98 ?  316 TRP G N   1 
ATOM   292 C CA  . TRP A 1 39 ? -7.448  -11.781 -7.274  1.00 27.15 ?  316 TRP G CA  1 
ATOM   293 C C   . TRP A 1 39 ? -6.288  -10.795 -7.388  1.00 28.34 ?  316 TRP G C   1 
ATOM   294 O O   . TRP A 1 39 ? -5.409  -10.750 -6.515  1.00 29.00 ?  316 TRP G O   1 
ATOM   295 C CB  . TRP A 1 39 ? -7.211  -13.023 -8.136  1.00 24.39 ?  316 TRP G CB  1 
ATOM   296 C CG  . TRP A 1 39 ? -5.909  -13.720 -7.900  1.00 21.72 ?  316 TRP G CG  1 
ATOM   297 C CD1 . TRP A 1 39 ? -5.463  -14.259 -6.727  1.00 20.73 ?  316 TRP G CD1 1 
ATOM   298 C CD2 . TRP A 1 39 ? -4.894  -13.982 -8.873  1.00 20.00 ?  316 TRP G CD2 1 
ATOM   299 N NE1 . TRP A 1 39 ? -4.224  -14.825 -6.907  1.00 18.37 ?  316 TRP G NE1 1 
ATOM   300 C CE2 . TRP A 1 39 ? -3.854  -14.668 -8.217  1.00 18.87 ?  316 TRP G CE2 1 
ATOM   301 C CE3 . TRP A 1 39 ? -4.760  -13.693 -10.234 1.00 20.93 ?  316 TRP G CE3 1 
ATOM   302 C CZ2 . TRP A 1 39 ? -2.696  -15.071 -8.875  1.00 20.11 ?  316 TRP G CZ2 1 
ATOM   303 C CZ3 . TRP A 1 39 ? -3.611  -14.098 -10.888 1.00 21.55 ?  316 TRP G CZ3 1 
ATOM   304 C CH2 . TRP A 1 39 ? -2.592  -14.777 -10.208 1.00 21.11 ?  316 TRP G CH2 1 
ATOM   305 N N   . MET A 1 40 ? -6.276  -9.990  -8.455  1.00 28.29 ?  317 MET G N   1 
ATOM   306 C CA  . MET A 1 40 ? -5.280  -8.929  -8.578  1.00 27.75 ?  317 MET G CA  1 
ATOM   307 C C   . MET A 1 40 ? -5.377  -7.950  -7.416  1.00 28.47 ?  317 MET G C   1 
ATOM   308 O O   . MET A 1 40 ? -4.354  -7.487  -6.897  1.00 27.88 ?  317 MET G O   1 
ATOM   309 C CB  . MET A 1 40 ? -5.453  -8.195  -9.905  1.00 27.02 ?  317 MET G CB  1 
ATOM   310 C CG  . MET A 1 40 ? -5.040  -8.991  -11.126 1.00 27.79 ?  317 MET G CG  1 
ATOM   311 S SD  . MET A 1 40 ? -5.463  -8.131  -12.652 1.00 28.62 ?  317 MET G SD  1 
ATOM   312 C CE  . MET A 1 40 ? -4.570  -9.113  -13.852 1.00 28.98 ?  317 MET G CE  1 
ATOM   313 N N   . THR A 1 41 ? -6.600  -7.615  -6.998  1.00 30.47 ?  318 THR G N   1 
ATOM   314 C CA  . THR A 1 41 ? -6.774  -6.767  -5.824  1.00 32.40 ?  318 THR G CA  1 
ATOM   315 C C   . THR A 1 41 ? -6.208  -7.426  -4.573  1.00 33.83 ?  318 THR G C   1 
ATOM   316 O O   . THR A 1 41 ? -5.662  -6.739  -3.701  1.00 32.69 ?  318 THR G O   1 
ATOM   317 C CB  . THR A 1 41 ? -8.257  -6.441  -5.627  1.00 32.71 ?  318 THR G CB  1 
ATOM   318 O OG1 . THR A 1 41 ? -8.755  -5.755  -6.781  1.00 33.62 ?  318 THR G OG1 1 
ATOM   319 C CG2 . THR A 1 41 ? -8.461  -5.569  -4.398  1.00 32.19 ?  318 THR G CG2 1 
ATOM   320 N N   . GLU A 1 42 ? -6.309  -8.751  -4.475  1.00 35.76 ?  319 GLU G N   1 
ATOM   321 C CA  . GLU A 1 42 ? -5.834  -9.459  -3.294  1.00 35.42 ?  319 GLU G CA  1 
ATOM   322 C C   . GLU A 1 42 ? -4.346  -9.782  -3.338  1.00 31.39 ?  319 GLU G C   1 
ATOM   323 O O   . GLU A 1 42 ? -3.807  -10.254 -2.331  1.00 30.03 ?  319 GLU G O   1 
ATOM   324 C CB  . GLU A 1 42 ? -6.629  -10.753 -3.101  1.00 40.23 ?  319 GLU G CB  1 
ATOM   325 C CG  . GLU A 1 42 ? -8.102  -10.536 -2.792  1.00 44.92 ?  319 GLU G CG  1 
ATOM   326 C CD  . GLU A 1 42 ? -8.845  -11.838 -2.576  1.00 50.17 ?  319 GLU G CD  1 
ATOM   327 O OE1 . GLU A 1 42 ? -8.269  -12.907 -2.868  1.00 52.33 ?  319 GLU G OE1 1 
ATOM   328 O OE2 . GLU A 1 42 ? -10.004 -11.795 -2.110  1.00 52.05 ?  319 GLU G OE2 1 
ATOM   329 N N   . THR A 1 43 ? -3.664  -9.544  -4.461  1.00 29.01 ?  320 THR G N   1 
ATOM   330 C CA  . THR A 1 43 ? -2.238  -9.847  -4.560  1.00 28.66 ?  320 THR G CA  1 
ATOM   331 C C   . THR A 1 43 ? -1.395  -8.613  -4.857  1.00 29.08 ?  320 THR G C   1 
ATOM   332 O O   . THR A 1 43 ? -0.494  -8.283  -4.076  1.00 31.39 ?  320 THR G O   1 
ATOM   333 C CB  . THR A 1 43 ? -2.001  -10.920 -5.631  1.00 28.55 ?  320 THR G CB  1 
ATOM   334 O OG1 . THR A 1 43 ? -2.711  -12.114 -5.279  1.00 27.29 ?  320 THR G OG1 1 
ATOM   335 C CG2 . THR A 1 43 ? -0.518  -11.232 -5.750  1.00 29.43 ?  320 THR G CG2 1 
ATOM   336 N N   . LEU A 1 44 ? -1.659  -7.921  -5.966  1.00 27.28 ?  321 LEU G N   1 
ATOM   337 C CA  . LEU A 1 44 ? -0.769  -6.861  -6.423  1.00 25.89 ?  321 LEU G CA  1 
ATOM   338 C C   . LEU A 1 44 ? -0.865  -5.596  -5.578  1.00 25.19 ?  321 LEU G C   1 
ATOM   339 O O   . LEU A 1 44 ? 0.117   -4.850  -5.483  1.00 26.37 ?  321 LEU G O   1 
ATOM   340 C CB  . LEU A 1 44 ? -1.066  -6.532  -7.887  1.00 24.84 ?  321 LEU G CB  1 
ATOM   341 C CG  . LEU A 1 44 ? -0.852  -7.684  -8.866  1.00 24.17 ?  321 LEU G CG  1 
ATOM   342 C CD1 . LEU A 1 44 ? -1.357  -7.317  -10.252 1.00 24.19 ?  321 LEU G CD1 1 
ATOM   343 C CD2 . LEU A 1 44 ? 0.619   -8.064  -8.910  1.00 24.16 ?  321 LEU G CD2 1 
ATOM   344 N N   . LEU A 1 45 ? -2.023  -5.330  -4.966  1.00 23.76 ?  322 LEU G N   1 
ATOM   345 C CA  . LEU A 1 45 ? -2.195  -4.081  -4.229  1.00 23.49 ?  322 LEU G CA  1 
ATOM   346 C C   . LEU A 1 45 ? -1.239  -3.997  -3.047  1.00 23.70 ?  322 LEU G C   1 
ATOM   347 O O   . LEU A 1 45 ? -0.732  -2.917  -2.723  1.00 22.93 ?  322 LEU G O   1 
ATOM   348 C CB  . LEU A 1 45 ? -3.643  -3.938  -3.761  1.00 22.83 ?  322 LEU G CB  1 
ATOM   349 C CG  . LEU A 1 45 ? -3.964  -2.640  -3.015  1.00 21.81 ?  322 LEU G CG  1 
ATOM   350 C CD1 . LEU A 1 45 ? -3.630  -1.428  -3.874  1.00 21.15 ?  322 LEU G CD1 1 
ATOM   351 C CD2 . LEU A 1 45 ? -5.420  -2.603  -2.578  1.00 21.91 ?  322 LEU G CD2 1 
ATOM   352 N N   . VAL A 1 46 ? -0.977  -5.127  -2.391  1.00 24.10 ?  323 VAL G N   1 
ATOM   353 C CA  . VAL A 1 46 ? -0.058  -5.164  -1.259  1.00 23.83 ?  323 VAL G CA  1 
ATOM   354 C C   . VAL A 1 46 ? 1.324   -5.571  -1.753  1.00 23.17 ?  323 VAL G C   1 
ATOM   355 O O   . VAL A 1 46 ? 2.345   -5.156  -1.192  1.00 20.11 ?  323 VAL G O   1 
ATOM   356 C CB  . VAL A 1 46 ? -0.563  -6.118  -0.162  1.00 23.90 ?  323 VAL G CB  1 
ATOM   357 C CG1 . VAL A 1 46 ? 0.352   -6.073  1.053   1.00 23.24 ?  323 VAL G CG1 1 
ATOM   358 C CG2 . VAL A 1 46 ? -1.989  -5.764  0.229   1.00 24.27 ?  323 VAL G CG2 1 
ATOM   359 N N   . GLN A 1 47 ? 1.365   -6.381  -2.816  1.00 24.61 ?  324 GLN G N   1 
ATOM   360 C CA  . GLN A 1 47 ? 2.647   -6.831  -3.348  1.00 25.94 ?  324 GLN G CA  1 
ATOM   361 C C   . GLN A 1 47 ? 3.482   -5.660  -3.855  1.00 24.97 ?  324 GLN G C   1 
ATOM   362 O O   . GLN A 1 47 ? 4.706   -5.638  -3.678  1.00 25.11 ?  324 GLN G O   1 
ATOM   363 C CB  . GLN A 1 47 ? 2.419   -7.849  -4.466  1.00 30.82 ?  324 GLN G CB  1 
ATOM   364 C CG  . GLN A 1 47 ? 3.696   -8.387  -5.101  1.00 34.44 ?  324 GLN G CG  1 
ATOM   365 C CD  . GLN A 1 47 ? 4.451   -9.334  -4.188  1.00 37.13 ?  324 GLN G CD  1 
ATOM   366 O OE1 . GLN A 1 47 ? 5.421   -8.946  -3.537  1.00 38.69 ?  324 GLN G OE1 1 
ATOM   367 N NE2 . GLN A 1 47 ? 4.011   -10.589 -4.141  1.00 37.26 ?  324 GLN G NE2 1 
ATOM   368 N N   . ASN A 1 48 ? 2.838   -4.668  -4.473  1.00 24.13 ?  325 ASN G N   1 
ATOM   369 C CA  . ASN A 1 48 ? 3.529   -3.562  -5.126  1.00 23.44 ?  325 ASN G CA  1 
ATOM   370 C C   . ASN A 1 48 ? 3.483   -2.273  -4.311  1.00 22.68 ?  325 ASN G C   1 
ATOM   371 O O   . ASN A 1 48 ? 3.393   -1.181  -4.886  1.00 24.47 ?  325 ASN G O   1 
ATOM   372 C CB  . ASN A 1 48 ? 2.944   -3.324  -6.518  1.00 24.90 ?  325 ASN G CB  1 
ATOM   373 C CG  . ASN A 1 48 ? 3.189   -4.482  -7.459  1.00 27.22 ?  325 ASN G CG  1 
ATOM   374 O OD1 . ASN A 1 48 ? 4.300   -5.007  -7.544  1.00 28.11 ?  325 ASN G OD1 1 
ATOM   375 N ND2 . ASN A 1 48 ? 2.148   -4.894  -8.172  1.00 28.35 ?  325 ASN G ND2 1 
ATOM   376 N N   . ALA A 1 49 ? 3.542   -2.368  -2.990  1.00 20.91 ?  326 ALA G N   1 
ATOM   377 C CA  . ALA A 1 49 ? 3.605   -1.190  -2.138  1.00 19.78 ?  326 ALA G CA  1 
ATOM   378 C C   . ALA A 1 49 ? 5.054   -0.896  -1.760  1.00 20.19 ?  326 ALA G C   1 
ATOM   379 O O   . ALA A 1 49 ? 5.955   -1.712  -1.959  1.00 20.28 ?  326 ALA G O   1 
ATOM   380 C CB  . ALA A 1 49 ? 2.745   -1.380  -0.886  1.00 12.75 ?  326 ALA G CB  1 
ATOM   381 N N   . ASN A 1 50 ? 5.275   0.300   -1.221  1.00 20.84 ?  327 ASN G N   1 
ATOM   382 C CA  . ASN A 1 50 ? 6.604   0.674   -0.769  1.00 20.43 ?  327 ASN G CA  1 
ATOM   383 C C   . ASN A 1 50 ? 6.899   0.021   0.578   1.00 19.22 ?  327 ASN G C   1 
ATOM   384 O O   . ASN A 1 50 ? 5.979   -0.371  1.299   1.00 17.47 ?  327 ASN G O   1 
ATOM   385 C CB  . ASN A 1 50 ? 6.720   2.194   -0.675  1.00 20.96 ?  327 ASN G CB  1 
ATOM   386 C CG  . ASN A 1 50 ? 5.903   2.776   0.458   1.00 22.62 ?  327 ASN G CG  1 
ATOM   387 O OD1 . ASN A 1 50 ? 4.859   2.242   0.821   1.00 25.07 ?  327 ASN G OD1 1 
ATOM   388 N ND2 . ASN A 1 50 ? 6.377   3.880   1.023   1.00 22.05 ?  327 ASN G ND2 1 
ATOM   389 N N   . PRO A 1 51 ? 8.181   -0.129  0.933   1.00 20.87 ?  328 PRO G N   1 
ATOM   390 C CA  . PRO A 1 51 ? 8.508   -0.839  2.183   1.00 22.92 ?  328 PRO G CA  1 
ATOM   391 C C   . PRO A 1 51 ? 7.890   -0.219  3.424   1.00 26.62 ?  328 PRO G C   1 
ATOM   392 O O   . PRO A 1 51 ? 7.436   -0.952  4.315   1.00 28.12 ?  328 PRO G O   1 
ATOM   393 C CB  . PRO A 1 51 ? 10.041  -0.778  2.223   1.00 22.08 ?  328 PRO G CB  1 
ATOM   394 C CG  . PRO A 1 51 ? 10.447  -0.637  0.797   1.00 22.35 ?  328 PRO G CG  1 
ATOM   395 C CD  . PRO A 1 51 ? 9.388   0.204   0.156   1.00 21.58 ?  328 PRO G CD  1 
ATOM   396 N N   . ASP A 1 52 ? 7.856   1.115   3.504   1.00 27.98 ?  329 ASP G N   1 
ATOM   397 C CA  . ASP A 1 52 ? 7.327   1.777   4.694   1.00 28.78 ?  329 ASP G CA  1 
ATOM   398 C C   . ASP A 1 52 ? 5.871   1.406   4.947   1.00 27.04 ?  329 ASP G C   1 
ATOM   399 O O   . ASP A 1 52 ? 5.446   1.325   6.105   1.00 27.87 ?  329 ASP G O   1 
ATOM   400 C CB  . ASP A 1 52 ? 7.477   3.293   4.565   1.00 31.81 ?  329 ASP G CB  1 
ATOM   401 C CG  . ASP A 1 52 ? 8.930   3.733   4.485   1.00 34.23 ?  329 ASP G CG  1 
ATOM   402 O OD1 . ASP A 1 52 ? 9.499   3.725   3.372   1.00 34.85 ?  329 ASP G OD1 1 
ATOM   403 O OD2 . ASP A 1 52 ? 9.505   4.082   5.540   1.00 34.43 ?  329 ASP G OD2 1 
ATOM   404 N N   . CYS A 1 53 ? 5.096   1.174   3.888   1.00 24.82 ?  330 CYS G N   1 
ATOM   405 C CA  . CYS A 1 53 ? 3.725   0.712   4.054   1.00 24.61 ?  330 CYS G CA  1 
ATOM   406 C C   . CYS A 1 53 ? 3.616   -0.806  4.078   1.00 26.48 ?  330 CYS G C   1 
ATOM   407 O O   . CYS A 1 53 ? 2.700   -1.338  4.713   1.00 27.73 ?  330 CYS G O   1 
ATOM   408 C CB  . CYS A 1 53 ? 2.832   1.271   2.943   1.00 24.43 ?  330 CYS G CB  1 
ATOM   409 S SG  . CYS A 1 53 ? 2.636   3.070   2.982   1.00 25.03 ?  330 CYS G SG  1 
ATOM   410 N N   . LYS A 1 54 ? 4.527   -1.518  3.405   1.00 26.68 ?  331 LYS G N   1 
ATOM   411 C CA  . LYS A 1 54 ? 4.508   -2.977  3.471   1.00 24.46 ?  331 LYS G CA  1 
ATOM   412 C C   . LYS A 1 54 ? 4.783   -3.472  4.883   1.00 22.32 ?  331 LYS G C   1 
ATOM   413 O O   . LYS A 1 54 ? 4.355   -4.574  5.249   1.00 22.50 ?  331 LYS G O   1 
ATOM   414 C CB  . LYS A 1 54 ? 5.525   -3.573  2.496   1.00 24.20 ?  331 LYS G CB  1 
ATOM   415 C CG  . LYS A 1 54 ? 5.134   -3.444  1.035   1.00 24.71 ?  331 LYS G CG  1 
ATOM   416 C CD  . LYS A 1 54 ? 6.162   -4.086  0.114   1.00 26.10 ?  331 LYS G CD  1 
ATOM   417 C CE  . LYS A 1 54 ? 6.057   -5.601  0.116   1.00 27.74 ?  331 LYS G CE  1 
ATOM   418 N NZ  . LYS A 1 54 ? 6.956   -6.212  -0.904  1.00 28.40 ?  331 LYS G NZ  1 
ATOM   419 N N   . THR A 1 55 ? 5.492   -2.679  5.689   1.00 20.92 ?  332 THR G N   1 
ATOM   420 C CA  . THR A 1 55 ? 5.693   -3.041  7.089   1.00 21.86 ?  332 THR G CA  1 
ATOM   421 C C   . THR A 1 55 ? 4.371   -3.043  7.852   1.00 21.99 ?  332 THR G C   1 
ATOM   422 O O   . THR A 1 55 ? 4.030   -4.026  8.522   1.00 20.31 ?  332 THR G O   1 
ATOM   423 C CB  . THR A 1 55 ? 6.691   -2.082  7.739   1.00 22.70 ?  332 THR G CB  1 
ATOM   424 O OG1 . THR A 1 55 ? 7.991   -2.289  7.171   1.00 23.59 ?  332 THR G OG1 1 
ATOM   425 C CG2 . THR A 1 55 ? 6.751   -2.308  9.243   1.00 22.66 ?  332 THR G CG2 1 
ATOM   426 N N   . ILE A 1 56 ? 3.608   -1.952  7.753   1.00 23.13 ?  333 ILE G N   1 
ATOM   427 C CA  . ILE A 1 56 ? 2.353   -1.850  8.494   1.00 21.98 ?  333 ILE G CA  1 
ATOM   428 C C   . ILE A 1 56 ? 1.322   -2.828  7.943   1.00 23.05 ?  333 ILE G C   1 
ATOM   429 O O   . ILE A 1 56 ? 0.584   -3.468  8.703   1.00 24.14 ?  333 ILE G O   1 
ATOM   430 C CB  . ILE A 1 56 ? 1.833   -0.403  8.464   1.00 18.78 ?  333 ILE G CB  1 
ATOM   431 C CG1 . ILE A 1 56 ? 2.916   0.562   8.945   1.00 16.99 ?  333 ILE G CG1 1 
ATOM   432 C CG2 . ILE A 1 56 ? 0.588   -0.267  9.322   1.00 18.81 ?  333 ILE G CG2 1 
ATOM   433 C CD1 . ILE A 1 56 ? 2.451   1.995   9.037   1.00 16.53 ?  333 ILE G CD1 1 
ATOM   434 N N   . LEU A 1 57 ? 1.245   -2.952  6.614   1.00 22.75 ?  334 LEU G N   1 
ATOM   435 C CA  . LEU A 1 57 ? 0.316   -3.904  6.018   1.00 24.03 ?  334 LEU G CA  1 
ATOM   436 C C   . LEU A 1 57 ? 0.675   -5.334  6.392   1.00 28.92 ?  334 LEU G C   1 
ATOM   437 O O   . LEU A 1 57 ? -0.217  -6.173  6.563   1.00 30.80 ?  334 LEU G O   1 
ATOM   438 C CB  . LEU A 1 57 ? 0.290   -3.733  4.498   1.00 20.98 ?  334 LEU G CB  1 
ATOM   439 C CG  . LEU A 1 57 ? -0.213  -2.379  3.990   1.00 18.67 ?  334 LEU G CG  1 
ATOM   440 C CD1 . LEU A 1 57 ? -0.312  -2.370  2.474   1.00 19.54 ?  334 LEU G CD1 1 
ATOM   441 C CD2 . LEU A 1 57 ? -1.548  -2.032  4.620   1.00 17.00 ?  334 LEU G CD2 1 
ATOM   442 N N   . LYS A 1 58 ? 1.970   -5.629  6.535   1.00 31.66 ?  335 LYS G N   1 
ATOM   443 C CA  . LYS A 1 58 ? 2.376   -6.931  7.051   1.00 32.13 ?  335 LYS G CA  1 
ATOM   444 C C   . LYS A 1 58 ? 2.055   -7.069  8.534   1.00 34.21 ?  335 LYS G C   1 
ATOM   445 O O   . LYS A 1 58 ? 1.873   -8.188  9.026   1.00 34.09 ?  335 LYS G O   1 
ATOM   446 C CB  . LYS A 1 58 ? 3.868   -7.151  6.806   1.00 30.18 ?  335 LYS G CB  1 
ATOM   447 N N   . ALA A 1 59 ? 1.976   -5.950  9.261   1.00 36.13 ?  336 ALA G N   1 
ATOM   448 C CA  . ALA A 1 59 ? 1.621   -6.015  10.675  1.00 36.31 ?  336 ALA G CA  1 
ATOM   449 C C   . ALA A 1 59 ? 0.132   -6.274  10.870  1.00 35.89 ?  336 ALA G C   1 
ATOM   450 O O   . ALA A 1 59 ? -0.256  -6.948  11.831  1.00 35.82 ?  336 ALA G O   1 
ATOM   451 C CB  . ALA A 1 59 ? 2.036   -4.726  11.384  1.00 37.14 ?  336 ALA G CB  1 
ATOM   452 N N   . LEU A 1 60 ? -0.715  -5.751  9.979   1.00 34.70 ?  337 LEU G N   1 
ATOM   453 C CA  . LEU A 1 60 ? -2.147  -6.013  10.078  1.00 34.48 ?  337 LEU G CA  1 
ATOM   454 C C   . LEU A 1 60 ? -2.493  -7.468  9.789   1.00 36.97 ?  337 LEU G C   1 
ATOM   455 O O   . LEU A 1 60 ? -3.553  -7.938  10.219  1.00 38.53 ?  337 LEU G O   1 
ATOM   456 C CB  . LEU A 1 60 ? -2.928  -5.107  9.124   1.00 33.08 ?  337 LEU G CB  1 
ATOM   457 C CG  . LEU A 1 60 ? -3.013  -3.619  9.469   1.00 31.77 ?  337 LEU G CG  1 
ATOM   458 C CD1 . LEU A 1 60 ? -3.902  -2.894  8.471   1.00 30.98 ?  337 LEU G CD1 1 
ATOM   459 C CD2 . LEU A 1 60 ? -3.522  -3.417  10.887  1.00 30.68 ?  337 LEU G CD2 1 
ATOM   460 N N   . GLY A 1 61 ? -1.635  -8.188  9.072   1.00 45.07 ?  338 GLY G N   1 
ATOM   461 C CA  . GLY A 1 61 ? -1.897  -9.566  8.737   1.00 44.16 ?  338 GLY G CA  1 
ATOM   462 C C   . GLY A 1 61 ? -3.029  -9.713  7.740   1.00 43.16 ?  338 GLY G C   1 
ATOM   463 O O   . GLY A 1 61 ? -3.601  -8.729  7.263   1.00 42.75 ?  338 GLY G O   1 
ATOM   464 N N   . PRO A 1 62 ? -3.364  -10.957 7.393   1.00 42.36 ?  339 PRO G N   1 
ATOM   465 C CA  . PRO A 1 62 ? -4.498  -11.192 6.488   1.00 41.58 ?  339 PRO G CA  1 
ATOM   466 C C   . PRO A 1 62 ? -5.832  -10.838 7.126   1.00 40.32 ?  339 PRO G C   1 
ATOM   467 O O   . PRO A 1 62 ? -5.885  -10.444 8.295   1.00 40.38 ?  339 PRO G O   1 
ATOM   468 C CB  . PRO A 1 62 ? -4.407  -12.694 6.187   1.00 42.12 ?  339 PRO G CB  1 
ATOM   469 C CG  . PRO A 1 62 ? -2.997  -13.070 6.514   1.00 42.08 ?  339 PRO G CG  1 
ATOM   470 C CD  . PRO A 1 62 ? -2.610  -12.192 7.662   1.00 42.03 ?  339 PRO G CD  1 
ATOM   471 N N   . ALA A 1 63 ? -6.914  -10.977 6.355   1.00 39.16 ?  340 ALA G N   1 
ATOM   472 C CA  . ALA A 1 63 ? -8.276  -10.710 6.820   1.00 38.02 ?  340 ALA G CA  1 
ATOM   473 C C   . ALA A 1 63 ? -8.458  -9.257  7.249   1.00 37.08 ?  340 ALA G C   1 
ATOM   474 O O   . ALA A 1 63 ? -9.320  -8.942  8.076   1.00 37.14 ?  340 ALA G O   1 
ATOM   475 C CB  . ALA A 1 63 ? -8.676  -11.660 7.954   1.00 38.41 ?  340 ALA G CB  1 
ATOM   476 N N   . ALA A 1 64 ? -7.647  -8.365  6.687   1.00 36.62 ?  341 ALA G N   1 
ATOM   477 C CA  . ALA A 1 64 ? -7.742  -6.936  6.947   1.00 35.91 ?  341 ALA G CA  1 
ATOM   478 C C   . ALA A 1 64 ? -8.455  -6.260  5.784   1.00 34.99 ?  341 ALA G C   1 
ATOM   479 O O   . ALA A 1 64 ? -8.122  -6.505  4.620   1.00 34.53 ?  341 ALA G O   1 
ATOM   480 C CB  . ALA A 1 64 ? -6.356  -6.324  7.149   1.00 35.22 ?  341 ALA G CB  1 
ATOM   481 N N   . THR A 1 65 ? -9.434  -5.418  6.100   1.00 35.28 ?  342 THR G N   1 
ATOM   482 C CA  . THR A 1 65 ? -10.201 -4.740  5.069   1.00 35.87 ?  342 THR G CA  1 
ATOM   483 C C   . THR A 1 65 ? -9.421  -3.549  4.514   1.00 35.10 ?  342 THR G C   1 
ATOM   484 O O   . THR A 1 65 ? -8.387  -3.138  5.047   1.00 35.57 ?  342 THR G O   1 
ATOM   485 C CB  . THR A 1 65 ? -11.546 -4.273  5.618   1.00 37.34 ?  342 THR G CB  1 
ATOM   486 O OG1 . THR A 1 65 ? -11.347 -3.143  6.474   1.00 36.85 ?  342 THR G OG1 1 
ATOM   487 C CG2 . THR A 1 65 ? -12.210 -5.387  6.408   1.00 38.17 ?  342 THR G CG2 1 
ATOM   488 N N   . LEU A 1 66 ? -9.942  -2.987  3.422   1.00 32.74 ?  343 LEU G N   1 
ATOM   489 C CA  . LEU A 1 66 ? -9.269  -1.865  2.779   1.00 31.21 ?  343 LEU G CA  1 
ATOM   490 C C   . LEU A 1 66 ? -9.266  -0.632  3.675   1.00 32.10 ?  343 LEU G C   1 
ATOM   491 O O   . LEU A 1 66 ? -8.260  0.084   3.751   1.00 32.60 ?  343 LEU G O   1 
ATOM   492 C CB  . LEU A 1 66 ? -9.933  -1.558  1.437   1.00 29.56 ?  343 LEU G CB  1 
ATOM   493 C CG  . LEU A 1 66 ? -9.206  -0.584  0.510   1.00 28.27 ?  343 LEU G CG  1 
ATOM   494 C CD1 . LEU A 1 66 ? -7.835  -1.128  0.137   1.00 26.73 ?  343 LEU G CD1 1 
ATOM   495 C CD2 . LEU A 1 66 ? -10.034 -0.312  -0.734  1.00 28.58 ?  343 LEU G CD2 1 
ATOM   496 N N   . GLU A 1 67 ? -10.380 -0.373  4.368   1.00 32.20 ?  344 GLU G N   1 
ATOM   497 C CA  . GLU A 1 67 ? -10.439 0.778   5.261   1.00 30.46 ?  344 GLU G CA  1 
ATOM   498 C C   . GLU A 1 67 ? -9.465  0.635   6.422   1.00 31.88 ?  344 GLU G C   1 
ATOM   499 O O   . GLU A 1 67 ? -8.927  1.636   6.909   1.00 34.09 ?  344 GLU G O   1 
ATOM   500 C CB  . GLU A 1 67 ? -11.866 0.966   5.779   1.00 27.86 ?  344 GLU G CB  1 
ATOM   501 N N   . GLU A 1 68 ? -9.220  -0.599  6.874   1.00 30.46 ?  345 GLU G N   1 
ATOM   502 C CA  . GLU A 1 68 ? -8.242  -0.815  7.935   1.00 28.65 ?  345 GLU G CA  1 
ATOM   503 C C   . GLU A 1 68 ? -6.825  -0.570  7.433   1.00 27.45 ?  345 GLU G C   1 
ATOM   504 O O   . GLU A 1 68 ? -5.997  0.007   8.149   1.00 26.21 ?  345 GLU G O   1 
ATOM   505 C CB  . GLU A 1 68 ? -8.381  -2.231  8.492   1.00 27.23 ?  345 GLU G CB  1 
ATOM   506 C CG  . GLU A 1 68 ? -9.735  -2.512  9.117   1.00 27.15 ?  345 GLU G CG  1 
ATOM   507 C CD  . GLU A 1 68 ? -9.989  -3.991  9.316   1.00 26.86 ?  345 GLU G CD  1 
ATOM   508 O OE1 . GLU A 1 68 ? -9.060  -4.794  9.088   1.00 26.59 ?  345 GLU G OE1 1 
ATOM   509 O OE2 . GLU A 1 68 ? -11.122 -4.354  9.698   1.00 26.99 ?  345 GLU G OE2 1 
ATOM   510 N N   . MET A 1 69 ? -6.530  -1.001  6.205   1.00 27.84 ?  346 MET G N   1 
ATOM   511 C CA  . MET A 1 69 ? -5.210  -0.760  5.627   1.00 27.37 ?  346 MET G CA  1 
ATOM   512 C C   . MET A 1 69 ? -4.960  0.730   5.443   1.00 25.81 ?  346 MET G C   1 
ATOM   513 O O   . MET A 1 69 ? -3.935  1.262   5.890   1.00 24.95 ?  346 MET G O   1 
ATOM   514 C CB  . MET A 1 69 ? -5.081  -1.490  4.290   1.00 28.24 ?  346 MET G CB  1 
ATOM   515 C CG  . MET A 1 69 ? -5.130  -3.003  4.379   1.00 28.88 ?  346 MET G CG  1 
ATOM   516 S SD  . MET A 1 69 ? -4.794  -3.767  2.779   1.00 30.32 ?  346 MET G SD  1 
ATOM   517 C CE  . MET A 1 69 ? -4.957  -5.504  3.185   1.00 31.42 ?  346 MET G CE  1 
ATOM   518 N N   . MET A 1 70 ? -5.890  1.421   4.778   1.00 25.57 ?  347 MET G N   1 
ATOM   519 C CA  . MET A 1 70 ? -5.719  2.847   4.526   1.00 25.33 ?  347 MET G CA  1 
ATOM   520 C C   . MET A 1 70 ? -5.681  3.638   5.826   1.00 24.71 ?  347 MET G C   1 
ATOM   521 O O   . MET A 1 70 ? -4.921  4.605   5.951   1.00 25.68 ?  347 MET G O   1 
ATOM   522 C CB  . MET A 1 70 ? -6.838  3.352   3.618   1.00 26.28 ?  347 MET G CB  1 
ATOM   523 C CG  . MET A 1 70 ? -6.875  2.670   2.263   1.00 28.49 ?  347 MET G CG  1 
ATOM   524 S SD  . MET A 1 70 ? -8.315  3.137   1.290   1.00 30.55 ?  347 MET G SD  1 
ATOM   525 C CE  . MET A 1 70 ? -8.122  4.915   1.249   1.00 31.67 ?  347 MET G CE  1 
ATOM   526 N N   . THR A 1 71 ? -6.491  3.239   6.809   1.00 24.10 ?  348 THR G N   1 
ATOM   527 C CA  . THR A 1 71 ? -6.455  3.907   8.105   1.00 24.34 ?  348 THR G CA  1 
ATOM   528 C C   . THR A 1 71 ? -5.133  3.660   8.823   1.00 26.09 ?  348 THR G C   1 
ATOM   529 O O   . THR A 1 71 ? -4.628  4.549   9.518   1.00 26.42 ?  348 THR G O   1 
ATOM   530 C CB  . THR A 1 71 ? -7.637  3.447   8.962   1.00 23.66 ?  348 THR G CB  1 
ATOM   531 O OG1 . THR A 1 71 ? -8.864  3.760   8.290   1.00 22.33 ?  348 THR G OG1 1 
ATOM   532 C CG2 . THR A 1 71 ? -7.628  4.136   10.319  1.00 24.72 ?  348 THR G CG2 1 
ATOM   533 N N   . ALA A 1 72 ? -4.547  2.475   8.652   1.00 28.92 ?  349 ALA G N   1 
ATOM   534 C CA  . ALA A 1 72 ? -3.289  2.159   9.316   1.00 32.52 ?  349 ALA G CA  1 
ATOM   535 C C   . ALA A 1 72 ? -2.079  2.769   8.621   1.00 34.08 ?  349 ALA G C   1 
ATOM   536 O O   . ALA A 1 72 ? -1.036  2.939   9.262   1.00 33.21 ?  349 ALA G O   1 
ATOM   537 C CB  . ALA A 1 72 ? -3.108  0.642   9.412   1.00 32.81 ?  349 ALA G CB  1 
ATOM   538 N N   . CYS A 1 73 ? -2.188  3.105   7.336   1.00 36.65 ?  350 CYS G N   1 
ATOM   539 C CA  . CYS A 1 73 ? -1.056  3.612   6.569   1.00 37.54 ?  350 CYS G CA  1 
ATOM   540 C C   . CYS A 1 73 ? -1.134  5.103   6.270   1.00 37.09 ?  350 CYS G C   1 
ATOM   541 O O   . CYS A 1 73 ? -0.196  5.647   5.677   1.00 38.20 ?  350 CYS G O   1 
ATOM   542 C CB  . CYS A 1 73 ? -0.917  2.839   5.253   1.00 39.24 ?  350 CYS G CB  1 
ATOM   543 S SG  . CYS A 1 73 ? -0.156  1.212   5.419   1.00 41.22 ?  350 CYS G SG  1 
ATOM   544 N N   . GLN A 1 74 ? -2.213  5.785   6.658   1.00 32.86 ?  351 GLN G N   1 
ATOM   545 C CA  . GLN A 1 74 ? -2.315  7.204   6.342   1.00 30.09 ?  351 GLN G CA  1 
ATOM   546 C C   . GLN A 1 74 ? -1.409  8.069   7.207   1.00 30.11 ?  351 GLN G C   1 
ATOM   547 O O   . GLN A 1 74 ? -1.326  9.278   6.969   1.00 31.42 ?  351 GLN G O   1 
ATOM   548 C CB  . GLN A 1 74 ? -3.761  7.681   6.473   1.00 27.83 ?  351 GLN G CB  1 
ATOM   549 C CG  . GLN A 1 74 ? -4.295  7.684   7.887   1.00 26.52 ?  351 GLN G CG  1 
ATOM   550 C CD  . GLN A 1 74 ? -5.655  8.338   7.978   1.00 24.87 ?  351 GLN G CD  1 
ATOM   551 O OE1 . GLN A 1 74 ? -5.944  9.295   7.259   1.00 23.51 ?  351 GLN G OE1 1 
ATOM   552 N NE2 . GLN A 1 74 ? -6.504  7.819   8.858   1.00 24.38 ?  351 GLN G NE2 1 
ATOM   553 N N   . GLY A 1 75 ? -0.734  7.490   8.198   1.00 28.55 ?  352 GLY G N   1 
ATOM   554 C CA  . GLY A 1 75 ? 0.233   8.228   8.984   1.00 26.46 ?  352 GLY G CA  1 
ATOM   555 C C   . GLY A 1 75 ? 1.644   8.213   8.445   1.00 23.97 ?  352 GLY G C   1 
ATOM   556 O O   . GLY A 1 75 ? 2.484   8.981   8.920   1.00 22.71 ?  352 GLY G O   1 
ATOM   557 N N   . VAL A 1 76 ? 1.922   7.360   7.459   1.00 23.24 ?  353 VAL G N   1 
ATOM   558 C CA  . VAL A 1 76 ? 3.266   7.243   6.904   1.00 22.82 ?  353 VAL G CA  1 
ATOM   559 C C   . VAL A 1 76 ? 3.625   8.535   6.181   1.00 23.89 ?  353 VAL G C   1 
ATOM   560 O O   . VAL A 1 76 ? 2.936   8.952   5.243   1.00 24.26 ?  353 VAL G O   1 
ATOM   561 C CB  . VAL A 1 76 ? 3.368   6.036   5.964   1.00 21.65 ?  353 VAL G CB  1 
ATOM   562 C CG1 . VAL A 1 76 ? 4.719   6.018   5.272   1.00 21.30 ?  353 VAL G CG1 1 
ATOM   563 C CG2 . VAL A 1 76 ? 3.140   4.747   6.734   1.00 21.12 ?  353 VAL G CG2 1 
ATOM   564 N N   . GLY A 1 77 ? 4.711   9.168   6.611   1.00 23.88 ?  354 GLY G N   1 
ATOM   565 C CA  . GLY A 1 77 ? 5.133   10.426  6.031   1.00 24.28 ?  354 GLY G CA  1 
ATOM   566 C C   . GLY A 1 77 ? 4.973   11.589  6.986   1.00 24.34 ?  354 GLY G C   1 
ATOM   567 O O   . GLY A 1 77 ? 5.814   12.491  7.023   1.00 23.56 ?  354 GLY G O   1 
ATOM   568 N N   . GLY A 1 78 ? 3.898   11.572  7.773   1.00 25.95 ?  355 GLY G N   1 
ATOM   569 C CA  . GLY A 1 78 ? 3.616   12.625  8.718   1.00 26.22 ?  355 GLY G CA  1 
ATOM   570 C C   . GLY A 1 78 ? 4.697   12.787  9.768   1.00 27.55 ?  355 GLY G C   1 
ATOM   571 O O   . GLY A 1 78 ? 5.619   11.973  9.878   1.00 28.83 ?  355 GLY G O   1 
ATOM   572 N N   . PRO A 1 79 ? 4.598   13.856  10.565  1.00 27.05 ?  356 PRO G N   1 
ATOM   573 C CA  . PRO A 1 79 ? 5.654   14.126  11.558  1.00 27.55 ?  356 PRO G CA  1 
ATOM   574 C C   . PRO A 1 79 ? 5.826   13.025  12.590  1.00 27.56 ?  356 PRO G C   1 
ATOM   575 O O   . PRO A 1 79 ? 6.964   12.654  12.906  1.00 27.10 ?  356 PRO G O   1 
ATOM   576 C CB  . PRO A 1 79 ? 5.191   15.442  12.203  1.00 28.34 ?  356 PRO G CB  1 
ATOM   577 C CG  . PRO A 1 79 ? 4.284   16.068  11.192  1.00 28.67 ?  356 PRO G CG  1 
ATOM   578 C CD  . PRO A 1 79 ? 3.590   14.928  10.516  1.00 27.62 ?  356 PRO G CD  1 
ATOM   579 N N   . GLY A 1 80 ? 4.727   12.493  13.127  1.00 28.02 ?  357 GLY G N   1 
ATOM   580 C CA  . GLY A 1 80 ? 4.841   11.474  14.159  1.00 28.67 ?  357 GLY G CA  1 
ATOM   581 C C   . GLY A 1 80 ? 5.520   10.210  13.666  1.00 28.73 ?  357 GLY G C   1 
ATOM   582 O O   . GLY A 1 80 ? 6.380   9.645   14.351  1.00 28.52 ?  357 GLY G O   1 
ATOM   583 N N   . HIS A 1 81 ? 5.151   9.752   12.469  1.00 28.43 ?  358 HIS G N   1 
ATOM   584 C CA  . HIS A 1 81 ? 5.743   8.532   11.930  1.00 28.38 ?  358 HIS G CA  1 
ATOM   585 C C   . HIS A 1 81 ? 7.226   8.718   11.636  1.00 28.00 ?  358 HIS G C   1 
ATOM   586 O O   . HIS A 1 81 ? 8.035   7.827   11.922  1.00 28.60 ?  358 HIS G O   1 
ATOM   587 C CB  . HIS A 1 81 ? 4.996   8.095   10.672  1.00 28.84 ?  358 HIS G CB  1 
ATOM   588 C CG  . HIS A 1 81 ? 5.641   6.953   9.955   1.00 28.82 ?  358 HIS G CG  1 
ATOM   589 N ND1 . HIS A 1 81 ? 6.459   7.129   8.859   1.00 28.94 ?  358 HIS G ND1 1 
ATOM   590 C CD2 . HIS A 1 81 ? 5.597   5.619   10.180  1.00 28.96 ?  358 HIS G CD2 1 
ATOM   591 C CE1 . HIS A 1 81 ? 6.887   5.954   8.439   1.00 29.01 ?  358 HIS G CE1 1 
ATOM   592 N NE2 . HIS A 1 81 ? 6.379   5.020   9.223   1.00 29.14 ?  358 HIS G NE2 1 
ATOM   593 N N   . LYS A 1 82 ? 7.601   9.865   11.062  1.00 27.12 ?  359 LYS G N   1 
ATOM   594 C CA  . LYS A 1 82 ? 9.011   10.119  10.780  1.00 27.10 ?  359 LYS G CA  1 
ATOM   595 C C   . LYS A 1 82 ? 9.821   10.216  12.066  1.00 27.09 ?  359 LYS G C   1 
ATOM   596 O O   . LYS A 1 82 ? 10.933  9.680   12.152  1.00 28.03 ?  359 LYS G O   1 
ATOM   597 C CB  . LYS A 1 82 ? 9.164   11.398  9.958   1.00 28.10 ?  359 LYS G CB  1 
ATOM   598 C CG  . LYS A 1 82 ? 8.622   11.305  8.546   1.00 29.72 ?  359 LYS G CG  1 
ATOM   599 C CD  . LYS A 1 82 ? 9.029   12.523  7.734   1.00 31.09 ?  359 LYS G CD  1 
ATOM   600 C CE  . LYS A 1 82 ? 10.542  12.685  7.715   1.00 32.54 ?  359 LYS G CE  1 
ATOM   601 N NZ  . LYS A 1 82 ? 10.964  13.908  6.976   1.00 33.58 ?  359 LYS G NZ  1 
ATOM   602 N N   . ALA A 1 83 ? 9.281   10.897  13.078  1.00 28.00 ?  360 ALA G N   1 
ATOM   603 C CA  . ALA A 1 83 ? 9.986   11.002  14.350  1.00 32.28 ?  360 ALA G CA  1 
ATOM   604 C C   . ALA A 1 83 ? 10.156  9.634   14.999  1.00 34.61 ?  360 ALA G C   1 
ATOM   605 O O   . ALA A 1 83 ? 11.226  9.321   15.532  1.00 35.03 ?  360 ALA G O   1 
ATOM   606 C CB  . ALA A 1 83 ? 9.242   11.952  15.287  1.00 33.86 ?  360 ALA G CB  1 
ATOM   607 N N   . ARG A 1 84 ? 9.111   8.804   14.958  1.00 37.02 ?  361 ARG G N   1 
ATOM   608 C CA  . ARG A 1 84 ? 9.206   7.474   15.553  1.00 37.50 ?  361 ARG G CA  1 
ATOM   609 C C   . ARG A 1 84 ? 10.211  6.602   14.809  1.00 37.18 ?  361 ARG G C   1 
ATOM   610 O O   . ARG A 1 84 ? 11.026  5.913   15.434  1.00 38.06 ?  361 ARG G O   1 
ATOM   611 C CB  . ARG A 1 84 ? 7.830   6.811   15.577  1.00 37.64 ?  361 ARG G CB  1 
ATOM   612 N N   . VAL A 1 85 ? 10.172  6.623   13.473  1.00 32.11 ?  362 VAL G N   1 
ATOM   613 C CA  . VAL A 1 85 ? 11.095  5.805   12.689  1.00 29.26 ?  362 VAL G CA  1 
ATOM   614 C C   . VAL A 1 85 ? 12.533  6.247   12.923  1.00 28.92 ?  362 VAL G C   1 
ATOM   615 O O   . VAL A 1 85 ? 13.434  5.416   13.090  1.00 30.97 ?  362 VAL G O   1 
ATOM   616 C CB  . VAL A 1 85 ? 10.721  5.856   11.197  1.00 28.29 ?  362 VAL G CB  1 
ATOM   617 C CG1 . VAL A 1 85 ? 11.835  5.270   10.346  1.00 27.99 ?  362 VAL G CG1 1 
ATOM   618 C CG2 . VAL A 1 85 ? 9.420   5.105   10.955  1.00 28.75 ?  362 VAL G CG2 1 
ATOM   619 N N   . LEU A 1 86 ? 12.774  7.560   12.947  1.00 27.21 ?  363 LEU G N   1 
ATOM   620 C CA  . LEU A 1 86 ? 14.123  8.051   13.210  1.00 25.26 ?  363 LEU G CA  1 
ATOM   621 C C   . LEU A 1 86 ? 14.578  7.682   14.616  1.00 25.57 ?  363 LEU G C   1 
ATOM   622 O O   . LEU A 1 86 ? 15.741  7.313   14.825  1.00 24.94 ?  363 LEU G O   1 
ATOM   623 C CB  . LEU A 1 86 ? 14.184  9.564   13.006  1.00 22.24 ?  363 LEU G CB  1 
ATOM   624 C CG  . LEU A 1 86 ? 15.535  10.212  13.320  1.00 21.72 ?  363 LEU G CG  1 
ATOM   625 C CD1 . LEU A 1 86 ? 16.633  9.601   12.462  1.00 21.72 ?  363 LEU G CD1 1 
ATOM   626 C CD2 . LEU A 1 86 ? 15.469  11.719  13.126  1.00 21.68 ?  363 LEU G CD2 1 
ATOM   627 N N   . ALA A 1 87 ? 13.674  7.772   15.595  1.00 26.30 ?  364 ALA G N   1 
ATOM   628 C CA  . ALA A 1 87 ? 14.027  7.406   16.963  1.00 26.86 ?  364 ALA G CA  1 
ATOM   629 C C   . ALA A 1 87 ? 14.401  5.933   17.063  1.00 28.13 ?  364 ALA G C   1 
ATOM   630 O O   . ALA A 1 87 ? 15.366  5.574   17.748  1.00 28.09 ?  364 ALA G O   1 
ATOM   631 C CB  . ALA A 1 87 ? 12.870  7.734   17.908  1.00 26.22 ?  364 ALA G CB  1 
ATOM   632 N N   . GLU A 1 88 ? 13.649  5.062   16.382  1.00 29.27 ?  365 GLU G N   1 
ATOM   633 C CA  . GLU A 1 88 ? 13.979  3.641   16.391  1.00 30.41 ?  365 GLU G CA  1 
ATOM   634 C C   . GLU A 1 88 ? 15.295  3.375   15.669  1.00 35.90 ?  365 GLU G C   1 
ATOM   635 O O   . GLU A 1 88 ? 16.079  2.515   16.089  1.00 38.45 ?  365 GLU G O   1 
ATOM   636 C CB  . GLU A 1 88 ? 12.846  2.836   15.757  1.00 28.24 ?  365 GLU G CB  1 
ATOM   637 N N   . ALA A 1 89 ? 15.556  4.108   14.583  1.00 39.08 ?  366 ALA G N   1 
ATOM   638 C CA  . ALA A 1 89 ? 16.800  3.926   13.841  1.00 43.38 ?  366 ALA G CA  1 
ATOM   639 C C   . ALA A 1 89 ? 18.005  4.328   14.682  1.00 45.19 ?  366 ALA G C   1 
ATOM   640 O O   . ALA A 1 89 ? 19.013  3.614   14.721  1.00 45.73 ?  366 ALA G O   1 
ATOM   641 C CB  . ALA A 1 89 ? 16.757  4.726   12.540  1.00 45.31 ?  366 ALA G CB  1 
ATOM   642 N N   . MET A 1 90 ? 17.919  5.475   15.359  1.00 47.86 ?  367 MET G N   1 
ATOM   643 C CA  . MET A 1 90 ? 18.996  5.882   16.256  1.00 51.95 ?  367 MET G CA  1 
ATOM   644 C C   . MET A 1 90 ? 19.118  4.940   17.446  1.00 55.76 ?  367 MET G C   1 
ATOM   645 O O   . MET A 1 90 ? 20.222  4.739   17.965  1.00 55.91 ?  367 MET G O   1 
ATOM   646 C CB  . MET A 1 90 ? 18.769  7.315   16.738  1.00 52.56 ?  367 MET G CB  1 
ATOM   647 C CG  . MET A 1 90 ? 18.955  8.377   15.666  1.00 52.59 ?  367 MET G CG  1 
ATOM   648 S SD  . MET A 1 90 ? 20.682  8.607   15.200  1.00 53.18 ?  367 MET G SD  1 
ATOM   649 C CE  . MET A 1 90 ? 21.378  9.167   16.752  1.00 54.28 ?  367 MET G CE  1 
ATOM   650 N N   . SER A 1 91 ? 18.004  4.352   17.886  1.00 58.59 ?  368 SER G N   1 
ATOM   651 C CA  . SER A 1 91 ? 18.040  3.468   19.046  1.00 62.64 ?  368 SER G CA  1 
ATOM   652 C C   . SER A 1 91 ? 18.744  2.156   18.720  1.00 65.18 ?  368 SER G C   1 
ATOM   653 O O   . SER A 1 91 ? 19.605  1.700   19.479  1.00 66.97 ?  368 SER G O   1 
ATOM   654 C CB  . SER A 1 91 ? 16.621  3.209   19.551  1.00 63.69 ?  368 SER G CB  1 
ATOM   655 N N   . GLN A 1 92 ? 18.395  1.537   17.590  1.00 66.84 ?  369 GLN G N   1 
ATOM   656 C CA  . GLN A 1 92 ? 18.972  0.234   17.270  1.00 69.09 ?  369 GLN G CA  1 
ATOM   657 C C   . GLN A 1 92 ? 20.410  0.340   16.773  1.00 68.73 ?  369 GLN G C   1 
ATOM   658 O O   . GLN A 1 92 ? 21.190  -0.603  16.951  1.00 68.66 ?  369 GLN G O   1 
ATOM   659 C CB  . GLN A 1 92 ? 18.114  -0.487  16.228  1.00 71.51 ?  369 GLN G CB  1 
ATOM   660 C CG  . GLN A 1 92 ? 18.117  0.161   14.854  1.00 73.13 ?  369 GLN G CG  1 
ATOM   661 C CD  . GLN A 1 92 ? 17.611  -0.769  13.770  1.00 75.27 ?  369 GLN G CD  1 
ATOM   662 O OE1 . GLN A 1 92 ? 17.539  -0.395  12.599  1.00 76.35 ?  369 GLN G OE1 1 
ATOM   663 N NE2 . GLN A 1 92 ? 17.262  -1.993  14.156  1.00 75.86 ?  369 GLN G NE2 1 
ATOM   664 N N   . VAL A 1 93 ? 20.781  1.458   16.157  1.00 66.70 ?  370 VAL G N   1 
ATOM   665 C CA  . VAL A 1 93 ? 22.126  1.617   15.619  1.00 65.36 ?  370 VAL G CA  1 
ATOM   666 C C   . VAL A 1 93 ? 23.048  2.232   16.664  1.00 63.43 ?  370 VAL G C   1 
ATOM   667 O O   . VAL A 1 93 ? 24.051  1.632   17.051  1.00 62.80 ?  370 VAL G O   1 
ATOM   668 C CB  . VAL A 1 93 ? 22.118  2.466   14.337  1.00 66.49 ?  370 VAL G CB  1 
HETATM 669 C C1  . IHP B 2 .  ? 11.640  19.174  4.793   0.16 39.13 ?  401 IHP G C1  1 
HETATM 670 C C2  . IHP B 2 .  ? 11.900  17.692  5.068   0.16 39.18 ?  401 IHP G C2  1 
HETATM 671 C C3  . IHP B 2 .  ? 12.075  16.941  3.742   0.16 39.02 ?  401 IHP G C3  1 
HETATM 672 C C4  . IHP B 2 .  ? 13.310  17.519  3.015   0.16 39.10 ?  401 IHP G C4  1 
HETATM 673 C C5  . IHP B 2 .  ? 13.242  19.048  2.829   0.16 39.16 ?  401 IHP G C5  1 
HETATM 674 C C6  . IHP B 2 .  ? 12.864  19.825  4.108   0.16 39.18 ?  401 IHP G C6  1 
HETATM 675 O O11 . IHP B 2 .  ? 11.410  19.843  6.059   0.16 39.01 ?  401 IHP G O11 1 
HETATM 676 P P1  . IHP B 2 .  ? 10.158  20.870  6.234   0.16 39.44 ?  401 IHP G P1  1 
HETATM 677 O O21 . IHP B 2 .  ? 10.869  22.110  6.803   0.16 39.27 ?  401 IHP G O21 1 
HETATM 678 O O31 . IHP B 2 .  ? 9.538   21.156  4.906   0.16 39.27 -1 401 IHP G O31 1 
HETATM 679 O O41 . IHP B 2 .  ? 9.232   20.260  7.262   0.16 39.25 ?  401 IHP G O41 1 
HETATM 680 O O12 . IHP B 2 .  ? 13.113  17.541  5.836   0.16 38.86 ?  401 IHP G O12 1 
HETATM 681 P P2  . IHP B 2 .  ? 13.178  16.925  7.342   0.16 39.00 ?  401 IHP G P2  1 
HETATM 682 O O22 . IHP B 2 .  ? 11.970  16.059  7.581   0.16 38.73 ?  401 IHP G O22 1 
HETATM 683 O O32 . IHP B 2 .  ? 13.236  18.171  8.207   0.16 38.81 -1 401 IHP G O32 1 
HETATM 684 O O42 . IHP B 2 .  ? 14.500  16.202  7.267   0.16 38.83 ?  401 IHP G O42 1 
HETATM 685 O O13 . IHP B 2 .  ? 12.340  15.565  4.041   0.16 39.28 ?  401 IHP G O13 1 
HETATM 686 P P3  . IHP B 2 .  ? 11.477  14.347  3.413   0.16 39.13 ?  401 IHP G P3  1 
HETATM 687 O O23 . IHP B 2 .  ? 10.545  14.874  2.376   0.16 39.27 ?  401 IHP G O23 1 
HETATM 688 O O33 . IHP B 2 .  ? 12.558  13.483  2.751   0.16 39.24 -1 401 IHP G O33 1 
HETATM 689 O O43 . IHP B 2 .  ? 10.936  13.559  4.547   0.16 39.26 ?  401 IHP G O43 1 
HETATM 690 O O14 . IHP B 2 .  ? 13.452  16.902  1.741   0.16 39.22 ?  401 IHP G O14 1 
HETATM 691 P P4  . IHP B 2 .  ? 14.644  15.861  1.360   0.16 39.20 ?  401 IHP G P4  1 
HETATM 692 O O24 . IHP B 2 .  ? 15.778  16.065  2.291   0.16 39.24 ?  401 IHP G O24 1 
HETATM 693 O O34 . IHP B 2 .  ? 14.096  14.478  1.511   0.16 39.28 -1 401 IHP G O34 1 
HETATM 694 O O44 . IHP B 2 .  ? 14.905  16.107  -0.100  0.16 39.27 ?  401 IHP G O44 1 
HETATM 695 O O15 . IHP B 2 .  ? 14.540  19.458  2.384   0.16 39.21 ?  401 IHP G O15 1 
HETATM 696 P P5  . IHP B 2 .  ? 14.850  20.236  1.010   0.16 39.28 ?  401 IHP G P5  1 
HETATM 697 O O25 . IHP B 2 .  ? 13.814  19.981  -0.014  0.16 39.16 ?  401 IHP G O25 1 
HETATM 698 O O35 . IHP B 2 .  ? 16.278  19.861  0.658   0.16 39.28 -1 401 IHP G O35 1 
HETATM 699 O O45 . IHP B 2 .  ? 14.799  21.705  1.467   0.16 39.23 ?  401 IHP G O45 1 
HETATM 700 O O16 . IHP B 2 .  ? 12.533  21.160  3.749   0.16 39.22 ?  401 IHP G O16 1 
HETATM 701 P P6  . IHP B 2 .  ? 13.367  22.434  4.370   0.16 39.29 ?  401 IHP G P6  1 
HETATM 702 O O26 . IHP B 2 .  ? 13.265  22.360  5.877   0.16 39.23 ?  401 IHP G O26 1 
HETATM 703 O O36 . IHP B 2 .  ? 14.795  22.196  3.915   0.16 39.27 -1 401 IHP G O36 1 
HETATM 704 O O46 . IHP B 2 .  ? 12.756  23.634  3.711   0.16 39.27 ?  401 IHP G O46 1 
HETATM 705 O O   . HOH C 3 .  ? 7.287   9.378   -4.305  1.00 1.93  ?  501 HOH G O   1 
# 
loop_
_atom_site_anisotrop.id 
_atom_site_anisotrop.type_symbol 
_atom_site_anisotrop.pdbx_label_atom_id 
_atom_site_anisotrop.pdbx_label_alt_id 
_atom_site_anisotrop.pdbx_label_comp_id 
_atom_site_anisotrop.pdbx_label_asym_id 
_atom_site_anisotrop.pdbx_label_seq_id 
_atom_site_anisotrop.pdbx_PDB_ins_code 
_atom_site_anisotrop.U[1][1] 
_atom_site_anisotrop.U[2][2] 
_atom_site_anisotrop.U[3][3] 
_atom_site_anisotrop.U[1][2] 
_atom_site_anisotrop.U[1][3] 
_atom_site_anisotrop.U[2][3] 
_atom_site_anisotrop.pdbx_auth_seq_id 
_atom_site_anisotrop.pdbx_auth_comp_id 
_atom_site_anisotrop.pdbx_auth_asym_id 
_atom_site_anisotrop.pdbx_auth_atom_id 
1   N N   . THR A 3  ? 0.6177 0.4184 0.6339 -0.0613 0.0128  0.0131  280 THR G N   
2   C CA  . THR A 3  ? 0.6296 0.4361 0.6484 -0.0615 0.0124  0.0127  280 THR G CA  
3   C C   . THR A 3  ? 0.6550 0.4612 0.6738 -0.0623 0.0113  0.0128  280 THR G C   
4   O O   . THR A 3  ? 0.6527 0.4564 0.6712 -0.0638 0.0066  0.0132  280 THR G O   
5   C CB  . THR A 3  ? 0.6120 0.4203 0.6316 -0.0626 0.0083  0.0126  280 THR G CB  
6   N N   . SER A 4  ? 0.6750 0.4838 0.6947 -0.0612 0.0154  0.0126  281 SER G N   
7   C CA  . SER A 4  ? 0.6801 0.4886 0.6998 -0.0617 0.0150  0.0128  281 SER G CA  
8   C C   . SER A 4  ? 0.6787 0.4943 0.7021 -0.0614 0.0159  0.0122  281 SER G C   
9   O O   . SER A 4  ? 0.6730 0.4940 0.6995 -0.0604 0.0178  0.0116  281 SER G O   
10  C CB  . SER A 4  ? 0.6813 0.4869 0.6989 -0.0608 0.0191  0.0129  281 SER G CB  
11  O OG  . SER A 4  ? 0.6718 0.4771 0.6894 -0.0614 0.0186  0.0131  281 SER G OG  
12  N N   . ILE A 5  ? 0.6470 0.4627 0.6704 -0.0622 0.0149  0.0124  282 ILE G N   
13  C CA  . ILE A 5  ? 0.6152 0.4376 0.6425 -0.0619 0.0159  0.0117  282 ILE G CA  
14  C C   . ILE A 5  ? 0.5934 0.4207 0.6243 -0.0597 0.0215  0.0114  282 ILE G C   
15  O O   . ILE A 5  ? 0.5822 0.4168 0.6185 -0.0583 0.0237  0.0107  282 ILE G O   
16  C CB  . ILE A 5  ? 0.6193 0.4397 0.6450 -0.0638 0.0124  0.0121  282 ILE G CB  
17  C CG1 . ILE A 5  ? 0.6097 0.4374 0.6398 -0.0633 0.0138  0.0114  282 ILE G CG1 
18  C CG2 . ILE A 5  ? 0.6381 0.4535 0.6616 -0.0640 0.0129  0.0129  282 ILE G CG2 
19  C CD1 . ILE A 5  ? 0.6020 0.4353 0.6354 -0.0628 0.0136  0.0105  282 ILE G CD1 
20  N N   . LEU A 6  ? 0.5825 0.4058 0.6108 -0.0590 0.0242  0.0117  283 LEU G N   
21  C CA  . LEU A 6  ? 0.5557 0.3829 0.5865 -0.0569 0.0297  0.0113  283 LEU G CA  
22  C C   . LEU A 6  ? 0.5060 0.3382 0.5406 -0.0549 0.0330  0.0107  283 LEU G C   
23  O O   . LEU A 6  ? 0.5048 0.3419 0.5432 -0.0530 0.0373  0.0103  283 LEU G O   
24  C CB  . LEU A 6  ? 0.5926 0.4138 0.6189 -0.0568 0.0319  0.0118  283 LEU G CB  
25  C CG  . LEU A 6  ? 0.6134 0.4302 0.6370 -0.0582 0.0299  0.0123  283 LEU G CG  
26  C CD1 . LEU A 6  ? 0.6220 0.4323 0.6406 -0.0579 0.0323  0.0126  283 LEU G CD1 
27  C CD2 . LEU A 6  ? 0.6076 0.4297 0.6350 -0.0576 0.0314  0.0121  283 LEU G CD2 
28  N N   . ASP A 7  ? 0.4622 0.2931 0.4960 -0.0554 0.0311  0.0107  284 ASP G N   
29  C CA  . ASP A 7  ? 0.4241 0.2590 0.4608 -0.0537 0.0341  0.0102  284 ASP G CA  
30  C C   . ASP A 7  ? 0.3717 0.2145 0.4149 -0.0529 0.0335  0.0096  284 ASP G C   
31  O O   . ASP A 7  ? 0.3498 0.1974 0.3973 -0.0512 0.0364  0.0091  284 ASP G O   
32  C CB  . ASP A 7  ? 0.4389 0.2679 0.4712 -0.0544 0.0326  0.0107  284 ASP G CB  
33  N N   . ILE A 8  ? 0.3477 0.1920 0.3921 -0.0541 0.0299  0.0095  285 ILE G N   
34  C CA  . ILE A 8  ? 0.3169 0.1688 0.3676 -0.0533 0.0295  0.0087  285 ILE G CA  
35  C C   . ILE A 8  ? 0.2900 0.1501 0.3482 -0.0508 0.0336  0.0081  285 ILE G C   
36  O O   . ILE A 8  ? 0.2609 0.1229 0.3206 -0.0508 0.0336  0.0081  285 ILE G O   
37  C CB  . ILE A 8  ? 0.3213 0.1724 0.3708 -0.0552 0.0249  0.0086  285 ILE G CB  
38  C CG1 . ILE A 8  ? 0.3337 0.1765 0.3758 -0.0576 0.0207  0.0093  285 ILE G CG1 
39  C CG2 . ILE A 8  ? 0.3140 0.1736 0.3708 -0.0540 0.0248  0.0077  285 ILE G CG2 
40  C CD1 . ILE A 8  ? 0.3392 0.1821 0.3815 -0.0573 0.0205  0.0091  285 ILE G CD1 
41  N N   . ARG A 9  ? 0.3114 0.1763 0.3743 -0.0486 0.0368  0.0076  286 ARG G N   
42  C CA  . ARG A 9  ? 0.3218 0.1947 0.3922 -0.0459 0.0408  0.0070  286 ARG G CA  
43  C C   . ARG A 9  ? 0.3084 0.1894 0.3868 -0.0443 0.0405  0.0062  286 ARG G C   
44  O O   . ARG A 9  ? 0.3001 0.1801 0.3776 -0.0447 0.0392  0.0062  286 ARG G O   
45  C CB  . ARG A 9  ? 0.3536 0.2256 0.4233 -0.0444 0.0454  0.0071  286 ARG G CB  
46  C CG  . ARG A 9  ? 0.3840 0.2505 0.4485 -0.0451 0.0468  0.0076  286 ARG G CG  
47  C CD  . ARG A 9  ? 0.4026 0.2683 0.4662 -0.0434 0.0517  0.0076  286 ARG G CD  
48  N NE  . ARG A 9  ? 0.4243 0.2896 0.4872 -0.0427 0.0545  0.0077  286 ARG G NE  
49  C CZ  . ARG A 9  ? 0.4463 0.3045 0.5026 -0.0442 0.0540  0.0083  286 ARG G CZ  
50  N NH1 . ARG A 9  ? 0.4562 0.3070 0.5060 -0.0464 0.0507  0.0089  286 ARG G NH1 
51  N NH2 . ARG A 9  ? 0.4514 0.3095 0.5074 -0.0434 0.0567  0.0083  286 ARG G NH2 
52  N N   . GLN A 10 ? 0.3032 0.1918 0.3889 -0.0424 0.0418  0.0057  287 GLN G N   
53  C CA  . GLN A 10 ? 0.2874 0.1842 0.3814 -0.0405 0.0415  0.0049  287 GLN G CA  
54  C C   . GLN A 10 ? 0.2790 0.1796 0.3774 -0.0381 0.0452  0.0045  287 GLN G C   
55  O O   . GLN A 10 ? 0.2891 0.1901 0.3880 -0.0368 0.0490  0.0045  287 GLN G O   
56  C CB  . GLN A 10 ? 0.2857 0.1894 0.3866 -0.0390 0.0416  0.0045  287 GLN G CB  
57  C CG  . GLN A 10 ? 0.2913 0.2039 0.4015 -0.0366 0.0414  0.0036  287 GLN G CG  
58  C CD  . GLN A 10 ? 0.3052 0.2243 0.4220 -0.0350 0.0413  0.0032  287 GLN G CD  
59  O OE1 . GLN A 10 ? 0.2981 0.2152 0.4125 -0.0358 0.0415  0.0036  287 GLN G OE1 
60  N NE2 . GLN A 10 ? 0.3120 0.2388 0.4373 -0.0327 0.0407  0.0026  287 GLN G NE2 
61  N N   . GLY A 11 ? 0.2688 0.1721 0.3703 -0.0376 0.0442  0.0042  288 GLY G N   
62  C CA  . GLY A 11 ? 0.2814 0.1885 0.3873 -0.0354 0.0474  0.0038  288 GLY G CA  
63  C C   . GLY A 11 ? 0.2876 0.2038 0.4031 -0.0322 0.0498  0.0031  288 GLY G C   
64  O O   . GLY A 11 ? 0.2988 0.2192 0.4185 -0.0315 0.0483  0.0028  288 GLY G O   
65  N N   . PRO A 12 ? 0.2874 0.2068 0.4066 -0.0300 0.0537  0.0028  289 PRO G N   
66  C CA  . PRO A 12 ? 0.3095 0.2374 0.4380 -0.0267 0.0560  0.0020  289 PRO G CA  
67  C C   . PRO A 12 ? 0.3572 0.2919 0.4934 -0.0252 0.0536  0.0014  289 PRO G C   
68  O O   . PRO A 12 ? 0.3600 0.3011 0.5031 -0.0228 0.0541  0.0008  289 PRO G O   
69  C CB  . PRO A 12 ? 0.2796 0.2080 0.4090 -0.0249 0.0603  0.0018  289 PRO G CB  
70  C CG  . PRO A 12 ? 0.2768 0.1991 0.3999 -0.0271 0.0594  0.0024  289 PRO G CG  
71  C CD  . PRO A 12 ? 0.2764 0.1915 0.3914 -0.0302 0.0560  0.0031  289 PRO G CD  
72  N N   . LYS A 13 ? 0.4114 0.3447 0.5463 -0.0264 0.0508  0.0015  290 LYS G N   
73  C CA  . LYS A 13 ? 0.4575 0.3967 0.5993 -0.0250 0.0483  0.0010  290 LYS G CA  
74  C C   . LYS A 13 ? 0.4299 0.3665 0.5684 -0.0273 0.0438  0.0012  290 LYS G C   
75  O O   . LYS A 13 ? 0.4254 0.3668 0.5695 -0.0263 0.0414  0.0007  290 LYS G O   
76  C CB  . LYS A 13 ? 0.5395 0.4808 0.6844 -0.0239 0.0492  0.0007  290 LYS G CB  
77  C CG  . LYS A 13 ? 0.6055 0.5526 0.7574 -0.0206 0.0530  0.0000  290 LYS G CG  
78  C CD  . LYS A 13 ? 0.6478 0.6027 0.8086 -0.0177 0.0523  -0.0006 290 LYS G CD  
79  C CE  . LYS A 13 ? 0.6589 0.6187 0.8255 -0.0145 0.0564  -0.0012 290 LYS G CE  
80  N NZ  . LYS A 13 ? 0.6587 0.6261 0.8344 -0.0113 0.0556  -0.0020 290 LYS G NZ  
81  N N   . GLU A 14 ? 0.3669 0.2960 0.4969 -0.0303 0.0424  0.0019  291 GLU G N   
82  C CA  . GLU A 14 ? 0.3191 0.2451 0.4454 -0.0326 0.0381  0.0021  291 GLU G CA  
83  C C   . GLU A 14 ? 0.3133 0.2442 0.4444 -0.0317 0.0368  0.0018  291 GLU G C   
84  O O   . GLU A 14 ? 0.3199 0.2513 0.4512 -0.0311 0.0388  0.0018  291 GLU G O   
85  C CB  . GLU A 14 ? 0.2969 0.2132 0.4124 -0.0359 0.0371  0.0029  291 GLU G CB  
86  C CG  . GLU A 14 ? 0.2826 0.1948 0.3936 -0.0385 0.0326  0.0031  291 GLU G CG  
87  C CD  . GLU A 14 ? 0.2793 0.1816 0.3796 -0.0415 0.0316  0.0039  291 GLU G CD  
88  O OE1 . GLU A 14 ? 0.2787 0.1782 0.3761 -0.0416 0.0342  0.0043  291 GLU G OE1 
89  O OE2 . GLU A 14 ? 0.2832 0.1804 0.3780 -0.0439 0.0282  0.0041  291 GLU G OE2 
90  N N   . PRO A 15 ? 0.3046 0.2386 0.4392 -0.0315 0.0335  0.0014  292 PRO G N   
91  C CA  . PRO A 15 ? 0.2988 0.2369 0.4373 -0.0308 0.0320  0.0012  292 PRO G CA  
92  C C   . PRO A 15 ? 0.3234 0.2551 0.4542 -0.0337 0.0307  0.0018  292 PRO G C   
93  O O   . PRO A 15 ? 0.3530 0.2769 0.4753 -0.0365 0.0296  0.0024  292 PRO G O   
94  C CB  . PRO A 15 ? 0.2886 0.2306 0.4317 -0.0301 0.0287  0.0008  292 PRO G CB  
95  C CG  . PRO A 15 ? 0.2890 0.2261 0.4271 -0.0319 0.0275  0.0010  292 PRO G CG  
96  C CD  . PRO A 15 ? 0.2931 0.2277 0.4288 -0.0317 0.0311  0.0013  292 PRO G CD  
97  N N   . PHE A 16 ? 0.3106 0.2453 0.4442 -0.0330 0.0306  0.0018  293 PHE G N   
98  C CA  . PHE A 16 ? 0.2984 0.2273 0.4252 -0.0357 0.0297  0.0023  293 PHE G CA  
99  C C   . PHE A 16 ? 0.3552 0.2793 0.4765 -0.0385 0.0256  0.0025  293 PHE G C   
100 O O   . PHE A 16 ? 0.3763 0.2928 0.4892 -0.0414 0.0246  0.0031  293 PHE G O   
101 C CB  . PHE A 16 ? 0.2469 0.1807 0.3788 -0.0342 0.0303  0.0022  293 PHE G CB  
102 C CG  . PHE A 16 ? 0.2305 0.1586 0.3558 -0.0367 0.0299  0.0028  293 PHE G CG  
103 C CD1 . PHE A 16 ? 0.2183 0.1430 0.3399 -0.0370 0.0328  0.0033  293 PHE G CD1 
104 C CD2 . PHE A 16 ? 0.2304 0.1566 0.3532 -0.0387 0.0265  0.0030  293 PHE G CD2 
105 C CE1 . PHE A 16 ? 0.2165 0.1358 0.3320 -0.0392 0.0323  0.0039  293 PHE G CE1 
106 C CE2 . PHE A 16 ? 0.2262 0.1471 0.3429 -0.0410 0.0261  0.0036  293 PHE G CE2 
107 C CZ  . PHE A 16 ? 0.2187 0.1361 0.3318 -0.0413 0.0289  0.0040  293 PHE G CZ  
108 N N   . ARG A 17 ? 0.3883 0.3164 0.5143 -0.0377 0.0231  0.0021  294 ARG G N   
109 C CA  . ARG A 17 ? 0.4124 0.3365 0.5337 -0.0402 0.0193  0.0022  294 ARG G CA  
110 C C   . ARG A 17 ? 0.4055 0.3214 0.5182 -0.0427 0.0187  0.0025  294 ARG G C   
111 O O   . ARG A 17 ? 0.3939 0.3030 0.4988 -0.0456 0.0165  0.0029  294 ARG G O   
112 C CB  . ARG A 17 ? 0.4336 0.3644 0.5624 -0.0384 0.0170  0.0015  294 ARG G CB  
113 C CG  . ARG A 17 ? 0.4668 0.3948 0.5922 -0.0404 0.0132  0.0016  294 ARG G CG  
114 C CD  . ARG A 17 ? 0.4922 0.4267 0.6253 -0.0384 0.0109  0.0010  294 ARG G CD  
115 N NE  . ARG A 17 ? 0.5218 0.4559 0.6551 -0.0381 0.0104  0.0008  294 ARG G NE  
116 C CZ  . ARG A 17 ? 0.5344 0.4736 0.6738 -0.0354 0.0121  0.0005  294 ARG G CZ  
117 N NH1 . ARG A 17 ? 0.5343 0.4794 0.6804 -0.0327 0.0144  0.0002  294 ARG G NH1 
118 N NH2 . ARG A 17 ? 0.5401 0.4781 0.6789 -0.0354 0.0115  0.0004  294 ARG G NH2 
119 N N   . ASP A 18 ? 0.4048 0.3213 0.5187 -0.0416 0.0204  0.0025  295 ASP G N   
120 C CA  . ASP A 18 ? 0.3963 0.3046 0.5017 -0.0439 0.0199  0.0029  295 ASP G CA  
121 C C   . ASP A 18 ? 0.3690 0.2696 0.4661 -0.0459 0.0213  0.0036  295 ASP G C   
122 O O   . ASP A 18 ? 0.3985 0.2908 0.4867 -0.0486 0.0195  0.0040  295 ASP G O   
123 C CB  . ASP A 18 ? 0.4264 0.3372 0.5351 -0.0421 0.0218  0.0027  295 ASP G CB  
124 C CG  . ASP A 18 ? 0.4499 0.3686 0.5674 -0.0399 0.0206  0.0020  295 ASP G CG  
125 O OD1 . ASP A 18 ? 0.4574 0.3800 0.5789 -0.0394 0.0184  0.0017  295 ASP G OD1 
126 O OD2 . ASP A 18 ? 0.4643 0.3854 0.5851 -0.0385 0.0218  0.0018  295 ASP G OD2 
127 N N   . TYR A 19 ? 0.3068 0.2103 0.4067 -0.0444 0.0243  0.0037  296 TYR G N   
128 C CA  . TYR A 19 ? 0.2566 0.1533 0.3494 -0.0460 0.0257  0.0044  296 TYR G CA  
129 C C   . TYR A 19 ? 0.2565 0.1481 0.3435 -0.0486 0.0229  0.0048  296 TYR G C   
130 O O   . TYR A 19 ? 0.2761 0.1590 0.3543 -0.0510 0.0218  0.0054  296 TYR G O   
131 C CB  . TYR A 19 ? 0.2162 0.1177 0.3142 -0.0436 0.0296  0.0043  296 TYR G CB  
132 C CG  . TYR A 19 ? 0.2016 0.0979 0.2940 -0.0449 0.0308  0.0049  296 TYR G CG  
133 C CD1 . TYR A 19 ? 0.2049 0.0931 0.2893 -0.0465 0.0313  0.0056  296 TYR G CD1 
134 C CD2 . TYR A 19 ? 0.1982 0.0979 0.2937 -0.0443 0.0312  0.0049  296 TYR G CD2 
135 C CE1 . TYR A 19 ? 0.2104 0.0937 0.2898 -0.0475 0.0322  0.0061  296 TYR G CE1 
136 C CE2 . TYR A 19 ? 0.1983 0.0930 0.2888 -0.0454 0.0323  0.0055  296 TYR G CE2 
137 C CZ  . TYR A 19 ? 0.2070 0.0937 0.2897 -0.0471 0.0327  0.0061  296 TYR G CZ  
138 O OH  . TYR A 19 ? 0.2125 0.0945 0.2905 -0.0481 0.0336  0.0067  296 TYR G OH  
139 N N   . VAL A 20 ? 0.2667 0.1633 0.3585 -0.0481 0.0215  0.0044  297 VAL G N   
140 C CA  . VAL A 20 ? 0.3169 0.2087 0.4032 -0.0506 0.0189  0.0047  297 VAL G CA  
141 C C   . VAL A 20 ? 0.3789 0.2650 0.4590 -0.0531 0.0155  0.0046  297 VAL G C   
142 O O   . VAL A 20 ? 0.4043 0.2825 0.4762 -0.0559 0.0136  0.0051  297 VAL G O   
143 C CB  . VAL A 20 ? 0.2960 0.1949 0.3893 -0.0494 0.0185  0.0043  297 VAL G CB  
144 C CG1 . VAL A 20 ? 0.2940 0.1999 0.3946 -0.0477 0.0169  0.0036  297 VAL G CG1 
145 C CG2 . VAL A 20 ? 0.3065 0.2001 0.3940 -0.0521 0.0164  0.0047  297 VAL G CG2 
146 N N   . ASP A 21 ? 0.4209 0.3102 0.5047 -0.0521 0.0147  0.0041  298 ASP G N   
147 C CA  . ASP A 21 ? 0.4744 0.3581 0.5522 -0.0543 0.0118  0.0040  298 ASP G CA  
148 C C   . ASP A 21 ? 0.4410 0.3146 0.5087 -0.0564 0.0118  0.0047  298 ASP G C   
149 O O   . ASP A 21 ? 0.4457 0.3115 0.5052 -0.0591 0.0095  0.0049  298 ASP G O   
150 C CB  . ASP A 21 ? 0.5467 0.4362 0.6309 -0.0524 0.0112  0.0034  298 ASP G CB  
151 C CG  . ASP A 21 ? 0.6255 0.5227 0.7175 -0.0511 0.0095  0.0027  298 ASP G CG  
152 O OD1 . ASP A 21 ? 0.6522 0.5501 0.7446 -0.0516 0.0088  0.0028  298 ASP G OD1 
153 O OD2 . ASP A 21 ? 0.6536 0.5560 0.7518 -0.0493 0.0087  0.0023  298 ASP G OD2 
154 N N   . ARG A 22 ? 0.3900 0.2638 0.4586 -0.0550 0.0144  0.0051  299 ARG G N   
155 C CA  . ARG A 22 ? 0.3539 0.2185 0.4137 -0.0567 0.0144  0.0059  299 ARG G CA  
156 C C   . ARG A 22 ? 0.3672 0.2261 0.4213 -0.0583 0.0140  0.0066  299 ARG G C   
157 O O   . ARG A 22 ? 0.3952 0.2451 0.4409 -0.0604 0.0122  0.0073  299 ARG G O   
158 C CB  . ARG A 22 ? 0.3251 0.1920 0.3879 -0.0546 0.0177  0.0061  299 ARG G CB  
159 C CG  . ARG A 22 ? 0.3045 0.1765 0.3727 -0.0532 0.0179  0.0054  299 ARG G CG  
160 C CD  . ARG A 22 ? 0.2737 0.1464 0.3434 -0.0516 0.0211  0.0057  299 ARG G CD  
161 N NE  . ARG A 22 ? 0.2492 0.1269 0.3240 -0.0494 0.0249  0.0056  299 ARG G NE  
162 C CZ  . ARG A 22 ? 0.2517 0.1254 0.3227 -0.0496 0.0272  0.0062  299 ARG G CZ  
163 N NH1 . ARG A 22 ? 0.2649 0.1295 0.3271 -0.0517 0.0257  0.0070  299 ARG G NH1 
164 N NH2 . ARG A 22 ? 0.2456 0.1243 0.3215 -0.0476 0.0307  0.0060  299 ARG G NH2 
165 N N   . PHE A 23 ? 0.3546 0.2184 0.4134 -0.0572 0.0156  0.0065  300 PHE G N   
166 C CA  . PHE A 23 ? 0.3565 0.2153 0.4104 -0.0587 0.0154  0.0072  300 PHE G CA  
167 C C   . PHE A 23 ? 0.3984 0.2508 0.4455 -0.0617 0.0116  0.0073  300 PHE G C   
168 O O   . PHE A 23 ? 0.4184 0.2622 0.4575 -0.0636 0.0099  0.0082  300 PHE G O   
169 C CB  . PHE A 23 ? 0.3298 0.1958 0.3907 -0.0568 0.0179  0.0069  300 PHE G CB  
170 C CG  . PHE A 23 ? 0.3269 0.1882 0.3835 -0.0579 0.0183  0.0077  300 PHE G CG  
171 C CD1 . PHE A 23 ? 0.2370 0.0962 0.2925 -0.0570 0.0213  0.0082  300 PHE G CD1 
172 C CD2 . PHE A 23 ? 0.2378 0.0969 0.2918 -0.0598 0.0159  0.0078  300 PHE G CD2 
173 C CE1 . PHE A 23 ? 0.2454 0.1006 0.2973 -0.0579 0.0216  0.0088  300 PHE G CE1 
174 C CE2 . PHE A 23 ? 0.2475 0.1023 0.2977 -0.0608 0.0161  0.0086  300 PHE G CE2 
175 C CZ  . PHE A 23 ? 0.2461 0.0989 0.2955 -0.0598 0.0189  0.0091  300 PHE G CZ  
176 N N   . TYR A 24 ? 0.4115 0.2682 0.4618 -0.0618 0.0102  0.0065  301 TYR G N   
177 C CA  . TYR A 24 ? 0.4214 0.2722 0.4651 -0.0647 0.0071  0.0063  301 TYR G CA  
178 C C   . TYR A 24 ? 0.4849 0.3280 0.5209 -0.0664 0.0051  0.0064  301 TYR G C   
179 O O   . TYR A 24 ? 0.4956 0.3303 0.5228 -0.0690 0.0029  0.0066  301 TYR G O   
180 C CB  . TYR A 24 ? 0.3514 0.2096 0.4018 -0.0640 0.0066  0.0053  301 TYR G CB  
181 C CG  . TYR A 24 ? 0.3076 0.1702 0.3622 -0.0635 0.0074  0.0054  301 TYR G CG  
182 C CD1 . TYR A 24 ? 0.3155 0.1731 0.3647 -0.0659 0.0059  0.0056  301 TYR G CD1 
183 C CD2 . TYR A 24 ? 0.2769 0.1478 0.3403 -0.0606 0.0099  0.0055  301 TYR G CD2 
184 C CE1 . TYR A 24 ? 0.3080 0.1694 0.3608 -0.0656 0.0066  0.0058  301 TYR G CE1 
185 C CE2 . TYR A 24 ? 0.2708 0.1454 0.3378 -0.0601 0.0107  0.0056  301 TYR G CE2 
186 C CZ  . TYR A 24 ? 0.2880 0.1578 0.3498 -0.0626 0.0089  0.0059  301 TYR G CZ  
187 O OH  . TYR A 24 ? 0.2853 0.1586 0.3505 -0.0623 0.0097  0.0060  301 TYR G OH  
188 N N   . LYS A 25 ? 0.5295 0.3753 0.5684 -0.0650 0.0058  0.0060  302 LYS G N   
189 C CA  . LYS A 25 ? 0.5439 0.3824 0.5756 -0.0666 0.0040  0.0061  302 LYS G CA  
190 C C   . LYS A 25 ? 0.5738 0.4029 0.5974 -0.0679 0.0027  0.0075  302 LYS G C   
191 O O   . LYS A 25 ? 0.5897 0.4132 0.6060 -0.0691 0.0004  0.0076  302 LYS G O   
192 C CB  . LYS A 25 ? 0.5228 0.3663 0.5598 -0.0647 0.0051  0.0057  302 LYS G CB  
193 N N   . THR A 26 ? 0.5354 0.3666 0.5625 -0.0662 0.0047  0.0082  303 THR G N   
194 C CA  . THR A 26 ? 0.5250 0.3490 0.5476 -0.0668 0.0036  0.0097  303 THR G CA  
195 C C   . THR A 26 ? 0.5361 0.3571 0.5554 -0.0679 0.0017  0.0101  303 THR G C   
196 O O   . THR A 26 ? 0.5570 0.3731 0.5734 -0.0681 -0.0009 0.0110  303 THR G O   
197 C CB  . THR A 26 ? 0.5201 0.3483 0.5480 -0.0643 0.0078  0.0099  303 THR G CB  
198 O OG1 . THR A 26 ? 0.5184 0.3515 0.5503 -0.0626 0.0099  0.0092  303 THR G OG1 
199 C CG2 . THR A 26 ? 0.5327 0.3543 0.5571 -0.0643 0.0075  0.0110  303 THR G CG2 
200 N N   . LEU A 27 ? 0.5308 0.3554 0.5526 -0.0683 0.0027  0.0096  304 LEU G N   
201 C CA  . LEU A 27 ? 0.5493 0.3716 0.5682 -0.0694 0.0010  0.0100  304 LEU G CA  
202 C C   . LEU A 27 ? 0.6106 0.4287 0.6227 -0.0709 -0.0025 0.0096  304 LEU G C   
203 O O   . LEU A 27 ? 0.6353 0.4494 0.6446 -0.0715 -0.0054 0.0105  304 LEU G O   
204 C CB  . LEU A 27 ? 0.4930 0.3203 0.5164 -0.0695 0.0030  0.0094  304 LEU G CB  
205 C CG  . LEU A 27 ? 0.4512 0.2764 0.4719 -0.0707 0.0017  0.0099  304 LEU G CG  
206 C CD1 . LEU A 27 ? 0.4466 0.2678 0.4667 -0.0701 0.0016  0.0113  304 LEU G CD1 
207 C CD2 . LEU A 27 ? 0.4288 0.2598 0.4548 -0.0706 0.0037  0.0092  304 LEU G CD2 
208 N N   . ARG A 28 ? 0.6351 0.4546 0.6456 -0.0714 -0.0019 0.0081  305 ARG G N   
209 C CA  . ARG A 28 ? 0.6770 0.4918 0.6795 -0.0731 -0.0031 0.0072  305 ARG G CA  
210 C C   . ARG A 28 ? 0.6874 0.4962 0.6851 -0.0729 -0.0072 0.0085  305 ARG G C   
211 O O   . ARG A 28 ? 0.6962 0.4998 0.6862 -0.0744 -0.0087 0.0081  305 ARG G O   
212 C CB  . ARG A 28 ? 0.7166 0.5352 0.7219 -0.0733 -0.0005 0.0049  305 ARG G CB  
213 C CG  . ARG A 28 ? 0.7442 0.5698 0.7576 -0.0732 0.0008  0.0040  305 ARG G CG  
214 C CD  . ARG A 28 ? 0.7893 0.6186 0.8073 -0.0734 0.0012  0.0024  305 ARG G CD  
215 N NE  . ARG A 28 ? 0.8284 0.6598 0.8496 -0.0721 0.0010  0.0025  305 ARG G NE  
216 C CZ  . ARG A 28 ? 0.8321 0.6717 0.8627 -0.0703 0.0010  0.0027  305 ARG G CZ  
217 N NH1 . ARG A 28 ? 0.8270 0.6744 0.8655 -0.0689 0.0011  0.0028  305 ARG G NH1 
218 N NH2 . ARG A 28 ? 0.8235 0.6653 0.8568 -0.0689 0.0011  0.0026  305 ARG G NH2 
219 N N   . ALA A 29 ? 0.6718 0.4817 0.6755 -0.0710 -0.0082 0.0100  306 ALA G N   
220 C CA  . ALA A 29 ? 0.6819 0.4898 0.6902 -0.0696 -0.0123 0.0116  306 ALA G CA  
221 C C   . ALA A 29 ? 0.6824 0.4903 0.6993 -0.0680 -0.0109 0.0127  306 ALA G C   
222 O O   . ALA A 29 ? 0.6854 0.4916 0.7057 -0.0668 -0.0092 0.0130  306 ALA G O   
223 C CB  . ALA A 29 ? 0.6957 0.5037 0.7031 -0.0690 -0.0108 0.0113  306 ALA G CB  
224 N N   . GLU A 30 ? 0.6132 0.4893 0.6523 0.0363  -0.0889 0.0138  307 GLU G N   
225 C CA  . GLU A 30 ? 0.6069 0.4775 0.6400 0.0399  -0.0852 0.0164  307 GLU G CA  
226 C C   . GLU A 30 ? 0.6060 0.4712 0.6362 0.0404  -0.0884 0.0151  307 GLU G C   
227 O O   . GLU A 30 ? 0.5918 0.4589 0.6264 0.0378  -0.0921 0.0132  307 GLU G O   
228 C CB  . GLU A 30 ? 0.5842 0.4572 0.6198 0.0400  -0.0809 0.0193  307 GLU G CB  
229 C CG  . GLU A 30 ? 0.5726 0.4401 0.6021 0.0438  -0.0764 0.0223  307 GLU G CG  
230 C CD  . GLU A 30 ? 0.5690 0.4352 0.5939 0.0469  -0.0725 0.0242  307 GLU G CD  
231 O OE1 . GLU A 30 ? 0.5706 0.4405 0.5972 0.0461  -0.0728 0.0235  307 GLU G OE1 
232 O OE2 . GLU A 30 ? 0.5682 0.4296 0.5879 0.0501  -0.0692 0.0265  307 GLU G OE2 
233 N N   . GLN A 31 ? 0.6113 0.4702 0.6344 0.0438  -0.0870 0.0159  308 GLN G N   
234 C CA  . GLN A 31 ? 0.6136 0.4667 0.6330 0.0446  -0.0898 0.0147  308 GLN G CA  
235 C C   . GLN A 31 ? 0.6124 0.4638 0.6321 0.0450  -0.0874 0.0168  308 GLN G C   
236 O O   . GLN A 31 ? 0.6179 0.4652 0.6330 0.0479  -0.0834 0.0193  308 GLN G O   
237 C CB  . GLN A 31 ? 0.6246 0.4717 0.6365 0.0479  -0.0892 0.0148  308 GLN G CB  
238 C CG  . GLN A 31 ? 0.6163 0.4646 0.6273 0.0477  -0.0917 0.0128  308 GLN G CG  
239 C CD  . GLN A 31 ? 0.6134 0.4625 0.6268 0.0451  -0.0978 0.0091  308 GLN G CD  
240 O OE1 . GLN A 31 ? 0.6206 0.4684 0.6351 0.0439  -0.1005 0.0081  308 GLN G OE1 
241 N NE2 . GLN A 31 ? 0.6024 0.4537 0.6162 0.0442  -0.1001 0.0071  308 GLN G NE2 
242 N N   . ALA A 32 ? 0.6094 0.4641 0.6348 0.0421  -0.0898 0.0157  309 ALA G N   
243 C CA  . ALA A 32 ? 0.6167 0.4702 0.6430 0.0421  -0.0881 0.0174  309 ALA G CA  
244 C C   . ALA A 32 ? 0.5950 0.4510 0.6267 0.0387  -0.0928 0.0149  309 ALA G C   
245 O O   . ALA A 32 ? 0.5984 0.4589 0.6348 0.0359  -0.0965 0.0127  309 ALA G O   
246 C CB  . ALA A 32 ? 0.6245 0.4818 0.6534 0.0422  -0.0830 0.0202  309 ALA G CB  
247 N N   . SER A 33 ? 0.5805 0.4334 0.6116 0.0390  -0.0926 0.0157  310 SER G N   
248 C CA  . SER A 33 ? 0.5957 0.4506 0.6317 0.0361  -0.0969 0.0137  310 SER G CA  
249 C C   . SER A 33 ? 0.5910 0.4535 0.6351 0.0329  -0.0964 0.0141  310 SER G C   
250 O O   . SER A 33 ? 0.5739 0.4398 0.6195 0.0332  -0.0926 0.0159  310 SER G O   
251 C CB  . SER A 33 ? 0.5985 0.4477 0.6311 0.0373  -0.0965 0.0144  310 SER G CB  
252 O OG  . SER A 33 ? 0.5752 0.4238 0.6072 0.0386  -0.0914 0.0175  310 SER G OG  
253 N N   . GLN A 34 ? 0.6039 0.4695 0.6536 0.0300  -0.1003 0.0122  311 GLN G N   
254 C CA  . GLN A 34 ? 0.6546 0.5278 0.7127 0.0266  -0.1005 0.0122  311 GLN G CA  
255 C C   . GLN A 34 ? 0.6957 0.5693 0.7542 0.0274  -0.0957 0.0152  311 GLN G C   
256 O O   . GLN A 34 ? 0.7277 0.6066 0.7903 0.0263  -0.0931 0.0165  311 GLN G O   
257 C CB  . GLN A 34 ? 0.6782 0.5544 0.7420 0.0235  -0.1059 0.0096  311 GLN G CB  
258 N N   . GLU A 35 ? 0.7104 0.5785 0.7651 0.0291  -0.0945 0.0163  312 GLU G N   
259 C CA  . GLU A 35 ? 0.7161 0.5841 0.7709 0.0299  -0.0900 0.0192  312 GLU G CA  
260 C C   . GLU A 35 ? 0.6693 0.5366 0.7203 0.0326  -0.0847 0.0218  312 GLU G C   
261 O O   . GLU A 35 ? 0.6605 0.5314 0.7142 0.0322  -0.0813 0.0238  312 GLU G O   
262 C CB  . GLU A 35 ? 0.8015 0.6630 0.8520 0.0315  -0.0898 0.0198  312 GLU G CB  
263 C CG  . GLU A 35 ? 0.8695 0.7316 0.9237 0.0291  -0.0948 0.0175  312 GLU G CG  
264 C CD  . GLU A 35 ? 0.9536 0.8094 1.0038 0.0307  -0.0941 0.0183  312 GLU G CD  
265 O OE1 . GLU A 35 ? 0.9853 0.8368 1.0308 0.0333  -0.0894 0.0209  312 GLU G OE1 
266 O OE2 . GLU A 35 ? 0.9791 0.8343 1.0312 0.0291  -0.0981 0.0165  312 GLU G OE2 
267 N N   . VAL A 36 ? 0.6237 0.4864 0.6683 0.0353  -0.0839 0.0218  313 VAL G N   
268 C CA  . VAL A 36 ? 0.5930 0.4550 0.6339 0.0379  -0.0790 0.0243  313 VAL G CA  
269 C C   . VAL A 36 ? 0.5577 0.4270 0.6038 0.0360  -0.0785 0.0242  313 VAL G C   
270 O O   . VAL A 36 ? 0.5687 0.4403 0.6151 0.0369  -0.0742 0.0264  313 VAL G O   
271 C CB  . VAL A 36 ? 0.6121 0.4679 0.6455 0.0411  -0.0788 0.0242  313 VAL G CB  
272 C CG1 . VAL A 36 ? 0.6223 0.4785 0.6527 0.0436  -0.0740 0.0265  313 VAL G CG1 
273 C CG2 . VAL A 36 ? 0.6266 0.4751 0.6547 0.0432  -0.0784 0.0248  313 VAL G CG2 
274 N N   . LYS A 37 ? 0.5208 0.3940 0.5712 0.0332  -0.0830 0.0213  314 LYS G N   
275 C CA  . LYS A 37 ? 0.4917 0.3721 0.5477 0.0310  -0.0828 0.0210  314 LYS G CA  
276 C C   . LYS A 37 ? 0.4670 0.3532 0.5298 0.0284  -0.0817 0.0220  314 LYS G C   
277 O O   . LYS A 37 ? 0.4716 0.3626 0.5375 0.0277  -0.0790 0.0233  314 LYS G O   
278 C CB  . LYS A 37 ? 0.4890 0.3721 0.5483 0.0284  -0.0881 0.0177  314 LYS G CB  
279 C CG  . LYS A 37 ? 0.4908 0.3692 0.5438 0.0308  -0.0892 0.0167  314 LYS G CG  
280 C CD  . LYS A 37 ? 0.4829 0.3645 0.5395 0.0282  -0.0942 0.0135  314 LYS G CD  
281 C CE  . LYS A 37 ? 0.4833 0.3605 0.5336 0.0305  -0.0951 0.0124  314 LYS G CE  
282 N NZ  . LYS A 37 ? 0.4805 0.3608 0.5342 0.0279  -0.0999 0.0093  314 LYS G NZ  
283 N N   . ASN A 38 ? 0.4402 0.3263 0.5059 0.0269  -0.0837 0.0214  315 ASN G N   
284 C CA  . ASN A 38 ? 0.4152 0.3065 0.4873 0.0246  -0.0825 0.0224  315 ASN G CA  
285 C C   . ASN A 38 ? 0.4017 0.2911 0.4702 0.0271  -0.0767 0.0258  315 ASN G C   
286 O O   . ASN A 38 ? 0.4053 0.3002 0.4781 0.0258  -0.0743 0.0271  315 ASN G O   
287 C CB  . ASN A 38 ? 0.4188 0.3099 0.4941 0.0227  -0.0859 0.0212  315 ASN G CB  
288 C CG  . ASN A 38 ? 0.4250 0.3198 0.5057 0.0195  -0.0917 0.0179  315 ASN G CG  
289 O OD1 . ASN A 38 ? 0.4326 0.3338 0.5212 0.0160  -0.0936 0.0170  315 ASN G OD1 
290 N ND2 . ASN A 38 ? 0.4270 0.3177 0.5034 0.0205  -0.0945 0.0161  315 ASN G ND2 
291 N N   . TRP A 39 ? 0.3860 0.2681 0.4469 0.0307  -0.0743 0.0272  316 TRP G N   
292 C CA  . TRP A 39 ? 0.3649 0.2447 0.4218 0.0334  -0.0689 0.0304  316 TRP G CA  
293 C C   . TRP A 39 ? 0.3796 0.2619 0.4352 0.0348  -0.0655 0.0318  316 TRP G C   
294 O O   . TRP A 39 ? 0.3866 0.2718 0.4434 0.0350  -0.0617 0.0339  316 TRP G O   
295 C CB  . TRP A 39 ? 0.3355 0.2068 0.3845 0.0370  -0.0673 0.0315  316 TRP G CB  
296 C CG  . TRP A 39 ? 0.3042 0.1725 0.3485 0.0402  -0.0615 0.0348  316 TRP G CG  
297 C CD1 . TRP A 39 ? 0.2903 0.1606 0.3367 0.0399  -0.0586 0.0366  316 TRP G CD1 
298 C CD2 . TRP A 39 ? 0.2868 0.1496 0.3237 0.0442  -0.0581 0.0366  316 TRP G CD2 
299 N NE1 . TRP A 39 ? 0.2640 0.1299 0.3041 0.0435  -0.0536 0.0394  316 TRP G NE1 
300 C CE2 . TRP A 39 ? 0.2736 0.1352 0.3081 0.0462  -0.0530 0.0395  316 TRP G CE2 
301 C CE3 . TRP A 39 ? 0.3015 0.1604 0.3335 0.0463  -0.0588 0.0359  316 TRP G CE3 
302 C CZ2 . TRP A 39 ? 0.2930 0.1499 0.3210 0.0501  -0.0486 0.0419  316 TRP G CZ2 
303 C CZ3 . TRP A 39 ? 0.3128 0.1672 0.3387 0.0501  -0.0544 0.0385  316 TRP G CZ3 
304 C CH2 . TRP A 39 ? 0.3082 0.1617 0.3323 0.0520  -0.0493 0.0414  316 TRP G CH2 
305 N N   . MET A 40 ? 0.3801 0.2614 0.4333 0.0356  -0.0669 0.0306  317 MET G N   
306 C CA  . MET A 40 ? 0.3726 0.2566 0.4251 0.0365  -0.0642 0.0316  317 MET G CA  
307 C C   . MET A 40 ? 0.3763 0.2686 0.4368 0.0329  -0.0647 0.0312  317 MET G C   
308 O O   . MET A 40 ? 0.3677 0.2630 0.4286 0.0335  -0.0611 0.0330  317 MET G O   
309 C CB  . MET A 40 ? 0.3652 0.2469 0.4144 0.0374  -0.0664 0.0300  317 MET G CB  
310 C CG  . MET A 40 ? 0.3804 0.2542 0.4214 0.0414  -0.0649 0.0309  317 MET G CG  
311 S SD  . MET A 40 ? 0.3926 0.2642 0.4306 0.0419  -0.0685 0.0284  317 MET G SD  
312 C CE  . MET A 40 ? 0.4029 0.2663 0.4317 0.0468  -0.0651 0.0304  317 MET G CE  
313 N N   . THR A 41 ? 0.3980 0.2944 0.4652 0.0291  -0.0693 0.0287  318 THR G N   
314 C CA  . THR A 41 ? 0.4169 0.3215 0.4926 0.0252  -0.0698 0.0283  318 THR G CA  
315 C C   . THR A 41 ? 0.4334 0.3404 0.5115 0.0250  -0.0664 0.0306  318 THR G C   
316 O O   . THR A 41 ? 0.4155 0.3283 0.4981 0.0234  -0.0645 0.0316  318 THR G O   
317 C CB  . THR A 41 ? 0.4173 0.3256 0.4998 0.0213  -0.0754 0.0253  318 THR G CB  
318 O OG1 . THR A 41 ? 0.4303 0.3367 0.5106 0.0215  -0.0785 0.0231  318 THR G OG1 
319 C CG2 . THR A 41 ? 0.4048 0.3217 0.4965 0.0172  -0.0759 0.0249  318 THR G CG2 
320 N N   . GLU A 42 ? 0.4604 0.3628 0.5354 0.0265  -0.0657 0.0316  319 GLU G N   
321 C CA  . GLU A 42 ? 0.4548 0.3591 0.5319 0.0263  -0.0627 0.0336  319 GLU G CA  
322 C C   . GLU A 42 ? 0.4069 0.3080 0.4777 0.0300  -0.0572 0.0365  319 GLU G C   
323 O O   . GLU A 42 ? 0.3886 0.2916 0.4608 0.0299  -0.0544 0.0382  319 GLU G O   
324 C CB  . GLU A 42 ? 0.5170 0.4177 0.5938 0.0262  -0.0643 0.0333  319 GLU G CB  
325 C CG  . GLU A 42 ? 0.5727 0.4774 0.6567 0.0223  -0.0696 0.0306  319 GLU G CG  
326 C CD  . GLU A 42 ? 0.6406 0.5417 0.7241 0.0223  -0.0709 0.0304  319 GLU G CD  
327 O OE1 . GLU A 42 ? 0.6724 0.5670 0.7490 0.0254  -0.0681 0.0321  319 GLU G OE1 
328 O OE2 . GLU A 42 ? 0.6610 0.5658 0.7508 0.0190  -0.0748 0.0285  319 GLU G OE2 
329 N N   . THR A 43 ? 0.3806 0.2772 0.4444 0.0332  -0.0556 0.0370  320 THR G N   
330 C CA  . THR A 43 ? 0.3794 0.2729 0.4368 0.0370  -0.0504 0.0397  320 THR G CA  
331 C C   . THR A 43 ? 0.3840 0.2803 0.4407 0.0377  -0.0487 0.0402  320 THR G C   
332 O O   . THR A 43 ? 0.4116 0.3115 0.4697 0.0376  -0.0457 0.0417  320 THR G O   
333 C CB  . THR A 43 ? 0.3838 0.2685 0.4325 0.0411  -0.0489 0.0407  320 THR G CB  
334 O OG1 . THR A 43 ? 0.3686 0.2505 0.4179 0.0404  -0.0502 0.0405  320 THR G OG1 
335 C CG2 . THR A 43 ? 0.3981 0.2795 0.4403 0.0450  -0.0436 0.0436  320 THR G CG2 
336 N N   . LEU A 44 ? 0.3623 0.2571 0.4171 0.0382  -0.0506 0.0388  321 LEU G N   
337 C CA  . LEU A 44 ? 0.3450 0.2413 0.3975 0.0396  -0.0486 0.0393  321 LEU G CA  
338 C C   . LEU A 44 ? 0.3308 0.2354 0.3912 0.0359  -0.0496 0.0385  321 LEU G C   
339 O O   . LEU A 44 ? 0.3453 0.2521 0.4047 0.0368  -0.0469 0.0396  321 LEU G O   
340 C CB  . LEU A 44 ? 0.3345 0.2266 0.3828 0.0412  -0.0506 0.0380  321 LEU G CB  
341 C CG  . LEU A 44 ? 0.3312 0.2151 0.3719 0.0451  -0.0492 0.0392  321 LEU G CG  
342 C CD1 . LEU A 44 ? 0.3334 0.2142 0.3715 0.0458  -0.0520 0.0373  321 LEU G CD1 
343 C CD2 . LEU A 44 ? 0.3338 0.2152 0.3688 0.0490  -0.0435 0.0422  321 LEU G CD2 
344 N N   . LEU A 45 ? 0.3085 0.2177 0.3766 0.0316  -0.0535 0.0364  322 LEU G N   
345 C CA  . LEU A 45 ? 0.2998 0.2170 0.3758 0.0278  -0.0547 0.0355  322 LEU G CA  
346 C C   . LEU A 45 ? 0.3000 0.2218 0.3789 0.0273  -0.0508 0.0377  322 LEU G C   
347 O O   . LEU A 45 ? 0.2875 0.2143 0.3695 0.0259  -0.0498 0.0380  322 LEU G O   
348 C CB  . LEU A 45 ? 0.2876 0.2086 0.3713 0.0235  -0.0595 0.0330  322 LEU G CB  
349 C CG  . LEU A 45 ? 0.2689 0.1982 0.3613 0.0192  -0.0610 0.0319  322 LEU G CG  
350 C CD1 . LEU A 45 ? 0.2613 0.1908 0.3516 0.0198  -0.0612 0.0311  322 LEU G CD1 
351 C CD2 . LEU A 45 ? 0.2667 0.1995 0.3665 0.0151  -0.0658 0.0294  322 LEU G CD2 
352 N N   . VAL A 46 ? 0.3059 0.2261 0.3837 0.0282  -0.0489 0.0392  323 VAL G N   
353 C CA  . VAL A 46 ? 0.3002 0.2247 0.3808 0.0277  -0.0454 0.0413  323 VAL G CA  
354 C C   . VAL A 46 ? 0.2964 0.2158 0.3681 0.0323  -0.0411 0.0435  323 VAL G C   
355 O O   . VAL A 46 ? 0.2563 0.1790 0.3287 0.0326  -0.0382 0.0450  323 VAL G O   
356 C CB  . VAL A 46 ? 0.2988 0.2251 0.3840 0.0256  -0.0459 0.0417  323 VAL G CB  
357 C CG1 . VAL A 46 ? 0.2874 0.2191 0.3765 0.0247  -0.0424 0.0436  323 VAL G CG1 
358 C CG2 . VAL A 46 ? 0.2992 0.2302 0.3929 0.0213  -0.0504 0.0393  323 VAL G CG2 
359 N N   . GLN A 47 ? 0.3202 0.2313 0.3835 0.0361  -0.0409 0.0437  324 GLN G N   
360 C CA  . GLN A 47 ? 0.3419 0.2475 0.3961 0.0408  -0.0369 0.0458  324 GLN G CA  
361 C C   . GLN A 47 ? 0.3297 0.2369 0.3819 0.0419  -0.0355 0.0460  324 GLN G C   
362 O O   . GLN A 47 ? 0.3330 0.2398 0.3813 0.0440  -0.0322 0.0477  324 GLN G O   
363 C CB  . GLN A 47 ? 0.4091 0.3061 0.4557 0.0443  -0.0370 0.0459  324 GLN G CB  
364 C CG  . GLN A 47 ? 0.4603 0.3510 0.4971 0.0492  -0.0329 0.0480  324 GLN G CG  
365 C CD  . GLN A 47 ? 0.4956 0.3849 0.5302 0.0503  -0.0301 0.0498  324 GLN G CD  
366 O OE1 . GLN A 47 ? 0.5142 0.4067 0.5491 0.0502  -0.0282 0.0506  324 GLN G OE1 
367 N NE2 . GLN A 47 ? 0.4994 0.3842 0.5320 0.0511  -0.0302 0.0501  324 GLN G NE2 
368 N N   . ASN A 48 ? 0.3176 0.2267 0.3723 0.0403  -0.0382 0.0442  325 ASN G N   
369 C CA  . ASN A 48 ? 0.3095 0.2194 0.3618 0.0416  -0.0370 0.0443  325 ASN G CA  
370 C C   . ASN A 48 ? 0.2943 0.2127 0.3548 0.0376  -0.0378 0.0436  325 ASN G C   
371 O O   . ASN A 48 ? 0.3161 0.2362 0.3773 0.0371  -0.0389 0.0425  325 ASN G O   
372 C CB  . ASN A 48 ? 0.3306 0.2363 0.3793 0.0430  -0.0393 0.0429  325 ASN G CB  
373 C CG  . ASN A 48 ? 0.3654 0.2628 0.4059 0.0473  -0.0377 0.0441  325 ASN G CG  
374 O OD1 . ASN A 48 ? 0.3801 0.2740 0.4142 0.0509  -0.0338 0.0462  325 ASN G OD1 
375 N ND2 . ASN A 48 ? 0.3808 0.2752 0.4212 0.0468  -0.0409 0.0425  325 ASN G ND2 
376 N N   . ALA A 49 ? 0.2678 0.1918 0.3348 0.0347  -0.0371 0.0443  326 ALA G N   
377 C CA  . ALA A 49 ? 0.2480 0.1804 0.3232 0.0309  -0.0372 0.0439  326 ALA G CA  
378 C C   . ALA A 49 ? 0.2532 0.1875 0.3266 0.0324  -0.0331 0.0460  326 ALA G C   
379 O O   . ALA A 49 ? 0.2582 0.1877 0.3246 0.0360  -0.0305 0.0475  326 ALA G O   
380 C CB  . ALA A 49 ? 0.1538 0.0920 0.2385 0.0264  -0.0388 0.0434  326 ALA G CB  
381 N N   . ASN A 50 ? 0.2571 0.1982 0.3366 0.0295  -0.0326 0.0459  327 ASN G N   
382 C CA  . ASN A 50 ? 0.2509 0.1951 0.3302 0.0302  -0.0289 0.0478  327 ASN G CA  
383 C C   . ASN A 50 ? 0.2323 0.1809 0.3170 0.0282  -0.0269 0.0493  327 ASN G C   
384 O O   . ASN A 50 ? 0.2072 0.1586 0.2980 0.0254  -0.0287 0.0488  327 ASN G O   
385 C CB  . ASN A 50 ? 0.2539 0.2041 0.3381 0.0276  -0.0289 0.0473  327 ASN G CB  
386 C CG  . ASN A 50 ? 0.2686 0.2269 0.3640 0.0221  -0.0304 0.0466  327 ASN G CG  
387 O OD1 . ASN A 50 ? 0.2983 0.2568 0.3975 0.0201  -0.0329 0.0456  327 ASN G OD1 
388 N ND2 . ASN A 50 ? 0.2572 0.2221 0.3582 0.0196  -0.0288 0.0472  327 ASN G ND2 
389 N N   . PRO A 51 ? 0.2534 0.2031 0.3364 0.0298  -0.0234 0.0513  328 PRO G N   
390 C CA  . PRO A 51 ? 0.2763 0.2302 0.3642 0.0282  -0.0212 0.0529  328 PRO G CA  
391 C C   . PRO A 51 ? 0.3162 0.2794 0.4159 0.0229  -0.0216 0.0528  328 PRO G C   
392 O O   . PRO A 51 ? 0.3329 0.2983 0.4372 0.0211  -0.0218 0.0531  328 PRO G O   
393 C CB  . PRO A 51 ? 0.2666 0.2210 0.3513 0.0303  -0.0174 0.0548  328 PRO G CB  
394 C CG  . PRO A 51 ? 0.2759 0.2227 0.3506 0.0344  -0.0181 0.0542  328 PRO G CG  
395 C CD  . PRO A 51 ? 0.2659 0.2124 0.3416 0.0332  -0.0213 0.0521  328 PRO G CD  
396 N N   . ASP A 52 ? 0.3301 0.2986 0.4345 0.0203  -0.0218 0.0522  329 ASP G N   
397 C CA  . ASP A 52 ? 0.3337 0.3108 0.4491 0.0152  -0.0220 0.0522  329 ASP G CA  
398 C C   . ASP A 52 ? 0.3101 0.2874 0.4299 0.0126  -0.0259 0.0504  329 ASP G C   
399 O O   . ASP A 52 ? 0.3159 0.2992 0.4440 0.0090  -0.0258 0.0507  329 ASP G O   
400 C CB  . ASP A 52 ? 0.3694 0.3511 0.4882 0.0131  -0.0220 0.0517  329 ASP G CB  
401 C CG  . ASP A 52 ? 0.4005 0.3835 0.5164 0.0150  -0.0179 0.0536  329 ASP G CG  
402 O OD1 . ASP A 52 ? 0.4132 0.3902 0.5206 0.0189  -0.0177 0.0535  329 ASP G OD1 
403 O OD2 . ASP A 52 ? 0.3985 0.3888 0.5211 0.0125  -0.0149 0.0552  329 ASP G OD2 
404 N N   . CYS A 53 ? 0.2859 0.2567 0.4003 0.0144  -0.0292 0.0485  330 CYS G N   
405 C CA  . CYS A 53 ? 0.2822 0.2526 0.4003 0.0123  -0.0329 0.0468  330 CYS G CA  
406 C C   . CYS A 53 ? 0.3090 0.2743 0.4229 0.0147  -0.0328 0.0474  330 CYS G C   
407 O O   . CYS A 53 ? 0.3226 0.2896 0.4414 0.0123  -0.0348 0.0468  330 CYS G O   
408 C CB  . CYS A 53 ? 0.2820 0.2489 0.3976 0.0125  -0.0367 0.0444  330 CYS G CB  
409 S SG  . CYS A 53 ? 0.2854 0.2584 0.4071 0.0088  -0.0378 0.0432  330 CYS G SG  
410 N N   . LYS A 54 ? 0.3167 0.2755 0.4214 0.0193  -0.0306 0.0486  331 LYS G N   
411 C CA  . LYS A 54 ? 0.2917 0.2454 0.3921 0.0216  -0.0301 0.0493  331 LYS G CA  
412 C C   . LYS A 54 ? 0.2606 0.2200 0.3675 0.0194  -0.0280 0.0509  331 LYS G C   
413 O O   . LYS A 54 ? 0.2636 0.2209 0.3706 0.0196  -0.0285 0.0511  331 LYS G O   
414 C CB  . LYS A 54 ? 0.2949 0.2406 0.3841 0.0268  -0.0281 0.0504  331 LYS G CB  
415 C CG  . LYS A 54 ? 0.3063 0.2447 0.3879 0.0297  -0.0301 0.0490  331 LYS G CG  
416 C CD  . LYS A 54 ? 0.3302 0.2607 0.4007 0.0349  -0.0280 0.0500  331 LYS G CD  
417 C CE  . LYS A 54 ? 0.3548 0.2790 0.4203 0.0371  -0.0276 0.0507  331 LYS G CE  
418 N NZ  . LYS A 54 ? 0.3698 0.2854 0.4239 0.0423  -0.0260 0.0515  331 LYS G NZ  
419 N N   . THR A 55 ? 0.2386 0.2052 0.3513 0.0172  -0.0254 0.0522  332 THR G N   
420 C CA  . THR A 55 ? 0.2457 0.2190 0.3660 0.0147  -0.0233 0.0537  332 THR G CA  
421 C C   . THR A 55 ? 0.2431 0.2207 0.3718 0.0105  -0.0264 0.0523  332 THR G C   
422 O O   . THR A 55 ? 0.2210 0.1988 0.3519 0.0100  -0.0265 0.0527  332 THR G O   
423 C CB  . THR A 55 ? 0.2522 0.2328 0.3773 0.0131  -0.0200 0.0551  332 THR G CB  
424 O OG1 . THR A 55 ? 0.2673 0.2440 0.3849 0.0169  -0.0169 0.0566  332 THR G OG1 
425 C CG2 . THR A 55 ? 0.2462 0.2346 0.3803 0.0098  -0.0180 0.0565  332 THR G CG2 
426 N N   . ILE A 56 ? 0.2546 0.2358 0.3883 0.0075  -0.0290 0.0506  333 ILE G N   
427 C CA  . ILE A 56 ? 0.2357 0.2215 0.3780 0.0032  -0.0321 0.0492  333 ILE G CA  
428 C C   . ILE A 56 ? 0.2524 0.2321 0.3911 0.0044  -0.0355 0.0476  333 ILE G C   
429 O O   . ILE A 56 ? 0.2639 0.2457 0.4076 0.0024  -0.0369 0.0474  333 ILE G O   
430 C CB  . ILE A 56 ? 0.1917 0.1823 0.3396 -0.0004 -0.0340 0.0477  333 ILE G CB  
431 C CG1 . ILE A 56 ? 0.1661 0.1624 0.3170 -0.0014 -0.0303 0.0493  333 ILE G CG1 
432 C CG2 . ILE A 56 ? 0.1871 0.1831 0.3444 -0.0050 -0.0370 0.0462  333 ILE G CG2 
433 C CD1 . ILE A 56 ? 0.1566 0.1579 0.3135 -0.0051 -0.0319 0.0480  333 ILE G CD1 
434 N N   . LEU A 57 ? 0.2542 0.2262 0.3842 0.0077  -0.0370 0.0466  334 LEU G N   
435 C CA  . LEU A 57 ? 0.2737 0.2395 0.4000 0.0092  -0.0400 0.0453  334 LEU G CA  
436 C C   . LEU A 57 ? 0.3381 0.3002 0.4607 0.0115  -0.0380 0.0468  334 LEU G C   
437 O O   . LEU A 57 ? 0.3621 0.3224 0.4859 0.0108  -0.0403 0.0460  334 LEU G O   
438 C CB  . LEU A 57 ? 0.2405 0.1988 0.3579 0.0125  -0.0414 0.0441  334 LEU G CB  
439 C CG  . LEU A 57 ? 0.2094 0.1704 0.3297 0.0104  -0.0439 0.0422  334 LEU G CG  
440 C CD1 . LEU A 57 ? 0.2259 0.1793 0.3375 0.0138  -0.0454 0.0411  334 LEU G CD1 
441 C CD2 . LEU A 57 ? 0.1835 0.1496 0.3129 0.0057  -0.0477 0.0403  334 LEU G CD2 
442 N N   . LYS A 58 ? 0.3744 0.3355 0.4931 0.0140  -0.0339 0.0490  335 LYS G N   
443 C CA  . LYS A 58 ? 0.3819 0.3406 0.4983 0.0157  -0.0318 0.0506  335 LYS G CA  
444 C C   . LYS A 58 ? 0.4023 0.3689 0.5287 0.0118  -0.0315 0.0513  335 LYS G C   
445 O O   . LYS A 58 ? 0.4013 0.3664 0.5276 0.0123  -0.0312 0.0518  335 LYS G O   
446 C CB  . LYS A 58 ? 0.3604 0.3162 0.4700 0.0192  -0.0277 0.0526  335 LYS G CB  
447 N N   . ALA A 59 ? 0.4208 0.3961 0.5560 0.0081  -0.0313 0.0511  336 ALA G N   
448 C CA  . ALA A 59 ? 0.4171 0.4003 0.5624 0.0042  -0.0310 0.0515  336 ALA G CA  
449 C C   . ALA A 59 ? 0.4100 0.3938 0.5599 0.0016  -0.0354 0.0496  336 ALA G C   
450 O O   . ALA A 59 ? 0.4064 0.3934 0.5614 -0.0002 -0.0354 0.0500  336 ALA G O   
451 C CB  . ALA A 59 ? 0.4221 0.4141 0.5750 0.0009  -0.0294 0.0522  336 ALA G CB  
452 N N   . LEU A 60 ? 0.3963 0.3775 0.5447 0.0012  -0.0390 0.0473  337 LEU G N   
453 C CA  . LEU A 60 ? 0.3920 0.3735 0.5446 -0.0012 -0.0434 0.0453  337 LEU G CA  
454 C C   . LEU A 60 ? 0.4277 0.4023 0.5745 0.0015  -0.0441 0.0453  337 LEU G C   
455 O O   . LEU A 60 ? 0.4456 0.4214 0.5969 -0.0005 -0.0470 0.0442  337 LEU G O   
456 C CB  . LEU A 60 ? 0.3750 0.3550 0.5268 -0.0020 -0.0470 0.0428  337 LEU G CB  
457 C CG  . LEU A 60 ? 0.3537 0.3409 0.5126 -0.0057 -0.0476 0.0421  337 LEU G CG  
458 C CD1 . LEU A 60 ? 0.3449 0.3296 0.5026 -0.0064 -0.0517 0.0395  337 LEU G CD1 
459 C CD2 . LEU A 60 ? 0.3332 0.3291 0.5033 -0.0103 -0.0480 0.0422  337 LEU G CD2 
460 N N   . GLY A 61 ? 0.5492 0.6423 0.5207 0.1371  0.0412  0.1044  338 GLY G N   
461 C CA  . GLY A 61 ? 0.5333 0.6310 0.5136 0.1365  0.0421  0.1054  338 GLY G CA  
462 C C   . GLY A 61 ? 0.5186 0.6164 0.5048 0.1365  0.0380  0.1055  338 GLY G C   
463 O O   . GLY A 61 ? 0.5157 0.6095 0.4989 0.1371  0.0343  0.1050  338 GLY G O   
464 N N   . PRO A 62 ? 0.5042 0.6062 0.4990 0.1358  0.0385  0.1062  339 PRO G N   
465 C CA  . PRO A 62 ? 0.4920 0.5943 0.4935 0.1359  0.0350  0.1062  339 PRO G CA  
466 C C   . PRO A 62 ? 0.4741 0.5764 0.4814 0.1375  0.0350  0.1064  339 PRO G C   
467 O O   . PRO A 62 ? 0.4753 0.5775 0.4813 0.1386  0.0381  0.1066  339 PRO G O   
468 C CB  . PRO A 62 ? 0.4945 0.6017 0.5041 0.1347  0.0365  0.1067  339 PRO G CB  
469 C CG  . PRO A 62 ? 0.4955 0.6036 0.4997 0.1336  0.0395  0.1068  339 PRO G CG  
470 C CD  . PRO A 62 ? 0.4977 0.6037 0.4956 0.1347  0.0421  0.1067  339 PRO G CD  
471 N N   . ALA A 63 ? 0.4572 0.5598 0.4707 0.1376  0.0318  0.1064  340 ALA G N   
472 C CA  . ALA A 63 ? 0.4408 0.5435 0.4605 0.1390  0.0315  0.1064  340 ALA G CA  
473 C C   . ALA A 63 ? 0.4325 0.5309 0.4454 0.1405  0.0303  0.1061  340 ALA G C   
474 O O   . ALA A 63 ? 0.4321 0.5307 0.4485 0.1418  0.0316  0.1062  340 ALA G O   
475 C CB  . ALA A 63 ? 0.4417 0.5484 0.4691 0.1390  0.0361  0.1070  340 ALA G CB  
476 N N   . ALA A 64 ? 0.4313 0.5257 0.4344 0.1402  0.0279  0.1055  341 ALA G N   
477 C CA  . ALA A 64 ? 0.4264 0.5160 0.4222 0.1412  0.0263  0.1049  341 ALA G CA  
478 C C   . ALA A 64 ? 0.4162 0.5024 0.4110 0.1412  0.0207  0.1044  341 ALA G C   
479 O O   . ALA A 64 ? 0.4113 0.4965 0.4043 0.1397  0.0174  0.1042  341 ALA G O   
480 C CB  . ALA A 64 ? 0.4222 0.5090 0.4069 0.1405  0.0273  0.1044  341 ALA G CB  
481 N N   . THR A 65 ? 0.4201 0.5043 0.4161 0.1427  0.0193  0.1043  342 THR G N   
482 C CA  . THR A 65 ? 0.4289 0.5097 0.4243 0.1428  0.0140  0.1039  342 THR G CA  
483 C C   . THR A 65 ? 0.4251 0.5001 0.4086 0.1419  0.0109  0.1030  342 THR G C   
484 O O   . THR A 65 ? 0.4341 0.5076 0.4099 0.1415  0.0130  0.1025  342 THR G O   
485 C CB  . THR A 65 ? 0.4455 0.5264 0.4468 0.1448  0.0137  0.1041  342 THR G CB  
486 O OG1 . THR A 65 ? 0.4426 0.5205 0.4372 0.1458  0.0149  0.1038  342 THR G OG1 
487 C CG2 . THR A 65 ? 0.4506 0.5370 0.4626 0.1453  0.0175  0.1048  342 THR G CG2 
488 N N   . LEU A 66 ? 0.3969 0.4685 0.3787 0.1415  0.0057  0.1025  343 LEU G N   
489 C CA  . LEU A 66 ? 0.3833 0.4488 0.3536 0.1401  0.0022  0.1015  343 LEU G CA  
490 C C   . LEU A 66 ? 0.3976 0.4598 0.3622 0.1413  0.0032  0.1009  343 LEU G C   
491 O O   . LEU A 66 ? 0.4084 0.4670 0.3632 0.1401  0.0033  0.0999  343 LEU G O   
492 C CB  . LEU A 66 ? 0.3635 0.4261 0.3337 0.1393  -0.0037 0.1012  343 LEU G CB  
493 C CG  . LEU A 66 ? 0.3532 0.4094 0.3115 0.1371  -0.0079 0.0999  343 LEU G CG  
494 C CD1 . LEU A 66 ? 0.3357 0.3919 0.2879 0.1345  -0.0069 0.0994  343 LEU G CD1 
495 C CD2 . LEU A 66 ? 0.3576 0.4114 0.3171 0.1365  -0.0136 0.0998  343 LEU G CD2 
496 N N   . GLU A 67 ? 0.3963 0.4598 0.3673 0.1435  0.0041  0.1014  344 GLU G N   
497 C CA  . GLU A 67 ? 0.3767 0.4375 0.3430 0.1448  0.0053  0.1010  344 GLU G CA  
498 C C   . GLU A 67 ? 0.3954 0.4577 0.3584 0.1449  0.0104  0.1010  344 GLU G C   
499 O O   . GLU A 67 ? 0.4269 0.4860 0.3821 0.1450  0.0110  0.1001  344 GLU G O   
500 C CB  . GLU A 67 ? 0.3406 0.4028 0.3150 0.1471  0.0053  0.1016  344 GLU G CB  
501 N N   . GLU A 68 ? 0.3736 0.4412 0.3426 0.1449  0.0142  0.1018  345 GLU G N   
502 C CA  . GLU A 68 ? 0.3512 0.4205 0.3170 0.1449  0.0192  0.1018  345 GLU G CA  
503 C C   . GLU A 68 ? 0.3403 0.4066 0.2962 0.1427  0.0185  0.1008  345 GLU G C   
504 O O   . GLU A 68 ? 0.3273 0.3921 0.2767 0.1425  0.0207  0.1000  345 GLU G O   
505 C CB  . GLU A 68 ? 0.3280 0.4034 0.3030 0.1452  0.0232  0.1030  345 GLU G CB  
506 C CG  . GLU A 68 ? 0.3229 0.4012 0.3076 0.1469  0.0243  0.1038  345 GLU G CG  
507 C CD  . GLU A 68 ? 0.3141 0.3980 0.3083 0.1464  0.0271  0.1047  345 GLU G CD  
508 O OE1 . GLU A 68 ? 0.3104 0.3962 0.3036 0.1451  0.0286  0.1048  345 GLU G OE1 
509 O OE2 . GLU A 68 ? 0.3122 0.3983 0.3149 0.1474  0.0277  0.1051  345 GLU G OE2 
510 N N   . MET A 69 ? 0.3459 0.4114 0.3007 0.1408  0.0152  0.1005  346 MET G N   
511 C CA  . MET A 69 ? 0.3442 0.4066 0.2894 0.1383  0.0141  0.0992  346 MET G CA  
512 C C   . MET A 69 ? 0.3298 0.3856 0.2652 0.1374  0.0112  0.0976  346 MET G C   
513 O O   . MET A 69 ? 0.3221 0.3758 0.2500 0.1364  0.0129  0.0964  346 MET G O   
514 C CB  . MET A 69 ? 0.3549 0.4174 0.3010 0.1363  0.0108  0.0993  346 MET G CB  
515 C CG  . MET A 69 ? 0.3579 0.4267 0.3128 0.1366  0.0136  0.1005  346 MET G CG  
516 S SD  . MET A 69 ? 0.3763 0.4449 0.3307 0.1340  0.0097  0.1005  346 MET G SD  
517 C CE  . MET A 69 ? 0.3836 0.4602 0.3501 0.1348  0.0138  0.1021  346 MET G CE  
518 N N   . MET A 70 ? 0.3277 0.3806 0.2634 0.1379  0.0070  0.0976  347 MET G N   
519 C CA  . MET A 70 ? 0.3296 0.3763 0.2564 0.1369  0.0039  0.0960  347 MET G CA  
520 C C   . MET A 70 ? 0.3226 0.3689 0.2476 0.1386  0.0072  0.0958  347 MET G C   
521 O O   . MET A 70 ? 0.3391 0.3811 0.2554 0.1373  0.0068  0.0942  347 MET G O   
522 C CB  . MET A 70 ? 0.3418 0.3860 0.2705 0.1373  -0.0011 0.0962  347 MET G CB  
523 C CG  . MET A 70 ? 0.3695 0.4136 0.2993 0.1354  -0.0048 0.0963  347 MET G CG  
524 S SD  . MET A 70 ? 0.3950 0.4369 0.3288 0.1362  -0.0104 0.0968  347 MET G SD  
525 C CE  . MET A 70 ? 0.4152 0.4498 0.3383 0.1353  -0.0132 0.0951  347 MET G CE  
526 N N   . THR A 71 ? 0.3107 0.3612 0.2438 0.1414  0.0104  0.0972  348 THR G N   
527 C CA  . THR A 71 ? 0.3142 0.3648 0.2458 0.1431  0.0139  0.0970  348 THR G CA  
528 C C   . THR A 71 ? 0.3375 0.3892 0.2647 0.1421  0.0180  0.0964  348 THR G C   
529 O O   . THR A 71 ? 0.3444 0.3935 0.2658 0.1422  0.0194  0.0954  348 THR G O   
530 C CB  . THR A 71 ? 0.3009 0.3558 0.2424 0.1459  0.0164  0.0987  348 THR G CB  
531 O OG1 . THR A 71 ? 0.2829 0.3367 0.2287 0.1467  0.0124  0.0991  348 THR G OG1 
532 C CG2 . THR A 71 ? 0.3148 0.3698 0.2546 0.1476  0.0200  0.0987  348 THR G CG2 
533 N N   . ALA A 72 ? 0.3712 0.4264 0.3011 0.1411  0.0198  0.0969  349 ALA G N   
534 C CA  . ALA A 72 ? 0.4176 0.4741 0.3439 0.1402  0.0237  0.0962  349 ALA G CA  
535 C C   . ALA A 72 ? 0.4424 0.4939 0.3586 0.1370  0.0214  0.0940  349 ALA G C   
536 O O   . ALA A 72 ? 0.4329 0.4840 0.3450 0.1361  0.0241  0.0929  349 ALA G O   
537 C CB  . ALA A 72 ? 0.4170 0.4793 0.3502 0.1403  0.0266  0.0976  349 ALA G CB  
538 N N   . CYS A 73 ? 0.4774 0.5251 0.3902 0.1350  0.0164  0.0933  350 CYS G N   
539 C CA  . CYS A 73 ? 0.4934 0.5362 0.3969 0.1314  0.0139  0.0910  350 CYS G CA  
540 C C   . CYS A 73 ? 0.4922 0.5287 0.3886 0.1303  0.0105  0.0894  350 CYS G C   
541 O O   . CYS A 73 ? 0.5102 0.5423 0.3989 0.1269  0.0084  0.0873  350 CYS G O   
542 C CB  . CYS A 73 ? 0.5148 0.5576 0.4187 0.1290  0.0108  0.0911  350 CYS G CB  
543 S SG  . CYS A 73 ? 0.5362 0.5849 0.4448 0.1285  0.0147  0.0920  350 CYS G SG  
544 N N   . GLN A 74 ? 0.4379 0.4740 0.3368 0.1329  0.0098  0.0903  351 GLN G N   
545 C CA  . GLN A 74 ? 0.4069 0.4370 0.2991 0.1319  0.0064  0.0888  351 GLN G CA  
546 C C   . GLN A 74 ? 0.4100 0.4377 0.2964 0.1311  0.0087  0.0871  351 GLN G C   
547 O O   . GLN A 74 ? 0.4304 0.4530 0.3106 0.1299  0.0061  0.0856  351 GLN G O   
548 C CB  . GLN A 74 ? 0.3768 0.4068 0.2736 0.1348  0.0048  0.0902  351 GLN G CB  
549 C CG  . GLN A 74 ? 0.3573 0.3910 0.2593 0.1383  0.0092  0.0914  351 GLN G CG  
550 C CD  . GLN A 74 ? 0.3354 0.3684 0.2410 0.1407  0.0072  0.0923  351 GLN G CD  
551 O OE1 . GLN A 74 ? 0.3214 0.3495 0.2226 0.1398  0.0031  0.0914  351 GLN G OE1 
552 N NE2 . GLN A 74 ? 0.3250 0.3626 0.2388 0.1436  0.0103  0.0940  351 GLN G NE2 
553 N N   . GLY A 75 ? 0.3885 0.4198 0.2767 0.1318  0.0134  0.0871  352 GLY G N   
554 C CA  . GLY A 75 ? 0.3644 0.3936 0.2474 0.1308  0.0155  0.0853  352 GLY G CA  
555 C C   . GLY A 75 ? 0.3358 0.3622 0.2128 0.1265  0.0147  0.0830  352 GLY G C   
556 O O   . GLY A 75 ? 0.3223 0.3460 0.1947 0.1250  0.0154  0.0810  352 GLY G O   
557 N N   . VAL A 76 ? 0.3262 0.3532 0.2036 0.1245  0.0130  0.0830  353 VAL G N   
558 C CA  . VAL A 76 ? 0.3233 0.3480 0.1957 0.1201  0.0122  0.0808  353 VAL G CA  
559 C C   . VAL A 76 ? 0.3418 0.3597 0.2062 0.1168  0.0082  0.0785  353 VAL G C   
560 O O   . VAL A 76 ? 0.3480 0.3630 0.2106 0.1162  0.0041  0.0788  353 VAL G O   
561 C CB  . VAL A 76 ? 0.3070 0.3339 0.1816 0.1187  0.0112  0.0815  353 VAL G CB  
562 C CG1 . VAL A 76 ? 0.3055 0.3293 0.1743 0.1137  0.0099  0.0790  353 VAL G CG1 
563 C CG2 . VAL A 76 ? 0.2953 0.3291 0.1778 0.1217  0.0156  0.0837  353 VAL G CG2 
564 N N   . GLY A 77 ? 0.3440 0.3592 0.2041 0.1143  0.0091  0.0763  354 GLY G N   
565 C CA  . GLY A 77 ? 0.3535 0.3625 0.2066 0.1109  0.0056  0.0741  354 GLY G CA  
566 C C   . GLY A 77 ? 0.3553 0.3625 0.2068 0.1126  0.0067  0.0736  354 GLY G C   
567 O O   . GLY A 77 ? 0.3484 0.3517 0.1950 0.1095  0.0059  0.0715  354 GLY G O   
568 N N   . GLY A 78 ? 0.3453 0.3635 0.2773 0.0580  -0.0132 0.1112  355 GLY G N   
569 C CA  . GLY A 78 ? 0.3466 0.3680 0.2818 0.0559  -0.0128 0.1094  355 GLY G CA  
570 C C   . GLY A 78 ? 0.3631 0.3856 0.2980 0.0557  -0.0139 0.1097  355 GLY G C   
571 O O   . GLY A 78 ? 0.3809 0.4016 0.3128 0.0570  -0.0149 0.1114  355 GLY G O   
572 N N   . PRO A 79 ? 0.3546 0.3801 0.2929 0.0543  -0.0138 0.1079  356 PRO G N   
573 C CA  . PRO A 79 ? 0.3604 0.3873 0.2992 0.0542  -0.0150 0.1080  356 PRO G CA  
574 C C   . PRO A 79 ? 0.3635 0.3877 0.2958 0.0533  -0.0158 0.1084  356 PRO G C   
575 O O   . PRO A 79 ? 0.3583 0.3820 0.2893 0.0544  -0.0169 0.1098  356 PRO G O   
576 C CB  . PRO A 79 ? 0.3678 0.3981 0.3109 0.0526  -0.0147 0.1056  356 PRO G CB  
577 C CG  . PRO A 79 ? 0.3704 0.4018 0.3173 0.0525  -0.0134 0.1049  356 PRO G CG  
578 C CD  . PRO A 79 ? 0.3597 0.3878 0.3021 0.0528  -0.0127 0.1058  356 PRO G CD  
579 N N   . GLY A 80 ? 0.3712 0.3939 0.2995 0.0512  -0.0151 0.1073  357 GLY G N   
580 C CA  . GLY A 80 ? 0.3821 0.4026 0.3045 0.0503  -0.0157 0.1077  357 GLY G CA  
581 C C   . GLY A 80 ? 0.3854 0.4025 0.3038 0.0519  -0.0166 0.1101  357 GLY G C   
582 O O   . GLY A 80 ? 0.3840 0.4000 0.2995 0.0522  -0.0177 0.1110  357 GLY G O   
583 N N   . HIS A 81 ? 0.3822 0.3974 0.3004 0.0531  -0.0161 0.1110  358 HIS G N   
584 C CA  . HIS A 81 ? 0.3840 0.3958 0.2983 0.0549  -0.0170 0.1131  358 HIS G CA  
585 C C   . HIS A 81 ? 0.3782 0.3910 0.2945 0.0574  -0.0180 0.1147  358 HIS G C   
586 O O   . HIS A 81 ? 0.3877 0.3985 0.3005 0.0583  -0.0190 0.1161  358 HIS G O   
587 C CB  . HIS A 81 ? 0.3907 0.4005 0.3048 0.0559  -0.0165 0.1135  358 HIS G CB  
588 C CG  . HIS A 81 ? 0.3926 0.3989 0.3033 0.0582  -0.0175 0.1156  358 HIS G CG  
589 N ND1 . HIS A 81 ? 0.3932 0.4001 0.3062 0.0613  -0.0177 0.1169  358 HIS G ND1 
590 C CD2 . HIS A 81 ? 0.3976 0.4001 0.3026 0.0581  -0.0185 0.1166  358 HIS G CD2 
591 C CE1 . HIS A 81 ? 0.3967 0.4001 0.3054 0.0631  -0.0186 0.1185  358 HIS G CE1 
592 N NE2 . HIS A 81 ? 0.4010 0.4015 0.3049 0.0611  -0.0193 0.1183  358 HIS G NE2 
593 N N   . LYS A 82 ? 0.3640 0.3802 0.2863 0.0586  -0.0175 0.1145  359 LYS G N   
594 C CA  . LYS A 82 ? 0.3624 0.3800 0.2874 0.0609  -0.0184 0.1162  359 LYS G CA  
595 C C   . LYS A 82 ? 0.3623 0.3807 0.2863 0.0600  -0.0195 0.1161  359 LYS G C   
596 O O   . LYS A 82 ? 0.3750 0.3925 0.2975 0.0615  -0.0205 0.1177  359 LYS G O   
597 C CB  . LYS A 82 ? 0.3715 0.3927 0.3036 0.0620  -0.0177 0.1161  359 LYS G CB  
598 C CG  . LYS A 82 ? 0.3919 0.4125 0.3250 0.0637  -0.0167 0.1167  359 LYS G CG  
599 C CD  . LYS A 82 ? 0.4055 0.4301 0.3458 0.0652  -0.0162 0.1172  359 LYS G CD  
600 C CE  . LYS A 82 ? 0.4225 0.4487 0.3652 0.0673  -0.0172 0.1193  359 LYS G CE  
601 N NZ  . LYS A 82 ? 0.4318 0.4620 0.3820 0.0687  -0.0168 0.1200  359 LYS G NZ  
602 N N   . ALA A 83 ? 0.3729 0.3931 0.2980 0.0576  -0.0193 0.1139  360 ALA G N   
603 C CA  . ALA A 83 ? 0.4272 0.4481 0.3512 0.0568  -0.0204 0.1135  360 ALA G CA  
604 C C   . ALA A 83 ? 0.4601 0.4775 0.3772 0.0564  -0.0212 0.1145  360 ALA G C   
605 O O   . ALA A 83 ? 0.4661 0.4832 0.3818 0.0571  -0.0224 0.1155  360 ALA G O   
606 C CB  . ALA A 83 ? 0.4460 0.4690 0.3717 0.0544  -0.0201 0.1110  360 ALA G CB  
607 N N   . ARG A 84 ? 0.4929 0.5078 0.4058 0.0552  -0.0205 0.1141  361 ARG G N   
608 C CA  . ARG A 84 ? 0.5023 0.5138 0.4087 0.0547  -0.0212 0.1151  361 ARG G CA  
609 C C   . ARG A 84 ? 0.4996 0.5088 0.4042 0.0572  -0.0221 0.1176  361 ARG G C   
610 O O   . ARG A 84 ? 0.5123 0.5201 0.4137 0.0576  -0.0232 0.1186  361 ARG G O   
611 C CB  . ARG A 84 ? 0.5060 0.5154 0.4088 0.0529  -0.0203 0.1145  361 ARG G CB  
612 N N   . VAL A 85 ? 0.4348 0.4437 0.3415 0.0592  -0.0217 0.1184  362 VAL G N   
613 C CA  . VAL A 85 ? 0.4000 0.4068 0.3050 0.0620  -0.0225 0.1206  362 VAL G CA  
614 C C   . VAL A 85 ? 0.3942 0.4031 0.3018 0.0635  -0.0233 0.1218  362 VAL G C   
615 O O   . VAL A 85 ? 0.4218 0.4288 0.3262 0.0648  -0.0244 0.1234  362 VAL G O   
616 C CB  . VAL A 85 ? 0.3871 0.3935 0.2941 0.0640  -0.0217 0.1212  362 VAL G CB  
617 C CG1 . VAL A 85 ? 0.3841 0.3893 0.2902 0.0674  -0.0224 0.1235  362 VAL G CG1 
618 C CG2 . VAL A 85 ? 0.3952 0.3985 0.2986 0.0627  -0.0213 0.1205  362 VAL G CG2 
619 N N   . LEU A 86 ? 0.3693 0.3821 0.2828 0.0635  -0.0229 0.1211  363 LEU G N   
620 C CA  . LEU A 86 ? 0.3427 0.3577 0.2594 0.0648  -0.0239 0.1222  363 LEU G CA  
621 C C   . LEU A 86 ? 0.3481 0.3623 0.2613 0.0633  -0.0251 0.1219  363 LEU G C   
622 O O   . LEU A 86 ? 0.3404 0.3543 0.2529 0.0647  -0.0263 0.1235  363 LEU G O   
623 C CB  . LEU A 86 ? 0.3006 0.3199 0.2245 0.0647  -0.0235 0.1214  363 LEU G CB  
624 C CG  . LEU A 86 ? 0.2917 0.3135 0.2199 0.0658  -0.0247 0.1226  363 LEU G CG  
625 C CD1 . LEU A 86 ? 0.2920 0.3132 0.2200 0.0689  -0.0251 0.1255  363 LEU G CD1 
626 C CD2 . LEU A 86 ? 0.2874 0.3132 0.2231 0.0655  -0.0245 0.1216  363 LEU G CD2 
627 N N   . ALA A 87 ? 0.3580 0.3721 0.2692 0.0606  -0.0248 0.1198  364 ALA G N   
628 C CA  . ALA A 87 ? 0.3666 0.3799 0.2741 0.0592  -0.0259 0.1193  364 ALA G CA  
629 C C   . ALA A 87 ? 0.3859 0.3955 0.2873 0.0598  -0.0266 0.1211  364 ALA G C   
630 O O   . ALA A 87 ? 0.3863 0.3954 0.2858 0.0602  -0.0278 0.1220  364 ALA G O   
631 C CB  . ALA A 87 ? 0.3587 0.3725 0.2648 0.0564  -0.0252 0.1169  364 ALA G CB  
632 N N   . GLU A 88 ? 0.4024 0.4091 0.3005 0.0600  -0.0259 0.1216  365 GLU G N   
633 C CA  . GLU A 88 ? 0.4200 0.4230 0.3125 0.0607  -0.0269 0.1232  365 GLU G CA  
634 C C   . GLU A 88 ? 0.4893 0.4920 0.3827 0.0638  -0.0276 0.1254  365 GLU G C   
635 O O   . GLU A 88 ? 0.5235 0.5242 0.4132 0.0644  -0.0288 0.1267  365 GLU G O   
636 C CB  . GLU A 88 ? 0.3945 0.3945 0.2840 0.0603  -0.0262 0.1232  365 GLU G CB  
637 N N   . ALA A 89 ? 0.5273 0.5320 0.4257 0.0658  -0.0271 0.1259  366 ALA G N   
638 C CA  . ALA A 89 ? 0.5811 0.5863 0.4809 0.0689  -0.0277 0.1282  366 ALA G CA  
639 C C   . ALA A 89 ? 0.6029 0.6099 0.5043 0.0690  -0.0288 0.1288  366 ALA G C   
640 O O   . ALA A 89 ? 0.6108 0.6159 0.5109 0.0696  -0.0297 0.1290  366 ALA G O   
641 C CB  . ALA A 89 ? 0.6031 0.6103 0.5083 0.0706  -0.0266 0.1282  366 ALA G CB  
642 N N   . MET A 90 ? 0.6343 0.6444 0.5398 0.0674  -0.0287 0.1274  367 MET G N   
643 C CA  . MET A 90 ? 0.6849 0.6967 0.5921 0.0673  -0.0300 0.1278  367 MET G CA  
644 C C   . MET A 90 ? 0.7361 0.7453 0.6372 0.0659  -0.0310 0.1275  367 MET G C   
645 O O   . MET A 90 ? 0.7381 0.7473 0.6386 0.0666  -0.0322 0.1286  367 MET G O   
646 C CB  . MET A 90 ? 0.6897 0.7050 0.6024 0.0657  -0.0299 0.1259  367 MET G CB  
647 C CG  . MET A 90 ? 0.6865 0.7052 0.6066 0.0673  -0.0292 0.1264  367 MET G CG  
648 S SD  . MET A 90 ? 0.6919 0.7125 0.6163 0.0703  -0.0304 0.1295  367 MET G SD  
649 C CE  . MET A 90 ? 0.7051 0.7268 0.6305 0.0685  -0.0322 0.1285  367 MET G CE  
650 N N   . SER A 91 ? 0.7742 0.7811 0.6707 0.0638  -0.0304 0.1262  368 SER G N   
651 C CA  . SER A 91 ? 0.8281 0.8328 0.7190 0.0624  -0.0313 0.1260  368 SER G CA  
652 C C   . SER A 91 ? 0.8630 0.8643 0.7494 0.0641  -0.0321 0.1283  368 SER G C   
653 O O   . SER A 91 ? 0.8865 0.8872 0.7706 0.0642  -0.0333 0.1291  368 SER G O   
654 C CB  . SER A 91 ? 0.8429 0.8465 0.7304 0.0597  -0.0303 0.1243  368 SER G CB  
655 N N   . GLN A 92 ? 0.8850 0.8842 0.7704 0.0653  -0.0316 0.1289  369 GLN G N   
656 C CA  . GLN A 92 ? 0.9159 0.9110 0.7983 0.0656  -0.0323 0.1285  369 GLN G CA  
657 C C   . GLN A 92 ? 0.9100 0.9056 0.7960 0.0673  -0.0329 0.1286  369 GLN G C   
658 O O   . GLN A 92 ? 0.9107 0.9036 0.7942 0.0673  -0.0340 0.1286  369 GLN G O   
659 C CB  . GLN A 92 ? 0.9481 0.9401 0.8289 0.0657  -0.0318 0.1278  369 GLN G CB  
660 C CG  . GLN A 92 ? 0.9663 0.9600 0.8522 0.0676  -0.0308 0.1275  369 GLN G CG  
661 C CD  . GLN A 92 ? 0.9954 0.9852 0.8793 0.0680  -0.0307 0.1266  369 GLN G CD  
662 O OE1 . GLN A 92 ? 1.0076 0.9983 0.8949 0.0696  -0.0300 0.1262  369 GLN G OE1 
663 N NE2 . GLN A 92 ? 1.0059 0.9918 0.8846 0.0669  -0.0316 0.1264  369 GLN G NE2 
664 N N   . VAL A 93 ? 0.8810 0.8801 0.7730 0.0686  -0.0324 0.1290  370 VAL G N   
665 C CA  . VAL A 93 ? 0.8625 0.8625 0.7583 0.0703  -0.0328 0.1293  370 VAL G CA  
666 C C   . VAL A 93 ? 0.8366 0.8391 0.7343 0.0701  -0.0338 0.1302  370 VAL G C   
667 O O   . VAL A 93 ? 0.8296 0.8306 0.7259 0.0702  -0.0349 0.1305  370 VAL G O   
668 C CB  . VAL A 93 ? 0.8740 0.8766 0.7757 0.0720  -0.0316 0.1293  370 VAL G CB  
# 
loop_
_pdbx_poly_seq_scheme.asym_id 
_pdbx_poly_seq_scheme.entity_id 
_pdbx_poly_seq_scheme.seq_id 
_pdbx_poly_seq_scheme.mon_id 
_pdbx_poly_seq_scheme.ndb_seq_num 
_pdbx_poly_seq_scheme.pdb_seq_num 
_pdbx_poly_seq_scheme.auth_seq_num 
_pdbx_poly_seq_scheme.pdb_mon_id 
_pdbx_poly_seq_scheme.auth_mon_id 
_pdbx_poly_seq_scheme.pdb_strand_id 
_pdbx_poly_seq_scheme.pdb_ins_code 
_pdbx_poly_seq_scheme.hetero 
A 1 1  SER 1  278 ?   ?   ?   G . n 
A 1 2  PRO 2  279 ?   ?   ?   G . n 
A 1 3  THR 3  280 280 THR THR G . n 
A 1 4  SER 4  281 281 SER SER G . n 
A 1 5  ILE 5  282 282 ILE ILE G . n 
A 1 6  LEU 6  283 283 LEU LEU G . n 
A 1 7  ASP 7  284 284 ASP ASP G . n 
A 1 8  ILE 8  285 285 ILE ILE G . n 
A 1 9  ARG 9  286 286 ARG ARG G . n 
A 1 10 GLN 10 287 287 GLN GLN G . n 
A 1 11 GLY 11 288 288 GLY GLY G . n 
A 1 12 PRO 12 289 289 PRO PRO G . n 
A 1 13 LYS 13 290 290 LYS LYS G . n 
A 1 14 GLU 14 291 291 GLU GLU G . n 
A 1 15 PRO 15 292 292 PRO PRO G . n 
A 1 16 PHE 16 293 293 PHE PHE G . n 
A 1 17 ARG 17 294 294 ARG ARG G . n 
A 1 18 ASP 18 295 295 ASP ASP G . n 
A 1 19 TYR 19 296 296 TYR TYR G . n 
A 1 20 VAL 20 297 297 VAL VAL G . n 
A 1 21 ASP 21 298 298 ASP ASP G . n 
A 1 22 ARG 22 299 299 ARG ARG G . n 
A 1 23 PHE 23 300 300 PHE PHE G . n 
A 1 24 TYR 24 301 301 TYR TYR G . n 
A 1 25 LYS 25 302 302 LYS LYS G . n 
A 1 26 THR 26 303 303 THR THR G . n 
A 1 27 LEU 27 304 304 LEU LEU G . n 
A 1 28 ARG 28 305 305 ARG ARG G . n 
A 1 29 ALA 29 306 306 ALA ALA G . n 
A 1 30 GLU 30 307 307 GLU GLU G . n 
A 1 31 GLN 31 308 308 GLN GLN G . n 
A 1 32 ALA 32 309 309 ALA ALA G . n 
A 1 33 SER 33 310 310 SER SER G . n 
A 1 34 GLN 34 311 311 GLN GLN G . n 
A 1 35 GLU 35 312 312 GLU GLU G . n 
A 1 36 VAL 36 313 313 VAL VAL G . n 
A 1 37 LYS 37 314 314 LYS LYS G . n 
A 1 38 ASN 38 315 315 ASN ASN G . n 
A 1 39 TRP 39 316 316 TRP TRP G . n 
A 1 40 MET 40 317 317 MET MET G . n 
A 1 41 THR 41 318 318 THR THR G . n 
A 1 42 GLU 42 319 319 GLU GLU G . n 
A 1 43 THR 43 320 320 THR THR G . n 
A 1 44 LEU 44 321 321 LEU LEU G . n 
A 1 45 LEU 45 322 322 LEU LEU G . n 
A 1 46 VAL 46 323 323 VAL VAL G . n 
A 1 47 GLN 47 324 324 GLN GLN G . n 
A 1 48 ASN 48 325 325 ASN ASN G . n 
A 1 49 ALA 49 326 326 ALA ALA G . n 
A 1 50 ASN 50 327 327 ASN ASN G . n 
A 1 51 PRO 51 328 328 PRO PRO G . n 
A 1 52 ASP 52 329 329 ASP ASP G . n 
A 1 53 CYS 53 330 330 CYS CYS G . n 
A 1 54 LYS 54 331 331 LYS LYS G . n 
A 1 55 THR 55 332 332 THR THR G . n 
A 1 56 ILE 56 333 333 ILE ILE G . n 
A 1 57 LEU 57 334 334 LEU LEU G . n 
A 1 58 LYS 58 335 335 LYS LYS G . n 
A 1 59 ALA 59 336 336 ALA ALA G . n 
A 1 60 LEU 60 337 337 LEU LEU G . n 
A 1 61 GLY 61 338 338 GLY GLY G . n 
A 1 62 PRO 62 339 339 PRO PRO G . n 
A 1 63 ALA 63 340 340 ALA ALA G . n 
A 1 64 ALA 64 341 341 ALA ALA G . n 
A 1 65 THR 65 342 342 THR THR G . n 
A 1 66 LEU 66 343 343 LEU LEU G . n 
A 1 67 GLU 67 344 344 GLU GLU G . n 
A 1 68 GLU 68 345 345 GLU GLU G . n 
A 1 69 MET 69 346 346 MET MET G . n 
A 1 70 MET 70 347 347 MET MET G . n 
A 1 71 THR 71 348 348 THR THR G . n 
A 1 72 ALA 72 349 349 ALA ALA G . n 
A 1 73 CYS 73 350 350 CYS CYS G . n 
A 1 74 GLN 74 351 351 GLN GLN G . n 
A 1 75 GLY 75 352 352 GLY GLY G . n 
A 1 76 VAL 76 353 353 VAL VAL G . n 
A 1 77 GLY 77 354 354 GLY GLY G . n 
A 1 78 GLY 78 355 355 GLY GLY G . n 
A 1 79 PRO 79 356 356 PRO PRO G . n 
A 1 80 GLY 80 357 357 GLY GLY G . n 
A 1 81 HIS 81 358 358 HIS HIS G . n 
A 1 82 LYS 82 359 359 LYS LYS G . n 
A 1 83 ALA 83 360 360 ALA ALA G . n 
A 1 84 ARG 84 361 361 ARG ARG G . n 
A 1 85 VAL 85 362 362 VAL VAL G . n 
A 1 86 LEU 86 363 363 LEU LEU G . n 
A 1 87 ALA 87 364 364 ALA ALA G . n 
A 1 88 GLU 88 365 365 GLU GLU G . n 
A 1 89 ALA 89 366 366 ALA ALA G . n 
A 1 90 MET 90 367 367 MET MET G . n 
A 1 91 SER 91 368 368 SER SER G . n 
A 1 92 GLN 92 369 369 GLN GLN G . n 
A 1 93 VAL 93 370 370 VAL VAL G . n 
A 1 94 THR 94 371 ?   ?   ?   G . n 
A 1 95 ASN 95 372 ?   ?   ?   G . n 
# 
loop_
_pdbx_nonpoly_scheme.asym_id 
_pdbx_nonpoly_scheme.entity_id 
_pdbx_nonpoly_scheme.mon_id 
_pdbx_nonpoly_scheme.ndb_seq_num 
_pdbx_nonpoly_scheme.pdb_seq_num 
_pdbx_nonpoly_scheme.auth_seq_num 
_pdbx_nonpoly_scheme.pdb_mon_id 
_pdbx_nonpoly_scheme.auth_mon_id 
_pdbx_nonpoly_scheme.pdb_strand_id 
_pdbx_nonpoly_scheme.pdb_ins_code 
B 2 IHP 1 401 902 IHP IHP G . 
C 3 HOH 1 501 1   HOH HOH G . 
# 
_pdbx_struct_assembly.id                   1 
_pdbx_struct_assembly.details              author_and_software_defined_assembly 
_pdbx_struct_assembly.method_details       PISA 
_pdbx_struct_assembly.oligomeric_details   hexameric 
_pdbx_struct_assembly.oligomeric_count     6 
# 
_pdbx_struct_assembly_gen.assembly_id       1 
_pdbx_struct_assembly_gen.oper_expression   1,2,3,4,5,6 
_pdbx_struct_assembly_gen.asym_id_list      A,B,C 
# 
loop_
_pdbx_struct_assembly_prop.biol_id 
_pdbx_struct_assembly_prop.type 
_pdbx_struct_assembly_prop.value 
_pdbx_struct_assembly_prop.details 
1 'ABSA (A^2)' 14450 ? 
1 MORE         -167  ? 
1 'SSA (A^2)'  26350 ? 
# 
loop_
_pdbx_struct_oper_list.id 
_pdbx_struct_oper_list.type 
_pdbx_struct_oper_list.name 
_pdbx_struct_oper_list.symmetry_operation 
_pdbx_struct_oper_list.matrix[1][1] 
_pdbx_struct_oper_list.matrix[1][2] 
_pdbx_struct_oper_list.matrix[1][3] 
_pdbx_struct_oper_list.vector[1] 
_pdbx_struct_oper_list.matrix[2][1] 
_pdbx_struct_oper_list.matrix[2][2] 
_pdbx_struct_oper_list.matrix[2][3] 
_pdbx_struct_oper_list.vector[2] 
_pdbx_struct_oper_list.matrix[3][1] 
_pdbx_struct_oper_list.matrix[3][2] 
_pdbx_struct_oper_list.matrix[3][3] 
_pdbx_struct_oper_list.vector[3] 
1 'identity operation'         1_555 x,y,z     1.0000000000  0.0000000000  0.0000000000  0.0000000000  0.0000000000  1.0000000000  0.0000000000  0.0000000000  0.0000000000  0.0000000000  1.0000000000 0.0000000000   
2 'crystal symmetry operation' 2_555 -y,x-y,z  -0.0867575971 -0.9006433882 0.4258105290  28.1776161828 0.5094454198  -0.4074176262 -0.7579421100 22.5008674660 0.8561182649  0.1511699876  0.4941752233 -11.3002204722 
3 'crystal symmetry operation' 3_555 -x+y,-x,z -0.0867575971 0.5094454198  0.8561182649  0.6559835417  -0.9006433882 -0.4074176262 0.1511699876  36.2534879092 0.4258105290  -0.7579421100 0.4941752233 10.6403182847  
4 'crystal symmetry operation' 4_555 -x,-y,z   -0.4490101294 -0.2607986456 0.8546191960  19.2223998164 -0.2607986456 -0.8765568349 -0.4045147483 39.1695702501 0.8546191960  -0.4045147483 0.3255669644 -0.4399347917  
5 'crystal symmetry operation' 5_555 y,-x+y,z  0.6377474676  0.6398447426  0.4288086670  -8.9552163664 -0.7702440654 0.5308607913  0.3534273617  16.6687027841 -0.0014990690 -0.5556847358 0.8313917411 10.8602856805  
6 'crystal symmetry operation' 6_555 x-y,x,z   0.6377474676  -0.7702440654 -0.0014990690 18.5664162746 0.6398447426  0.5308607913  -0.5556847358 2.9160823409  0.4288086670  0.3534273617  0.8313917411 -11.0802530763 
# 
_pdbx_struct_special_symmetry.id              1 
_pdbx_struct_special_symmetry.PDB_model_num   1 
_pdbx_struct_special_symmetry.auth_asym_id    G 
_pdbx_struct_special_symmetry.auth_comp_id    IHP 
_pdbx_struct_special_symmetry.auth_seq_id     401 
_pdbx_struct_special_symmetry.PDB_ins_code    ? 
_pdbx_struct_special_symmetry.label_asym_id   B 
_pdbx_struct_special_symmetry.label_comp_id   IHP 
_pdbx_struct_special_symmetry.label_seq_id    . 
# 
loop_
_pdbx_audit_revision_history.ordinal 
_pdbx_audit_revision_history.data_content_type 
_pdbx_audit_revision_history.major_revision 
_pdbx_audit_revision_history.minor_revision 
_pdbx_audit_revision_history.revision_date 
1 'Structure model' 1 0 2018-08-08 
2 'Structure model' 1 1 2018-08-15 
3 'Structure model' 1 2 2018-09-05 
4 'Structure model' 1 3 2019-02-20 
5 'Structure model' 1 4 2019-12-11 
6 'Structure model' 1 5 2020-10-14 
7 'Structure model' 1 6 2023-10-04 
# 
_pdbx_audit_revision_details.ordinal             1 
_pdbx_audit_revision_details.revision_ordinal    1 
_pdbx_audit_revision_details.data_content_type   'Structure model' 
_pdbx_audit_revision_details.provider            repository 
_pdbx_audit_revision_details.type                'Initial release' 
_pdbx_audit_revision_details.description         ? 
_pdbx_audit_revision_details.details             ? 
# 
loop_
_pdbx_audit_revision_group.ordinal 
_pdbx_audit_revision_group.revision_ordinal 
_pdbx_audit_revision_group.data_content_type 
_pdbx_audit_revision_group.group 
1  2 'Structure model' 'Data collection'            
2  2 'Structure model' 'Database references'        
3  3 'Structure model' 'Data collection'            
4  3 'Structure model' 'Database references'        
5  4 'Structure model' 'Author supporting evidence' 
6  4 'Structure model' 'Data collection'            
7  5 'Structure model' 'Author supporting evidence' 
8  6 'Structure model' 'Structure summary'          
9  7 'Structure model' 'Data collection'            
10 7 'Structure model' 'Database references'        
11 7 'Structure model' 'Refinement description'     
# 
loop_
_pdbx_audit_revision_category.ordinal 
_pdbx_audit_revision_category.revision_ordinal 
_pdbx_audit_revision_category.data_content_type 
_pdbx_audit_revision_category.category 
1  2 'Structure model' citation                      
2  2 'Structure model' citation_author               
3  3 'Structure model' citation                      
4  4 'Structure model' pdbx_audit_support            
5  5 'Structure model' pdbx_audit_support            
6  6 'Structure model' chem_comp                     
7  7 'Structure model' chem_comp_atom                
8  7 'Structure model' chem_comp_bond                
9  7 'Structure model' database_2                    
10 7 'Structure model' pdbx_initial_refinement_model 
# 
loop_
_pdbx_audit_revision_item.ordinal 
_pdbx_audit_revision_item.revision_ordinal 
_pdbx_audit_revision_item.data_content_type 
_pdbx_audit_revision_item.item 
1  2 'Structure model' '_citation.pdbx_database_id_PubMed'        
2  2 'Structure model' '_citation.title'                          
3  2 'Structure model' '_citation_author.name'                    
4  3 'Structure model' '_citation.journal_volume'                 
5  3 'Structure model' '_citation.page_first'                     
6  3 'Structure model' '_citation.page_last'                      
7  4 'Structure model' '_pdbx_audit_support.funding_organization' 
8  5 'Structure model' '_pdbx_audit_support.funding_organization' 
9  6 'Structure model' '_chem_comp.pdbx_synonyms'                 
10 7 'Structure model' '_database_2.pdbx_DOI'                     
11 7 'Structure model' '_database_2.pdbx_database_accession'      
# 
loop_
_pdbx_refine_tls.pdbx_refine_id 
_pdbx_refine_tls.id 
_pdbx_refine_tls.details 
_pdbx_refine_tls.method 
_pdbx_refine_tls.origin_x 
_pdbx_refine_tls.origin_y 
_pdbx_refine_tls.origin_z 
_pdbx_refine_tls.T[1][1] 
_pdbx_refine_tls.T[2][2] 
_pdbx_refine_tls.T[3][3] 
_pdbx_refine_tls.T[1][2] 
_pdbx_refine_tls.T[1][3] 
_pdbx_refine_tls.T[2][3] 
_pdbx_refine_tls.L[1][1] 
_pdbx_refine_tls.L[2][2] 
_pdbx_refine_tls.L[3][3] 
_pdbx_refine_tls.L[1][2] 
_pdbx_refine_tls.L[1][3] 
_pdbx_refine_tls.L[2][3] 
_pdbx_refine_tls.S[1][1] 
_pdbx_refine_tls.S[1][2] 
_pdbx_refine_tls.S[1][3] 
_pdbx_refine_tls.S[2][1] 
_pdbx_refine_tls.S[2][2] 
_pdbx_refine_tls.S[2][3] 
_pdbx_refine_tls.S[3][1] 
_pdbx_refine_tls.S[3][2] 
_pdbx_refine_tls.S[3][3] 
'X-RAY DIFFRACTION' 1 ? refined -1.9098 2.5364  -7.5699 0.1801 -0.2633 0.3547 -0.1855 0.0544  0.0270 0.1048 0.0468 0.1367 -0.0426 0.0403  0.0057  -0.1012 -0.0229 -0.1037 -0.2263 -0.0469 0.0695 0.0069  0.0383  -0.1102 
'X-RAY DIFFRACTION' 2 ? refined -2.5391 -6.2038 -4.1811 0.1287 -0.3219 0.2727 0.2010  -0.1381 0.1764 0.0073 0.0094 0.0193 -0.0056 -0.0045 -0.0080 -0.0781 0.0371  -0.2455 -0.1226 -0.1708 0.1762 0.0307  0.0523  -0.1598 
'X-RAY DIFFRACTION' 3 ? refined -4.9824 0.1549  6.3096  0.2677 0.3322  0.1997 0.1599  0.0115  0.1159 0.0108 0.0480 0.0196 0.0287  0.0007  0.0089  -0.0536 -0.0225 -0.0260 -0.0683 0.0728  0.1686 -0.0674 -0.0649 0.0985  
'X-RAY DIFFRACTION' 4 ? refined 12.7776 7.0694  13.8115 0.3011 0.3126  0.2112 0.0622  -0.0236 0.1208 0.1661 0.1156 0.0671 -0.1152 0.1061  -0.0819 -0.0138 -0.0224 -0.0330 0.0675  -0.0647 0.0129 0.0012  0.0527  -0.1055 
# 
loop_
_pdbx_refine_tls_group.pdbx_refine_id 
_pdbx_refine_tls_group.id 
_pdbx_refine_tls_group.refine_tls_id 
_pdbx_refine_tls_group.beg_auth_asym_id 
_pdbx_refine_tls_group.beg_auth_seq_id 
_pdbx_refine_tls_group.beg_label_asym_id 
_pdbx_refine_tls_group.beg_label_seq_id 
_pdbx_refine_tls_group.end_auth_asym_id 
_pdbx_refine_tls_group.end_auth_seq_id 
_pdbx_refine_tls_group.end_label_asym_id 
_pdbx_refine_tls_group.end_label_seq_id 
_pdbx_refine_tls_group.selection 
_pdbx_refine_tls_group.selection_details 
'X-RAY DIFFRACTION' 1 1 ? ? ? ? ? ? ? ? ? 
;chain 'G' and (resid 280 through 306 )
;
'X-RAY DIFFRACTION' 2 2 ? ? ? ? ? ? ? ? ? 
;chain 'G' and (resid 307 through 337 )
;
'X-RAY DIFFRACTION' 3 3 ? ? ? ? ? ? ? ? ? 
;chain 'G' and (resid 338 through 354 )
;
'X-RAY DIFFRACTION' 4 4 ? ? ? ? ? ? ? ? ? 
;chain 'G' and (resid 355 through 370 )
;
# 
loop_
_software.citation_id 
_software.classification 
_software.compiler_name 
_software.compiler_version 
_software.contact_author 
_software.contact_author_email 
_software.date 
_software.description 
_software.dependencies 
_software.hardware 
_software.language 
_software.location 
_software.mods 
_software.name 
_software.os 
_software.os_version 
_software.type 
_software.version 
_software.pdbx_ordinal 
? refinement       ? ? ? ? ? ? ? ? ? ? ? PHENIX   ? ? ? '(1.11.1_2575: ???)' 1 
? 'data reduction' ? ? ? ? ? ? ? ? ? ? ? HKL-2000 ? ? ? .                    2 
? 'data scaling'   ? ? ? ? ? ? ? ? ? ? ? HKL-2000 ? ? ? .                    3 
? phasing          ? ? ? ? ? ? ? ? ? ? ? MOLREP   ? ? ? .                    4 
# 
loop_
_pdbx_unobs_or_zero_occ_atoms.id 
_pdbx_unobs_or_zero_occ_atoms.PDB_model_num 
_pdbx_unobs_or_zero_occ_atoms.polymer_flag 
_pdbx_unobs_or_zero_occ_atoms.occupancy_flag 
_pdbx_unobs_or_zero_occ_atoms.auth_asym_id 
_pdbx_unobs_or_zero_occ_atoms.auth_comp_id 
_pdbx_unobs_or_zero_occ_atoms.auth_seq_id 
_pdbx_unobs_or_zero_occ_atoms.PDB_ins_code 
_pdbx_unobs_or_zero_occ_atoms.auth_atom_id 
_pdbx_unobs_or_zero_occ_atoms.label_alt_id 
_pdbx_unobs_or_zero_occ_atoms.label_asym_id 
_pdbx_unobs_or_zero_occ_atoms.label_comp_id 
_pdbx_unobs_or_zero_occ_atoms.label_seq_id 
_pdbx_unobs_or_zero_occ_atoms.label_atom_id 
1  1 Y 1 G THR 280 ? OG1 ? A THR 3  OG1 
2  1 Y 1 G THR 280 ? CG2 ? A THR 3  CG2 
3  1 Y 1 G ASP 284 ? CG  ? A ASP 7  CG  
4  1 Y 1 G ASP 284 ? OD1 ? A ASP 7  OD1 
5  1 Y 1 G ASP 284 ? OD2 ? A ASP 7  OD2 
6  1 Y 1 G LYS 302 ? CG  ? A LYS 25 CG  
7  1 Y 1 G LYS 302 ? CD  ? A LYS 25 CD  
8  1 Y 1 G LYS 302 ? CE  ? A LYS 25 CE  
9  1 Y 1 G LYS 302 ? NZ  ? A LYS 25 NZ  
10 1 Y 1 G GLN 311 ? CG  ? A GLN 34 CG  
11 1 Y 1 G GLN 311 ? CD  ? A GLN 34 CD  
12 1 Y 1 G GLN 311 ? OE1 ? A GLN 34 OE1 
13 1 Y 1 G GLN 311 ? NE2 ? A GLN 34 NE2 
14 1 Y 1 G LYS 335 ? CG  ? A LYS 58 CG  
15 1 Y 1 G LYS 335 ? CD  ? A LYS 58 CD  
16 1 Y 1 G LYS 335 ? CE  ? A LYS 58 CE  
17 1 Y 1 G LYS 335 ? NZ  ? A LYS 58 NZ  
18 1 Y 1 G GLU 344 ? CG  ? A GLU 67 CG  
19 1 Y 1 G GLU 344 ? CD  ? A GLU 67 CD  
20 1 Y 1 G GLU 344 ? OE1 ? A GLU 67 OE1 
21 1 Y 1 G GLU 344 ? OE2 ? A GLU 67 OE2 
22 1 Y 1 G ARG 361 ? CG  ? A ARG 84 CG  
23 1 Y 1 G ARG 361 ? CD  ? A ARG 84 CD  
24 1 Y 1 G ARG 361 ? NE  ? A ARG 84 NE  
25 1 Y 1 G ARG 361 ? CZ  ? A ARG 84 CZ  
26 1 Y 1 G ARG 361 ? NH1 ? A ARG 84 NH1 
27 1 Y 1 G ARG 361 ? NH2 ? A ARG 84 NH2 
28 1 Y 1 G GLU 365 ? CG  ? A GLU 88 CG  
29 1 Y 1 G GLU 365 ? CD  ? A GLU 88 CD  
30 1 Y 1 G GLU 365 ? OE1 ? A GLU 88 OE1 
31 1 Y 1 G GLU 365 ? OE2 ? A GLU 88 OE2 
32 1 Y 1 G SER 368 ? OG  ? A SER 91 OG  
33 1 Y 1 G VAL 370 ? CG1 ? A VAL 93 CG1 
34 1 Y 1 G VAL 370 ? CG2 ? A VAL 93 CG2 
# 
loop_
_pdbx_unobs_or_zero_occ_residues.id 
_pdbx_unobs_or_zero_occ_residues.PDB_model_num 
_pdbx_unobs_or_zero_occ_residues.polymer_flag 
_pdbx_unobs_or_zero_occ_residues.occupancy_flag 
_pdbx_unobs_or_zero_occ_residues.auth_asym_id 
_pdbx_unobs_or_zero_occ_residues.auth_comp_id 
_pdbx_unobs_or_zero_occ_residues.auth_seq_id 
_pdbx_unobs_or_zero_occ_residues.PDB_ins_code 
_pdbx_unobs_or_zero_occ_residues.label_asym_id 
_pdbx_unobs_or_zero_occ_residues.label_comp_id 
_pdbx_unobs_or_zero_occ_residues.label_seq_id 
1 1 Y 1 G SER 278 ? A SER 1  
2 1 Y 1 G PRO 279 ? A PRO 2  
3 1 Y 1 G THR 371 ? A THR 94 
4 1 Y 1 G ASN 372 ? A ASN 95 
# 
loop_
_chem_comp_atom.comp_id 
_chem_comp_atom.atom_id 
_chem_comp_atom.type_symbol 
_chem_comp_atom.pdbx_aromatic_flag 
_chem_comp_atom.pdbx_stereo_config 
_chem_comp_atom.pdbx_ordinal 
ALA N    N N N 1   
ALA CA   C N S 2   
ALA C    C N N 3   
ALA O    O N N 4   
ALA CB   C N N 5   
ALA OXT  O N N 6   
ALA H    H N N 7   
ALA H2   H N N 8   
ALA HA   H N N 9   
ALA HB1  H N N 10  
ALA HB2  H N N 11  
ALA HB3  H N N 12  
ALA HXT  H N N 13  
ARG N    N N N 14  
ARG CA   C N S 15  
ARG C    C N N 16  
ARG O    O N N 17  
ARG CB   C N N 18  
ARG CG   C N N 19  
ARG CD   C N N 20  
ARG NE   N N N 21  
ARG CZ   C N N 22  
ARG NH1  N N N 23  
ARG NH2  N N N 24  
ARG OXT  O N N 25  
ARG H    H N N 26  
ARG H2   H N N 27  
ARG HA   H N N 28  
ARG HB2  H N N 29  
ARG HB3  H N N 30  
ARG HG2  H N N 31  
ARG HG3  H N N 32  
ARG HD2  H N N 33  
ARG HD3  H N N 34  
ARG HE   H N N 35  
ARG HH11 H N N 36  
ARG HH12 H N N 37  
ARG HH21 H N N 38  
ARG HH22 H N N 39  
ARG HXT  H N N 40  
ASN N    N N N 41  
ASN CA   C N S 42  
ASN C    C N N 43  
ASN O    O N N 44  
ASN CB   C N N 45  
ASN CG   C N N 46  
ASN OD1  O N N 47  
ASN ND2  N N N 48  
ASN OXT  O N N 49  
ASN H    H N N 50  
ASN H2   H N N 51  
ASN HA   H N N 52  
ASN HB2  H N N 53  
ASN HB3  H N N 54  
ASN HD21 H N N 55  
ASN HD22 H N N 56  
ASN HXT  H N N 57  
ASP N    N N N 58  
ASP CA   C N S 59  
ASP C    C N N 60  
ASP O    O N N 61  
ASP CB   C N N 62  
ASP CG   C N N 63  
ASP OD1  O N N 64  
ASP OD2  O N N 65  
ASP OXT  O N N 66  
ASP H    H N N 67  
ASP H2   H N N 68  
ASP HA   H N N 69  
ASP HB2  H N N 70  
ASP HB3  H N N 71  
ASP HD2  H N N 72  
ASP HXT  H N N 73  
CYS N    N N N 74  
CYS CA   C N R 75  
CYS C    C N N 76  
CYS O    O N N 77  
CYS CB   C N N 78  
CYS SG   S N N 79  
CYS OXT  O N N 80  
CYS H    H N N 81  
CYS H2   H N N 82  
CYS HA   H N N 83  
CYS HB2  H N N 84  
CYS HB3  H N N 85  
CYS HG   H N N 86  
CYS HXT  H N N 87  
GLN N    N N N 88  
GLN CA   C N S 89  
GLN C    C N N 90  
GLN O    O N N 91  
GLN CB   C N N 92  
GLN CG   C N N 93  
GLN CD   C N N 94  
GLN OE1  O N N 95  
GLN NE2  N N N 96  
GLN OXT  O N N 97  
GLN H    H N N 98  
GLN H2   H N N 99  
GLN HA   H N N 100 
GLN HB2  H N N 101 
GLN HB3  H N N 102 
GLN HG2  H N N 103 
GLN HG3  H N N 104 
GLN HE21 H N N 105 
GLN HE22 H N N 106 
GLN HXT  H N N 107 
GLU N    N N N 108 
GLU CA   C N S 109 
GLU C    C N N 110 
GLU O    O N N 111 
GLU CB   C N N 112 
GLU CG   C N N 113 
GLU CD   C N N 114 
GLU OE1  O N N 115 
GLU OE2  O N N 116 
GLU OXT  O N N 117 
GLU H    H N N 118 
GLU H2   H N N 119 
GLU HA   H N N 120 
GLU HB2  H N N 121 
GLU HB3  H N N 122 
GLU HG2  H N N 123 
GLU HG3  H N N 124 
GLU HE2  H N N 125 
GLU HXT  H N N 126 
GLY N    N N N 127 
GLY CA   C N N 128 
GLY C    C N N 129 
GLY O    O N N 130 
GLY OXT  O N N 131 
GLY H    H N N 132 
GLY H2   H N N 133 
GLY HA2  H N N 134 
GLY HA3  H N N 135 
GLY HXT  H N N 136 
HIS N    N N N 137 
HIS CA   C N S 138 
HIS C    C N N 139 
HIS O    O N N 140 
HIS CB   C N N 141 
HIS CG   C Y N 142 
HIS ND1  N Y N 143 
HIS CD2  C Y N 144 
HIS CE1  C Y N 145 
HIS NE2  N Y N 146 
HIS OXT  O N N 147 
HIS H    H N N 148 
HIS H2   H N N 149 
HIS HA   H N N 150 
HIS HB2  H N N 151 
HIS HB3  H N N 152 
HIS HD1  H N N 153 
HIS HD2  H N N 154 
HIS HE1  H N N 155 
HIS HE2  H N N 156 
HIS HXT  H N N 157 
HOH O    O N N 158 
HOH H1   H N N 159 
HOH H2   H N N 160 
IHP C1   C N N 161 
IHP C2   C N N 162 
IHP C3   C N N 163 
IHP C4   C N N 164 
IHP C5   C N N 165 
IHP C6   C N N 166 
IHP O11  O N N 167 
IHP P1   P N N 168 
IHP O21  O N N 169 
IHP O31  O N N 170 
IHP O41  O N N 171 
IHP O12  O N N 172 
IHP P2   P N N 173 
IHP O22  O N N 174 
IHP O32  O N N 175 
IHP O42  O N N 176 
IHP O13  O N N 177 
IHP P3   P N N 178 
IHP O23  O N N 179 
IHP O33  O N N 180 
IHP O43  O N N 181 
IHP O14  O N N 182 
IHP P4   P N N 183 
IHP O24  O N N 184 
IHP O34  O N N 185 
IHP O44  O N N 186 
IHP O15  O N N 187 
IHP P5   P N N 188 
IHP O25  O N N 189 
IHP O35  O N N 190 
IHP O45  O N N 191 
IHP O16  O N N 192 
IHP P6   P N N 193 
IHP O26  O N N 194 
IHP O36  O N N 195 
IHP O46  O N N 196 
IHP H1   H N N 197 
IHP H2   H N N 198 
IHP H3   H N N 199 
IHP H4   H N N 200 
IHP H5   H N N 201 
IHP H6   H N N 202 
IHP H31  H N N 203 
IHP H41  H N N 204 
IHP H32  H N N 205 
IHP H42  H N N 206 
IHP H33  H N N 207 
IHP H43  H N N 208 
IHP H34  H N N 209 
IHP H44  H N N 210 
IHP H35  H N N 211 
IHP H45  H N N 212 
IHP H36  H N N 213 
IHP H46  H N N 214 
ILE N    N N N 215 
ILE CA   C N S 216 
ILE C    C N N 217 
ILE O    O N N 218 
ILE CB   C N S 219 
ILE CG1  C N N 220 
ILE CG2  C N N 221 
ILE CD1  C N N 222 
ILE OXT  O N N 223 
ILE H    H N N 224 
ILE H2   H N N 225 
ILE HA   H N N 226 
ILE HB   H N N 227 
ILE HG12 H N N 228 
ILE HG13 H N N 229 
ILE HG21 H N N 230 
ILE HG22 H N N 231 
ILE HG23 H N N 232 
ILE HD11 H N N 233 
ILE HD12 H N N 234 
ILE HD13 H N N 235 
ILE HXT  H N N 236 
LEU N    N N N 237 
LEU CA   C N S 238 
LEU C    C N N 239 
LEU O    O N N 240 
LEU CB   C N N 241 
LEU CG   C N N 242 
LEU CD1  C N N 243 
LEU CD2  C N N 244 
LEU OXT  O N N 245 
LEU H    H N N 246 
LEU H2   H N N 247 
LEU HA   H N N 248 
LEU HB2  H N N 249 
LEU HB3  H N N 250 
LEU HG   H N N 251 
LEU HD11 H N N 252 
LEU HD12 H N N 253 
LEU HD13 H N N 254 
LEU HD21 H N N 255 
LEU HD22 H N N 256 
LEU HD23 H N N 257 
LEU HXT  H N N 258 
LYS N    N N N 259 
LYS CA   C N S 260 
LYS C    C N N 261 
LYS O    O N N 262 
LYS CB   C N N 263 
LYS CG   C N N 264 
LYS CD   C N N 265 
LYS CE   C N N 266 
LYS NZ   N N N 267 
LYS OXT  O N N 268 
LYS H    H N N 269 
LYS H2   H N N 270 
LYS HA   H N N 271 
LYS HB2  H N N 272 
LYS HB3  H N N 273 
LYS HG2  H N N 274 
LYS HG3  H N N 275 
LYS HD2  H N N 276 
LYS HD3  H N N 277 
LYS HE2  H N N 278 
LYS HE3  H N N 279 
LYS HZ1  H N N 280 
LYS HZ2  H N N 281 
LYS HZ3  H N N 282 
LYS HXT  H N N 283 
MET N    N N N 284 
MET CA   C N S 285 
MET C    C N N 286 
MET O    O N N 287 
MET CB   C N N 288 
MET CG   C N N 289 
MET SD   S N N 290 
MET CE   C N N 291 
MET OXT  O N N 292 
MET H    H N N 293 
MET H2   H N N 294 
MET HA   H N N 295 
MET HB2  H N N 296 
MET HB3  H N N 297 
MET HG2  H N N 298 
MET HG3  H N N 299 
MET HE1  H N N 300 
MET HE2  H N N 301 
MET HE3  H N N 302 
MET HXT  H N N 303 
PHE N    N N N 304 
PHE CA   C N S 305 
PHE C    C N N 306 
PHE O    O N N 307 
PHE CB   C N N 308 
PHE CG   C Y N 309 
PHE CD1  C Y N 310 
PHE CD2  C Y N 311 
PHE CE1  C Y N 312 
PHE CE2  C Y N 313 
PHE CZ   C Y N 314 
PHE OXT  O N N 315 
PHE H    H N N 316 
PHE H2   H N N 317 
PHE HA   H N N 318 
PHE HB2  H N N 319 
PHE HB3  H N N 320 
PHE HD1  H N N 321 
PHE HD2  H N N 322 
PHE HE1  H N N 323 
PHE HE2  H N N 324 
PHE HZ   H N N 325 
PHE HXT  H N N 326 
PRO N    N N N 327 
PRO CA   C N S 328 
PRO C    C N N 329 
PRO O    O N N 330 
PRO CB   C N N 331 
PRO CG   C N N 332 
PRO CD   C N N 333 
PRO OXT  O N N 334 
PRO H    H N N 335 
PRO HA   H N N 336 
PRO HB2  H N N 337 
PRO HB3  H N N 338 
PRO HG2  H N N 339 
PRO HG3  H N N 340 
PRO HD2  H N N 341 
PRO HD3  H N N 342 
PRO HXT  H N N 343 
SER N    N N N 344 
SER CA   C N S 345 
SER C    C N N 346 
SER O    O N N 347 
SER CB   C N N 348 
SER OG   O N N 349 
SER OXT  O N N 350 
SER H    H N N 351 
SER H2   H N N 352 
SER HA   H N N 353 
SER HB2  H N N 354 
SER HB3  H N N 355 
SER HG   H N N 356 
SER HXT  H N N 357 
THR N    N N N 358 
THR CA   C N S 359 
THR C    C N N 360 
THR O    O N N 361 
THR CB   C N R 362 
THR OG1  O N N 363 
THR CG2  C N N 364 
THR OXT  O N N 365 
THR H    H N N 366 
THR H2   H N N 367 
THR HA   H N N 368 
THR HB   H N N 369 
THR HG1  H N N 370 
THR HG21 H N N 371 
THR HG22 H N N 372 
THR HG23 H N N 373 
THR HXT  H N N 374 
TRP N    N N N 375 
TRP CA   C N S 376 
TRP C    C N N 377 
TRP O    O N N 378 
TRP CB   C N N 379 
TRP CG   C Y N 380 
TRP CD1  C Y N 381 
TRP CD2  C Y N 382 
TRP NE1  N Y N 383 
TRP CE2  C Y N 384 
TRP CE3  C Y N 385 
TRP CZ2  C Y N 386 
TRP CZ3  C Y N 387 
TRP CH2  C Y N 388 
TRP OXT  O N N 389 
TRP H    H N N 390 
TRP H2   H N N 391 
TRP HA   H N N 392 
TRP HB2  H N N 393 
TRP HB3  H N N 394 
TRP HD1  H N N 395 
TRP HE1  H N N 396 
TRP HE3  H N N 397 
TRP HZ2  H N N 398 
TRP HZ3  H N N 399 
TRP HH2  H N N 400 
TRP HXT  H N N 401 
TYR N    N N N 402 
TYR CA   C N S 403 
TYR C    C N N 404 
TYR O    O N N 405 
TYR CB   C N N 406 
TYR CG   C Y N 407 
TYR CD1  C Y N 408 
TYR CD2  C Y N 409 
TYR CE1  C Y N 410 
TYR CE2  C Y N 411 
TYR CZ   C Y N 412 
TYR OH   O N N 413 
TYR OXT  O N N 414 
TYR H    H N N 415 
TYR H2   H N N 416 
TYR HA   H N N 417 
TYR HB2  H N N 418 
TYR HB3  H N N 419 
TYR HD1  H N N 420 
TYR HD2  H N N 421 
TYR HE1  H N N 422 
TYR HE2  H N N 423 
TYR HH   H N N 424 
TYR HXT  H N N 425 
VAL N    N N N 426 
VAL CA   C N S 427 
VAL C    C N N 428 
VAL O    O N N 429 
VAL CB   C N N 430 
VAL CG1  C N N 431 
VAL CG2  C N N 432 
VAL OXT  O N N 433 
VAL H    H N N 434 
VAL H2   H N N 435 
VAL HA   H N N 436 
VAL HB   H N N 437 
VAL HG11 H N N 438 
VAL HG12 H N N 439 
VAL HG13 H N N 440 
VAL HG21 H N N 441 
VAL HG22 H N N 442 
VAL HG23 H N N 443 
VAL HXT  H N N 444 
# 
loop_
_chem_comp_bond.comp_id 
_chem_comp_bond.atom_id_1 
_chem_comp_bond.atom_id_2 
_chem_comp_bond.value_order 
_chem_comp_bond.pdbx_aromatic_flag 
_chem_comp_bond.pdbx_stereo_config 
_chem_comp_bond.pdbx_ordinal 
ALA N   CA   sing N N 1   
ALA N   H    sing N N 2   
ALA N   H2   sing N N 3   
ALA CA  C    sing N N 4   
ALA CA  CB   sing N N 5   
ALA CA  HA   sing N N 6   
ALA C   O    doub N N 7   
ALA C   OXT  sing N N 8   
ALA CB  HB1  sing N N 9   
ALA CB  HB2  sing N N 10  
ALA CB  HB3  sing N N 11  
ALA OXT HXT  sing N N 12  
ARG N   CA   sing N N 13  
ARG N   H    sing N N 14  
ARG N   H2   sing N N 15  
ARG CA  C    sing N N 16  
ARG CA  CB   sing N N 17  
ARG CA  HA   sing N N 18  
ARG C   O    doub N N 19  
ARG C   OXT  sing N N 20  
ARG CB  CG   sing N N 21  
ARG CB  HB2  sing N N 22  
ARG CB  HB3  sing N N 23  
ARG CG  CD   sing N N 24  
ARG CG  HG2  sing N N 25  
ARG CG  HG3  sing N N 26  
ARG CD  NE   sing N N 27  
ARG CD  HD2  sing N N 28  
ARG CD  HD3  sing N N 29  
ARG NE  CZ   sing N N 30  
ARG NE  HE   sing N N 31  
ARG CZ  NH1  sing N N 32  
ARG CZ  NH2  doub N N 33  
ARG NH1 HH11 sing N N 34  
ARG NH1 HH12 sing N N 35  
ARG NH2 HH21 sing N N 36  
ARG NH2 HH22 sing N N 37  
ARG OXT HXT  sing N N 38  
ASN N   CA   sing N N 39  
ASN N   H    sing N N 40  
ASN N   H2   sing N N 41  
ASN CA  C    sing N N 42  
ASN CA  CB   sing N N 43  
ASN CA  HA   sing N N 44  
ASN C   O    doub N N 45  
ASN C   OXT  sing N N 46  
ASN CB  CG   sing N N 47  
ASN CB  HB2  sing N N 48  
ASN CB  HB3  sing N N 49  
ASN CG  OD1  doub N N 50  
ASN CG  ND2  sing N N 51  
ASN ND2 HD21 sing N N 52  
ASN ND2 HD22 sing N N 53  
ASN OXT HXT  sing N N 54  
ASP N   CA   sing N N 55  
ASP N   H    sing N N 56  
ASP N   H2   sing N N 57  
ASP CA  C    sing N N 58  
ASP CA  CB   sing N N 59  
ASP CA  HA   sing N N 60  
ASP C   O    doub N N 61  
ASP C   OXT  sing N N 62  
ASP CB  CG   sing N N 63  
ASP CB  HB2  sing N N 64  
ASP CB  HB3  sing N N 65  
ASP CG  OD1  doub N N 66  
ASP CG  OD2  sing N N 67  
ASP OD2 HD2  sing N N 68  
ASP OXT HXT  sing N N 69  
CYS N   CA   sing N N 70  
CYS N   H    sing N N 71  
CYS N   H2   sing N N 72  
CYS CA  C    sing N N 73  
CYS CA  CB   sing N N 74  
CYS CA  HA   sing N N 75  
CYS C   O    doub N N 76  
CYS C   OXT  sing N N 77  
CYS CB  SG   sing N N 78  
CYS CB  HB2  sing N N 79  
CYS CB  HB3  sing N N 80  
CYS SG  HG   sing N N 81  
CYS OXT HXT  sing N N 82  
GLN N   CA   sing N N 83  
GLN N   H    sing N N 84  
GLN N   H2   sing N N 85  
GLN CA  C    sing N N 86  
GLN CA  CB   sing N N 87  
GLN CA  HA   sing N N 88  
GLN C   O    doub N N 89  
GLN C   OXT  sing N N 90  
GLN CB  CG   sing N N 91  
GLN CB  HB2  sing N N 92  
GLN CB  HB3  sing N N 93  
GLN CG  CD   sing N N 94  
GLN CG  HG2  sing N N 95  
GLN CG  HG3  sing N N 96  
GLN CD  OE1  doub N N 97  
GLN CD  NE2  sing N N 98  
GLN NE2 HE21 sing N N 99  
GLN NE2 HE22 sing N N 100 
GLN OXT HXT  sing N N 101 
GLU N   CA   sing N N 102 
GLU N   H    sing N N 103 
GLU N   H2   sing N N 104 
GLU CA  C    sing N N 105 
GLU CA  CB   sing N N 106 
GLU CA  HA   sing N N 107 
GLU C   O    doub N N 108 
GLU C   OXT  sing N N 109 
GLU CB  CG   sing N N 110 
GLU CB  HB2  sing N N 111 
GLU CB  HB3  sing N N 112 
GLU CG  CD   sing N N 113 
GLU CG  HG2  sing N N 114 
GLU CG  HG3  sing N N 115 
GLU CD  OE1  doub N N 116 
GLU CD  OE2  sing N N 117 
GLU OE2 HE2  sing N N 118 
GLU OXT HXT  sing N N 119 
GLY N   CA   sing N N 120 
GLY N   H    sing N N 121 
GLY N   H2   sing N N 122 
GLY CA  C    sing N N 123 
GLY CA  HA2  sing N N 124 
GLY CA  HA3  sing N N 125 
GLY C   O    doub N N 126 
GLY C   OXT  sing N N 127 
GLY OXT HXT  sing N N 128 
HIS N   CA   sing N N 129 
HIS N   H    sing N N 130 
HIS N   H2   sing N N 131 
HIS CA  C    sing N N 132 
HIS CA  CB   sing N N 133 
HIS CA  HA   sing N N 134 
HIS C   O    doub N N 135 
HIS C   OXT  sing N N 136 
HIS CB  CG   sing N N 137 
HIS CB  HB2  sing N N 138 
HIS CB  HB3  sing N N 139 
HIS CG  ND1  sing Y N 140 
HIS CG  CD2  doub Y N 141 
HIS ND1 CE1  doub Y N 142 
HIS ND1 HD1  sing N N 143 
HIS CD2 NE2  sing Y N 144 
HIS CD2 HD2  sing N N 145 
HIS CE1 NE2  sing Y N 146 
HIS CE1 HE1  sing N N 147 
HIS NE2 HE2  sing N N 148 
HIS OXT HXT  sing N N 149 
HOH O   H1   sing N N 150 
HOH O   H2   sing N N 151 
IHP C1  C2   sing N N 152 
IHP C1  C6   sing N N 153 
IHP C1  O11  sing N N 154 
IHP C1  H1   sing N N 155 
IHP C2  C3   sing N N 156 
IHP C2  O12  sing N N 157 
IHP C2  H2   sing N N 158 
IHP C3  C4   sing N N 159 
IHP C3  O13  sing N N 160 
IHP C3  H3   sing N N 161 
IHP C4  C5   sing N N 162 
IHP C4  O14  sing N N 163 
IHP C4  H4   sing N N 164 
IHP C5  C6   sing N N 165 
IHP C5  O15  sing N N 166 
IHP C5  H5   sing N N 167 
IHP C6  O16  sing N N 168 
IHP C6  H6   sing N N 169 
IHP O11 P1   sing N N 170 
IHP P1  O21  doub N N 171 
IHP P1  O31  sing N N 172 
IHP P1  O41  sing N N 173 
IHP O31 H31  sing N N 174 
IHP O41 H41  sing N N 175 
IHP O12 P2   sing N N 176 
IHP P2  O22  doub N N 177 
IHP P2  O32  sing N N 178 
IHP P2  O42  sing N N 179 
IHP O32 H32  sing N N 180 
IHP O42 H42  sing N N 181 
IHP O13 P3   sing N N 182 
IHP P3  O23  doub N N 183 
IHP P3  O33  sing N N 184 
IHP P3  O43  sing N N 185 
IHP O33 H33  sing N N 186 
IHP O43 H43  sing N N 187 
IHP O14 P4   sing N N 188 
IHP P4  O24  doub N N 189 
IHP P4  O34  sing N N 190 
IHP P4  O44  sing N N 191 
IHP O34 H34  sing N N 192 
IHP O44 H44  sing N N 193 
IHP O15 P5   sing N N 194 
IHP P5  O25  doub N N 195 
IHP P5  O35  sing N N 196 
IHP P5  O45  sing N N 197 
IHP O35 H35  sing N N 198 
IHP O45 H45  sing N N 199 
IHP O16 P6   sing N N 200 
IHP P6  O26  doub N N 201 
IHP P6  O36  sing N N 202 
IHP P6  O46  sing N N 203 
IHP O36 H36  sing N N 204 
IHP O46 H46  sing N N 205 
ILE N   CA   sing N N 206 
ILE N   H    sing N N 207 
ILE N   H2   sing N N 208 
ILE CA  C    sing N N 209 
ILE CA  CB   sing N N 210 
ILE CA  HA   sing N N 211 
ILE C   O    doub N N 212 
ILE C   OXT  sing N N 213 
ILE CB  CG1  sing N N 214 
ILE CB  CG2  sing N N 215 
ILE CB  HB   sing N N 216 
ILE CG1 CD1  sing N N 217 
ILE CG1 HG12 sing N N 218 
ILE CG1 HG13 sing N N 219 
ILE CG2 HG21 sing N N 220 
ILE CG2 HG22 sing N N 221 
ILE CG2 HG23 sing N N 222 
ILE CD1 HD11 sing N N 223 
ILE CD1 HD12 sing N N 224 
ILE CD1 HD13 sing N N 225 
ILE OXT HXT  sing N N 226 
LEU N   CA   sing N N 227 
LEU N   H    sing N N 228 
LEU N   H2   sing N N 229 
LEU CA  C    sing N N 230 
LEU CA  CB   sing N N 231 
LEU CA  HA   sing N N 232 
LEU C   O    doub N N 233 
LEU C   OXT  sing N N 234 
LEU CB  CG   sing N N 235 
LEU CB  HB2  sing N N 236 
LEU CB  HB3  sing N N 237 
LEU CG  CD1  sing N N 238 
LEU CG  CD2  sing N N 239 
LEU CG  HG   sing N N 240 
LEU CD1 HD11 sing N N 241 
LEU CD1 HD12 sing N N 242 
LEU CD1 HD13 sing N N 243 
LEU CD2 HD21 sing N N 244 
LEU CD2 HD22 sing N N 245 
LEU CD2 HD23 sing N N 246 
LEU OXT HXT  sing N N 247 
LYS N   CA   sing N N 248 
LYS N   H    sing N N 249 
LYS N   H2   sing N N 250 
LYS CA  C    sing N N 251 
LYS CA  CB   sing N N 252 
LYS CA  HA   sing N N 253 
LYS C   O    doub N N 254 
LYS C   OXT  sing N N 255 
LYS CB  CG   sing N N 256 
LYS CB  HB2  sing N N 257 
LYS CB  HB3  sing N N 258 
LYS CG  CD   sing N N 259 
LYS CG  HG2  sing N N 260 
LYS CG  HG3  sing N N 261 
LYS CD  CE   sing N N 262 
LYS CD  HD2  sing N N 263 
LYS CD  HD3  sing N N 264 
LYS CE  NZ   sing N N 265 
LYS CE  HE2  sing N N 266 
LYS CE  HE3  sing N N 267 
LYS NZ  HZ1  sing N N 268 
LYS NZ  HZ2  sing N N 269 
LYS NZ  HZ3  sing N N 270 
LYS OXT HXT  sing N N 271 
MET N   CA   sing N N 272 
MET N   H    sing N N 273 
MET N   H2   sing N N 274 
MET CA  C    sing N N 275 
MET CA  CB   sing N N 276 
MET CA  HA   sing N N 277 
MET C   O    doub N N 278 
MET C   OXT  sing N N 279 
MET CB  CG   sing N N 280 
MET CB  HB2  sing N N 281 
MET CB  HB3  sing N N 282 
MET CG  SD   sing N N 283 
MET CG  HG2  sing N N 284 
MET CG  HG3  sing N N 285 
MET SD  CE   sing N N 286 
MET CE  HE1  sing N N 287 
MET CE  HE2  sing N N 288 
MET CE  HE3  sing N N 289 
MET OXT HXT  sing N N 290 
PHE N   CA   sing N N 291 
PHE N   H    sing N N 292 
PHE N   H2   sing N N 293 
PHE CA  C    sing N N 294 
PHE CA  CB   sing N N 295 
PHE CA  HA   sing N N 296 
PHE C   O    doub N N 297 
PHE C   OXT  sing N N 298 
PHE CB  CG   sing N N 299 
PHE CB  HB2  sing N N 300 
PHE CB  HB3  sing N N 301 
PHE CG  CD1  doub Y N 302 
PHE CG  CD2  sing Y N 303 
PHE CD1 CE1  sing Y N 304 
PHE CD1 HD1  sing N N 305 
PHE CD2 CE2  doub Y N 306 
PHE CD2 HD2  sing N N 307 
PHE CE1 CZ   doub Y N 308 
PHE CE1 HE1  sing N N 309 
PHE CE2 CZ   sing Y N 310 
PHE CE2 HE2  sing N N 311 
PHE CZ  HZ   sing N N 312 
PHE OXT HXT  sing N N 313 
PRO N   CA   sing N N 314 
PRO N   CD   sing N N 315 
PRO N   H    sing N N 316 
PRO CA  C    sing N N 317 
PRO CA  CB   sing N N 318 
PRO CA  HA   sing N N 319 
PRO C   O    doub N N 320 
PRO C   OXT  sing N N 321 
PRO CB  CG   sing N N 322 
PRO CB  HB2  sing N N 323 
PRO CB  HB3  sing N N 324 
PRO CG  CD   sing N N 325 
PRO CG  HG2  sing N N 326 
PRO CG  HG3  sing N N 327 
PRO CD  HD2  sing N N 328 
PRO CD  HD3  sing N N 329 
PRO OXT HXT  sing N N 330 
SER N   CA   sing N N 331 
SER N   H    sing N N 332 
SER N   H2   sing N N 333 
SER CA  C    sing N N 334 
SER CA  CB   sing N N 335 
SER CA  HA   sing N N 336 
SER C   O    doub N N 337 
SER C   OXT  sing N N 338 
SER CB  OG   sing N N 339 
SER CB  HB2  sing N N 340 
SER CB  HB3  sing N N 341 
SER OG  HG   sing N N 342 
SER OXT HXT  sing N N 343 
THR N   CA   sing N N 344 
THR N   H    sing N N 345 
THR N   H2   sing N N 346 
THR CA  C    sing N N 347 
THR CA  CB   sing N N 348 
THR CA  HA   sing N N 349 
THR C   O    doub N N 350 
THR C   OXT  sing N N 351 
THR CB  OG1  sing N N 352 
THR CB  CG2  sing N N 353 
THR CB  HB   sing N N 354 
THR OG1 HG1  sing N N 355 
THR CG2 HG21 sing N N 356 
THR CG2 HG22 sing N N 357 
THR CG2 HG23 sing N N 358 
THR OXT HXT  sing N N 359 
TRP N   CA   sing N N 360 
TRP N   H    sing N N 361 
TRP N   H2   sing N N 362 
TRP CA  C    sing N N 363 
TRP CA  CB   sing N N 364 
TRP CA  HA   sing N N 365 
TRP C   O    doub N N 366 
TRP C   OXT  sing N N 367 
TRP CB  CG   sing N N 368 
TRP CB  HB2  sing N N 369 
TRP CB  HB3  sing N N 370 
TRP CG  CD1  doub Y N 371 
TRP CG  CD2  sing Y N 372 
TRP CD1 NE1  sing Y N 373 
TRP CD1 HD1  sing N N 374 
TRP CD2 CE2  doub Y N 375 
TRP CD2 CE3  sing Y N 376 
TRP NE1 CE2  sing Y N 377 
TRP NE1 HE1  sing N N 378 
TRP CE2 CZ2  sing Y N 379 
TRP CE3 CZ3  doub Y N 380 
TRP CE3 HE3  sing N N 381 
TRP CZ2 CH2  doub Y N 382 
TRP CZ2 HZ2  sing N N 383 
TRP CZ3 CH2  sing Y N 384 
TRP CZ3 HZ3  sing N N 385 
TRP CH2 HH2  sing N N 386 
TRP OXT HXT  sing N N 387 
TYR N   CA   sing N N 388 
TYR N   H    sing N N 389 
TYR N   H2   sing N N 390 
TYR CA  C    sing N N 391 
TYR CA  CB   sing N N 392 
TYR CA  HA   sing N N 393 
TYR C   O    doub N N 394 
TYR C   OXT  sing N N 395 
TYR CB  CG   sing N N 396 
TYR CB  HB2  sing N N 397 
TYR CB  HB3  sing N N 398 
TYR CG  CD1  doub Y N 399 
TYR CG  CD2  sing Y N 400 
TYR CD1 CE1  sing Y N 401 
TYR CD1 HD1  sing N N 402 
TYR CD2 CE2  doub Y N 403 
TYR CD2 HD2  sing N N 404 
TYR CE1 CZ   doub Y N 405 
TYR CE1 HE1  sing N N 406 
TYR CE2 CZ   sing Y N 407 
TYR CE2 HE2  sing N N 408 
TYR CZ  OH   sing N N 409 
TYR OH  HH   sing N N 410 
TYR OXT HXT  sing N N 411 
VAL N   CA   sing N N 412 
VAL N   H    sing N N 413 
VAL N   H2   sing N N 414 
VAL CA  C    sing N N 415 
VAL CA  CB   sing N N 416 
VAL CA  HA   sing N N 417 
VAL C   O    doub N N 418 
VAL C   OXT  sing N N 419 
VAL CB  CG1  sing N N 420 
VAL CB  CG2  sing N N 421 
VAL CB  HB   sing N N 422 
VAL CG1 HG11 sing N N 423 
VAL CG1 HG12 sing N N 424 
VAL CG1 HG13 sing N N 425 
VAL CG2 HG21 sing N N 426 
VAL CG2 HG22 sing N N 427 
VAL CG2 HG23 sing N N 428 
VAL OXT HXT  sing N N 429 
# 
loop_
_pdbx_audit_support.funding_organization 
_pdbx_audit_support.country 
_pdbx_audit_support.grant_number 
_pdbx_audit_support.ordinal 
'National Institutes of Health/National Institute Of Allergy and Infectious Diseases (NIH/NIAID)' 'United States' R01-AI129678 1 
'National Institutes of Health/National Institute of General Medical Sciences (NIH/NIGMS)'        'United States' U54-GM103297 2 
# 
loop_
_pdbx_entity_nonpoly.entity_id 
_pdbx_entity_nonpoly.name 
_pdbx_entity_nonpoly.comp_id 
2 'INOSITOL HEXAKISPHOSPHATE' IHP 
3 water                       HOH 
# 
_pdbx_initial_refinement_model.id               1 
_pdbx_initial_refinement_model.entity_id_list   ? 
_pdbx_initial_refinement_model.type             'experimental model' 
_pdbx_initial_refinement_model.source_name      PDB 
_pdbx_initial_refinement_model.accession_code   5I4T 
_pdbx_initial_refinement_model.details          ? 
# 
_pdbx_struct_assembly_auth_evidence.id                     1 
_pdbx_struct_assembly_auth_evidence.assembly_id            1 
_pdbx_struct_assembly_auth_evidence.experimental_support   none 
_pdbx_struct_assembly_auth_evidence.details                'Generated by symmetry operation.' 
# 
